data_4G80
#
_entry.id   4G80
#
_cell.length_a   77.290
_cell.length_b   94.240
_cell.length_c   193.950
_cell.angle_alpha   102.63
_cell.angle_beta   93.45
_cell.angle_gamma   105.25
#
_symmetry.space_group_name_H-M   'P 1'
#
loop_
_entity.id
_entity.type
_entity.pdbx_description
1 polymer 'Voltage-sensor containing phosphatase'
2 polymer 'fragment antibody heavy chain'
3 polymer 'fragment antibody light chain'
#
loop_
_entity_poly.entity_id
_entity_poly.type
_entity_poly.pdbx_seq_one_letter_code
_entity_poly.pdbx_strand_id
1 'polypeptide(L)'
;MRGSHHHHHHGENLYFQFRVRAVIDHLGMRVFGVFLIFLDIILMIIDLSLPGKSESSQSFYDGMALALSCYFMLDLGLRI
FAYGPKNFFTNPWEVADGLIIVVTFVVTIFYTVLDEYVQETGADGLGRLVVLARLLRVVRLARIFYSHQQMKASS
;
S,T,I,J
2 'polypeptide(L)'
;EVQLVESGGGLVQPGGSLRLSCAASGFNVYYSSIHWVRQAPGKGLEWVAYISPSSGSTYYADSVKGRFTISADTSKNTAY
LQMNSLRAEDTAVYYCARKQYSYWRDSYWAMDYWGQGTLVTVSSASTKGPSVFPLAPSSKSTSGGTAALGCLVKDYFPEP
VTVSWNSGALTSGVHTFPAVLQSSGLYSLSSVVTVPSSSLGTQTYICNVNHKPSNTKVDKKVEP
;
A,C,E,G
3 'polypeptide(L)'
;DIQMTQSPSSLSASVGDRVTITCRASQSVSSAVAWYQQKPGKAPKLLIYSASSLYSGVPSRFSGSGSGTDFTLTISSLQP
EDFATYYCQQHQYNSLIFGQGTKVEIKRTVAAPSVFIFPPSDEQLKSGTASVVCLLNNFYPREAKVQWKVDNALQAGNSQ
ESVTEQDSKDSTYSLSSTLTLSKADYEKHKVYACEVTHQGLSSPVTKSFNR
;
B,D,F,H
#
# COMPACT_ATOMS: atom_id res chain seq x y z
N GLN A 17 -46.07 77.92 -1.19
CA GLN A 17 -47.45 77.75 -1.71
C GLN A 17 -47.45 77.41 -3.19
N PHE A 18 -47.91 78.35 -4.01
CA PHE A 18 -48.01 78.13 -5.46
C PHE A 18 -47.03 79.02 -6.22
N ARG A 19 -45.91 79.36 -5.59
CA ARG A 19 -44.88 80.19 -6.22
C ARG A 19 -44.09 79.40 -7.25
N VAL A 20 -43.84 78.13 -6.96
CA VAL A 20 -43.16 77.25 -7.90
C VAL A 20 -44.08 76.82 -9.04
N ARG A 21 -45.38 76.90 -8.80
CA ARG A 21 -46.38 76.58 -9.81
C ARG A 21 -46.29 77.52 -11.02
N ALA A 22 -45.87 78.75 -10.77
CA ALA A 22 -45.69 79.74 -11.83
C ALA A 22 -44.56 79.34 -12.78
N VAL A 23 -43.68 78.45 -12.31
CA VAL A 23 -42.52 78.04 -13.09
C VAL A 23 -42.73 76.67 -13.74
N ILE A 24 -43.42 75.77 -13.05
CA ILE A 24 -43.50 74.37 -13.47
C ILE A 24 -44.52 74.13 -14.58
N ASP A 25 -45.68 74.76 -14.48
CA ASP A 25 -46.75 74.57 -15.45
C ASP A 25 -46.55 75.44 -16.70
N HIS A 26 -45.41 76.12 -16.75
CA HIS A 26 -44.99 76.82 -17.96
C HIS A 26 -44.98 75.88 -19.15
N LEU A 27 -45.45 76.38 -20.29
CA LEU A 27 -45.68 75.53 -21.46
C LEU A 27 -44.38 75.10 -22.14
N GLY A 28 -43.26 75.63 -21.65
CA GLY A 28 -41.95 75.18 -22.09
C GLY A 28 -41.44 73.99 -21.28
N MET A 29 -42.14 73.68 -20.20
CA MET A 29 -41.77 72.57 -19.33
C MET A 29 -42.59 71.33 -19.64
N ARG A 30 -43.84 71.54 -20.05
CA ARG A 30 -44.76 70.43 -20.31
C ARG A 30 -44.45 69.74 -21.63
N VAL A 31 -44.04 70.52 -22.63
CA VAL A 31 -43.54 69.96 -23.89
C VAL A 31 -42.30 69.11 -23.65
N PHE A 32 -41.47 69.54 -22.69
CA PHE A 32 -40.29 68.78 -22.29
C PHE A 32 -40.69 67.52 -21.53
N GLY A 33 -41.74 67.62 -20.72
CA GLY A 33 -42.23 66.49 -19.95
C GLY A 33 -42.78 65.39 -20.82
N VAL A 34 -43.62 65.76 -21.78
CA VAL A 34 -44.15 64.80 -22.76
C VAL A 34 -43.07 64.32 -23.71
N PHE A 35 -42.11 65.18 -24.00
CA PHE A 35 -40.92 64.79 -24.75
C PHE A 35 -40.18 63.65 -24.05
N LEU A 36 -40.18 63.71 -22.72
CA LEU A 36 -39.56 62.66 -21.91
C LEU A 36 -40.39 61.38 -21.92
N ILE A 37 -41.72 61.53 -21.95
CA ILE A 37 -42.61 60.38 -22.07
C ILE A 37 -42.36 59.63 -23.37
N PHE A 38 -41.99 60.37 -24.42
CA PHE A 38 -41.65 59.76 -25.70
C PHE A 38 -40.22 59.23 -25.70
N LEU A 39 -39.30 60.01 -25.13
CA LEU A 39 -37.90 59.60 -25.07
C LEU A 39 -37.71 58.30 -24.31
N ASP A 40 -38.43 58.17 -23.20
CA ASP A 40 -38.39 56.95 -22.40
C ASP A 40 -38.76 55.72 -23.24
N ILE A 41 -39.80 55.84 -24.05
CA ILE A 41 -40.26 54.73 -24.88
C ILE A 41 -39.34 54.48 -26.07
N ILE A 42 -38.73 55.54 -26.59
CA ILE A 42 -37.65 55.39 -27.57
C ILE A 42 -36.52 54.52 -27.02
N LEU A 43 -35.90 54.96 -25.94
CA LEU A 43 -34.75 54.27 -25.36
C LEU A 43 -35.10 52.85 -24.96
N MET A 44 -36.25 52.69 -24.32
CA MET A 44 -36.72 51.39 -23.89
C MET A 44 -37.00 50.47 -25.09
N ILE A 45 -37.25 51.06 -26.25
CA ILE A 45 -37.51 50.28 -27.45
C ILE A 45 -36.21 49.87 -28.14
N ILE A 46 -35.24 50.77 -28.16
CA ILE A 46 -33.90 50.42 -28.65
C ILE A 46 -33.25 49.38 -27.74
N ASP A 47 -33.61 49.41 -26.46
CA ASP A 47 -33.17 48.42 -25.51
C ASP A 47 -33.57 47.02 -25.96
N LEU A 48 -34.87 46.82 -26.17
CA LEU A 48 -35.40 45.50 -26.48
C LEU A 48 -35.23 45.16 -27.96
N SER A 49 -34.71 46.12 -28.72
CA SER A 49 -34.40 45.88 -30.13
C SER A 49 -32.95 45.46 -30.30
N LEU A 50 -32.21 45.44 -29.19
CA LEU A 50 -30.82 45.00 -29.21
C LEU A 50 -30.57 43.94 -28.14
N PRO A 51 -31.18 42.75 -28.29
CA PRO A 51 -30.95 41.68 -27.33
C PRO A 51 -29.51 41.16 -27.39
N GLY A 52 -28.84 41.13 -26.24
CA GLY A 52 -27.43 40.76 -26.19
C GLY A 52 -26.52 41.90 -26.62
N LYS A 53 -26.41 42.92 -25.77
CA LYS A 53 -25.48 44.01 -26.01
C LYS A 53 -24.43 44.05 -24.92
N SER A 54 -23.59 45.09 -24.95
CA SER A 54 -22.53 45.24 -23.96
C SER A 54 -23.09 45.36 -22.54
N GLU A 55 -22.25 45.04 -21.56
CA GLU A 55 -22.66 45.10 -20.15
C GLU A 55 -22.77 46.55 -19.66
N SER A 56 -21.88 47.41 -20.14
CA SER A 56 -21.96 48.83 -19.84
C SER A 56 -23.06 49.51 -20.66
N SER A 57 -23.44 48.88 -21.77
CA SER A 57 -24.49 49.40 -22.63
C SER A 57 -25.88 49.16 -22.02
N GLN A 58 -26.04 48.02 -21.37
CA GLN A 58 -27.27 47.73 -20.63
C GLN A 58 -27.22 48.35 -19.24
N SER A 59 -26.43 49.42 -19.11
CA SER A 59 -26.30 50.10 -17.84
C SER A 59 -26.89 51.51 -17.91
N PHE A 60 -26.70 52.18 -19.03
CA PHE A 60 -27.20 53.54 -19.20
C PHE A 60 -28.58 53.57 -19.83
N TYR A 61 -28.94 52.49 -20.52
CA TYR A 61 -30.33 52.26 -20.91
C TYR A 61 -31.22 52.10 -19.70
N ASP A 62 -30.75 51.32 -18.72
CA ASP A 62 -31.42 51.20 -17.43
C ASP A 62 -31.14 52.43 -16.57
N GLY A 63 -30.05 53.12 -16.87
CA GLY A 63 -29.75 54.40 -16.23
C GLY A 63 -30.85 55.42 -16.47
N MET A 64 -31.23 55.58 -17.74
CA MET A 64 -32.31 56.48 -18.11
C MET A 64 -33.67 55.91 -17.72
N ALA A 65 -33.84 54.61 -17.88
CA ALA A 65 -35.08 53.94 -17.52
C ALA A 65 -35.43 54.16 -16.04
N LEU A 66 -34.41 54.45 -15.23
CA LEU A 66 -34.65 54.83 -13.84
C LEU A 66 -34.69 56.34 -13.69
N ALA A 67 -33.82 57.02 -14.41
CA ALA A 67 -33.72 58.48 -14.34
C ALA A 67 -35.04 59.13 -14.80
N LEU A 68 -35.62 58.56 -15.85
CA LEU A 68 -36.87 59.08 -16.40
C LEU A 68 -38.09 58.53 -15.66
N SER A 69 -37.85 57.61 -14.73
CA SER A 69 -38.92 57.13 -13.85
C SER A 69 -38.92 57.87 -12.51
N CYS A 70 -37.82 58.55 -12.22
CA CYS A 70 -37.72 59.37 -11.02
C CYS A 70 -38.15 60.80 -11.30
N TYR A 71 -37.95 61.24 -12.53
CA TYR A 71 -38.41 62.55 -12.97
C TYR A 71 -39.94 62.64 -12.94
N PHE A 72 -40.59 61.56 -13.33
CA PHE A 72 -42.05 61.51 -13.36
C PHE A 72 -42.62 61.24 -11.97
N MET A 73 -41.75 60.97 -11.01
CA MET A 73 -42.16 60.88 -9.62
C MET A 73 -41.97 62.21 -8.90
N LEU A 74 -40.95 62.96 -9.31
CA LEU A 74 -40.74 64.30 -8.81
C LEU A 74 -41.72 65.29 -9.45
N ASP A 75 -42.03 65.05 -10.72
CA ASP A 75 -43.04 65.86 -11.41
C ASP A 75 -44.42 65.62 -10.82
N LEU A 76 -44.73 64.37 -10.49
CA LEU A 76 -45.99 64.03 -9.83
C LEU A 76 -45.97 64.42 -8.36
N GLY A 77 -44.78 64.68 -7.83
CA GLY A 77 -44.65 65.22 -6.48
C GLY A 77 -44.85 66.72 -6.42
N LEU A 78 -44.63 67.39 -7.55
CA LEU A 78 -44.81 68.84 -7.64
C LEU A 78 -46.22 69.20 -8.09
N ARG A 79 -46.89 68.26 -8.75
CA ARG A 79 -48.27 68.44 -9.17
C ARG A 79 -49.25 67.98 -8.09
N ILE A 80 -48.82 68.07 -6.84
CA ILE A 80 -49.68 67.80 -5.69
C ILE A 80 -49.52 68.89 -4.64
N PHE A 81 -48.29 69.35 -4.45
CA PHE A 81 -47.98 70.38 -3.48
C PHE A 81 -48.35 71.77 -4.00
N ALA A 82 -48.23 71.94 -5.32
CA ALA A 82 -48.49 73.24 -5.94
C ALA A 82 -49.67 73.17 -6.91
N TYR A 83 -50.60 72.27 -6.65
CA TYR A 83 -51.76 72.08 -7.51
C TYR A 83 -53.01 71.78 -6.71
N GLY A 84 -52.83 71.23 -5.51
CA GLY A 84 -53.96 70.89 -4.64
C GLY A 84 -54.26 69.40 -4.64
N PRO A 85 -54.15 68.77 -3.46
CA PRO A 85 -54.30 67.32 -3.32
C PRO A 85 -55.75 66.87 -3.49
N LYS A 86 -56.67 67.82 -3.48
CA LYS A 86 -58.09 67.51 -3.55
C LYS A 86 -58.60 67.56 -4.99
N ASN A 87 -57.75 68.00 -5.91
CA ASN A 87 -58.09 68.05 -7.32
C ASN A 87 -57.92 66.70 -8.00
N PHE A 88 -57.34 65.74 -7.28
CA PHE A 88 -57.07 64.41 -7.82
C PHE A 88 -58.16 63.42 -7.45
N PHE A 89 -58.77 63.61 -6.28
CA PHE A 89 -59.72 62.65 -5.75
C PHE A 89 -60.89 62.39 -6.71
N THR A 90 -61.55 63.47 -7.13
CA THR A 90 -62.67 63.35 -8.06
C THR A 90 -62.22 63.45 -9.52
N ASN A 91 -60.96 63.11 -9.75
CA ASN A 91 -60.39 63.14 -11.10
C ASN A 91 -59.84 61.78 -11.51
N PRO A 92 -60.65 60.97 -12.21
CA PRO A 92 -60.27 59.61 -12.58
C PRO A 92 -59.14 59.57 -13.61
N TRP A 93 -58.89 60.70 -14.27
CA TRP A 93 -57.81 60.79 -15.25
C TRP A 93 -56.53 61.25 -14.63
N GLU A 94 -56.47 61.19 -13.30
CA GLU A 94 -55.28 61.61 -12.55
C GLU A 94 -54.99 60.64 -11.41
N VAL A 95 -56.01 59.86 -11.03
CA VAL A 95 -55.84 58.79 -10.06
C VAL A 95 -55.15 57.59 -10.70
N ALA A 96 -55.67 57.16 -11.84
CA ALA A 96 -55.12 56.02 -12.55
C ALA A 96 -53.74 56.34 -13.11
N ASP A 97 -53.51 57.60 -13.43
CA ASP A 97 -52.23 58.03 -13.98
C ASP A 97 -51.13 58.08 -12.93
N GLY A 98 -51.43 58.67 -11.78
CA GLY A 98 -50.53 58.63 -10.64
C GLY A 98 -50.28 57.22 -10.14
N LEU A 99 -51.32 56.39 -10.18
CA LEU A 99 -51.20 54.98 -9.82
C LEU A 99 -50.26 54.24 -10.78
N ILE A 100 -50.33 54.59 -12.06
CA ILE A 100 -49.43 54.04 -13.06
C ILE A 100 -47.98 54.47 -12.82
N ILE A 101 -47.78 55.74 -12.50
CA ILE A 101 -46.44 56.26 -12.21
C ILE A 101 -45.81 55.58 -10.99
N VAL A 102 -46.62 55.38 -9.95
CA VAL A 102 -46.16 54.69 -8.74
C VAL A 102 -45.79 53.24 -9.04
N VAL A 103 -46.69 52.52 -9.70
CA VAL A 103 -46.46 51.12 -10.07
C VAL A 103 -45.20 50.97 -10.93
N THR A 104 -45.06 51.85 -11.92
CA THR A 104 -43.90 51.84 -12.80
C THR A 104 -42.60 52.11 -12.03
N PHE A 105 -42.66 53.08 -11.11
CA PHE A 105 -41.49 53.43 -10.31
C PHE A 105 -41.05 52.30 -9.39
N VAL A 106 -42.02 51.64 -8.76
CA VAL A 106 -41.74 50.51 -7.88
C VAL A 106 -41.13 49.32 -8.64
N VAL A 107 -41.77 48.94 -9.74
CA VAL A 107 -41.29 47.82 -10.54
C VAL A 107 -39.94 48.12 -11.18
N THR A 108 -39.70 49.36 -11.55
CA THR A 108 -38.41 49.76 -12.09
C THR A 108 -37.32 49.76 -11.03
N ILE A 109 -37.64 50.25 -9.84
CA ILE A 109 -36.65 50.32 -8.75
C ILE A 109 -36.30 48.92 -8.24
N PHE A 110 -37.26 48.00 -8.31
CA PHE A 110 -36.97 46.59 -8.11
C PHE A 110 -36.05 46.06 -9.20
N TYR A 111 -36.55 46.05 -10.43
CA TYR A 111 -35.83 45.44 -11.54
C TYR A 111 -34.41 45.98 -11.71
N THR A 112 -34.19 47.23 -11.34
CA THR A 112 -32.89 47.85 -11.53
C THR A 112 -32.00 47.78 -10.28
N VAL A 113 -32.53 48.27 -9.16
CA VAL A 113 -31.72 48.41 -7.96
C VAL A 113 -31.83 47.20 -7.03
N LEU A 114 -33.05 46.84 -6.65
CA LEU A 114 -33.27 45.81 -5.65
C LEU A 114 -33.31 44.43 -6.29
N ASP A 115 -32.14 43.82 -6.44
CA ASP A 115 -32.04 42.45 -6.92
C ASP A 115 -31.95 41.45 -5.77
N GLU A 116 -32.14 41.94 -4.55
CA GLU A 116 -32.30 41.09 -3.37
C GLU A 116 -33.44 40.11 -3.56
N TYR A 117 -34.37 40.47 -4.44
CA TYR A 117 -35.48 39.59 -4.78
C TYR A 117 -34.99 38.39 -5.57
N VAL A 118 -34.92 37.24 -4.92
CA VAL A 118 -34.56 35.98 -5.58
C VAL A 118 -35.55 34.87 -5.25
N GLN A 119 -36.79 35.26 -4.95
CA GLN A 119 -37.87 34.29 -4.69
C GLN A 119 -38.63 33.96 -5.96
N GLU A 120 -39.30 32.81 -5.97
CA GLU A 120 -39.95 32.30 -7.17
C GLU A 120 -41.14 33.15 -7.59
N THR A 121 -41.30 33.31 -8.91
CA THR A 121 -42.43 34.06 -9.46
C THR A 121 -42.74 33.57 -10.88
N GLY A 122 -41.90 32.67 -11.38
CA GLY A 122 -42.02 32.20 -12.76
C GLY A 122 -41.81 33.31 -13.77
N ALA A 123 -40.83 34.17 -13.51
CA ALA A 123 -40.64 35.38 -14.30
C ALA A 123 -41.92 36.22 -14.36
N ASP A 124 -42.05 37.14 -13.41
CA ASP A 124 -43.29 37.93 -13.28
C ASP A 124 -43.53 38.84 -14.48
N GLY A 125 -44.80 38.97 -14.87
CA GLY A 125 -45.18 39.79 -16.00
C GLY A 125 -45.19 41.26 -15.68
N LEU A 126 -44.76 41.62 -14.47
CA LEU A 126 -44.73 43.02 -14.03
C LEU A 126 -43.70 43.83 -14.81
N GLY A 127 -42.60 43.18 -15.19
CA GLY A 127 -41.63 43.78 -16.10
C GLY A 127 -42.24 44.02 -17.47
N ARG A 128 -43.33 43.33 -17.77
CA ARG A 128 -44.04 43.52 -19.04
C ARG A 128 -45.22 44.48 -18.87
N LEU A 129 -46.00 44.29 -17.81
CA LEU A 129 -47.16 45.13 -17.56
C LEU A 129 -46.77 46.59 -17.40
N VAL A 130 -45.55 46.83 -16.94
CA VAL A 130 -45.06 48.19 -16.75
C VAL A 130 -44.60 48.78 -18.08
N VAL A 131 -44.04 47.94 -18.93
CA VAL A 131 -43.71 48.35 -20.28
C VAL A 131 -44.96 48.65 -21.08
N LEU A 132 -46.04 47.92 -20.80
CA LEU A 132 -47.33 48.18 -21.42
C LEU A 132 -47.98 49.44 -20.86
N ALA A 133 -47.89 49.60 -19.55
CA ALA A 133 -48.54 50.72 -18.87
C ALA A 133 -47.85 52.05 -19.21
N ARG A 134 -46.68 51.97 -19.84
CA ARG A 134 -45.98 53.16 -20.30
C ARG A 134 -46.49 53.63 -21.66
N LEU A 135 -47.35 52.82 -22.27
CA LEU A 135 -48.07 53.23 -23.47
C LEU A 135 -49.35 53.98 -23.13
N LEU A 136 -49.97 53.60 -22.00
CA LEU A 136 -51.24 54.19 -21.59
C LEU A 136 -51.08 55.67 -21.24
N ARG A 137 -49.88 56.05 -20.80
CA ARG A 137 -49.58 57.45 -20.54
C ARG A 137 -49.70 58.28 -21.81
N VAL A 138 -49.07 57.79 -22.89
CA VAL A 138 -49.16 58.43 -24.19
C VAL A 138 -50.58 58.36 -24.75
N VAL A 139 -51.30 57.30 -24.38
CA VAL A 139 -52.70 57.13 -24.80
C VAL A 139 -53.58 58.23 -24.22
N ARG A 140 -53.34 58.57 -22.96
CA ARG A 140 -54.18 59.54 -22.25
C ARG A 140 -53.79 60.98 -22.57
N LEU A 141 -52.56 61.18 -23.05
CA LEU A 141 -52.10 62.50 -23.45
C LEU A 141 -52.52 62.83 -24.89
N ALA A 142 -53.09 61.84 -25.58
CA ALA A 142 -53.75 62.10 -26.87
C ALA A 142 -55.27 62.14 -26.69
N ARG A 143 -55.71 62.21 -25.45
CA ARG A 143 -57.14 62.30 -25.14
C ARG A 143 -57.48 63.59 -24.44
N ILE A 144 -56.51 64.14 -23.74
CA ILE A 144 -56.69 65.40 -23.04
C ILE A 144 -57.16 66.49 -23.99
N GLU B 1 -8.01 46.11 6.97
CA GLU B 1 -8.85 46.38 8.16
C GLU B 1 -10.11 45.52 8.16
N VAL B 2 -10.27 44.72 7.11
CA VAL B 2 -11.41 43.81 7.00
C VAL B 2 -10.99 42.35 7.10
N GLN B 3 -11.47 41.65 8.12
CA GLN B 3 -11.04 40.30 8.39
C GLN B 3 -12.21 39.38 8.70
N LEU B 4 -12.10 38.13 8.27
CA LEU B 4 -13.07 37.10 8.61
C LEU B 4 -12.39 35.96 9.36
N VAL B 5 -12.39 36.03 10.68
CA VAL B 5 -11.75 35.01 11.50
C VAL B 5 -12.73 33.93 11.93
N GLU B 6 -12.50 32.70 11.50
CA GLU B 6 -13.43 31.62 11.75
C GLU B 6 -12.86 30.60 12.73
N SER B 7 -13.74 29.83 13.36
CA SER B 7 -13.34 28.78 14.28
C SER B 7 -14.45 27.74 14.47
N GLY B 8 -14.14 26.66 15.18
CA GLY B 8 -15.17 25.70 15.59
C GLY B 8 -14.90 24.30 15.06
N GLY B 9 -14.06 24.19 14.04
CA GLY B 9 -13.79 22.91 13.39
C GLY B 9 -13.02 21.96 14.28
N GLY B 10 -13.10 20.67 13.97
CA GLY B 10 -12.42 19.65 14.75
C GLY B 10 -12.87 18.24 14.39
N LEU B 11 -12.52 17.27 15.24
CA LEU B 11 -12.97 15.90 15.05
C LEU B 11 -14.38 15.72 15.62
N VAL B 12 -15.20 14.94 14.93
CA VAL B 12 -16.57 14.71 15.36
C VAL B 12 -17.13 13.42 14.78
N GLN B 13 -17.80 12.63 15.63
CA GLN B 13 -18.33 11.32 15.23
C GLN B 13 -19.42 11.47 14.18
N PRO B 14 -19.37 10.65 13.12
CA PRO B 14 -20.38 10.69 12.08
C PRO B 14 -21.78 10.54 12.64
N GLY B 15 -22.71 11.38 12.17
CA GLY B 15 -24.05 11.44 12.73
C GLY B 15 -24.17 12.51 13.79
N GLY B 16 -23.03 12.93 14.32
CA GLY B 16 -22.99 13.98 15.33
C GLY B 16 -22.99 15.37 14.73
N SER B 17 -23.00 16.38 15.58
CA SER B 17 -23.15 17.76 15.14
C SER B 17 -21.96 18.61 15.55
N LEU B 18 -21.86 19.78 14.95
CA LEU B 18 -20.76 20.69 15.20
C LEU B 18 -21.06 22.04 14.54
N ARG B 19 -20.76 23.13 15.24
CA ARG B 19 -21.07 24.47 14.73
C ARG B 19 -19.81 25.27 14.43
N LEU B 20 -19.81 25.96 13.30
CA LEU B 20 -18.69 26.80 12.89
C LEU B 20 -19.01 28.27 13.06
N SER B 21 -18.05 29.02 13.60
CA SER B 21 -18.26 30.44 13.88
C SER B 21 -17.38 31.30 12.98
N CYS B 22 -18.02 32.12 12.15
CA CYS B 22 -17.29 33.03 11.28
C CYS B 22 -17.44 34.48 11.75
N ALA B 23 -16.46 34.95 12.51
CA ALA B 23 -16.50 36.31 13.06
C ALA B 23 -16.02 37.34 12.04
N ALA B 24 -16.77 38.45 11.94
CA ALA B 24 -16.48 39.48 10.95
C ALA B 24 -15.84 40.70 11.59
N SER B 25 -15.03 41.41 10.83
CA SER B 25 -14.31 42.57 11.35
C SER B 25 -14.13 43.62 10.26
N GLY B 26 -14.63 44.82 10.52
CA GLY B 26 -14.40 45.95 9.63
C GLY B 26 -15.55 46.21 8.67
N PHE B 27 -16.67 45.52 8.90
CA PHE B 27 -17.89 45.77 8.14
C PHE B 27 -19.12 45.26 8.87
N ASN B 28 -20.29 45.81 8.51
CA ASN B 28 -21.56 45.35 9.08
C ASN B 28 -22.19 44.25 8.25
N VAL B 29 -22.25 43.04 8.81
CA VAL B 29 -22.79 41.88 8.11
C VAL B 29 -24.24 42.13 7.69
N TYR B 30 -24.93 42.99 8.44
CA TYR B 30 -26.35 43.23 8.22
C TYR B 30 -26.64 43.73 6.82
N TYR B 31 -25.60 44.21 6.13
CA TYR B 31 -25.77 44.82 4.81
C TYR B 31 -25.23 43.93 3.70
N SER B 32 -24.24 43.11 4.03
CA SER B 32 -23.60 42.26 3.03
C SER B 32 -24.14 40.83 3.09
N SER B 33 -23.34 39.88 2.61
CA SER B 33 -23.78 38.50 2.45
C SER B 33 -22.63 37.53 2.68
N ILE B 34 -22.86 36.53 3.53
CA ILE B 34 -21.81 35.62 3.95
C ILE B 34 -22.06 34.20 3.45
N HIS B 35 -21.06 33.60 2.81
CA HIS B 35 -21.18 32.23 2.31
C HIS B 35 -20.28 31.29 3.04
N TRP B 36 -20.63 30.00 3.01
CA TRP B 36 -19.72 28.94 3.42
C TRP B 36 -19.32 28.08 2.25
N VAL B 37 -18.02 28.00 2.01
CA VAL B 37 -17.48 27.17 0.94
C VAL B 37 -16.42 26.22 1.50
N ARG B 38 -16.67 24.92 1.34
CA ARG B 38 -15.77 23.91 1.89
C ARG B 38 -14.92 23.28 0.79
N GLN B 39 -13.92 22.50 1.21
CA GLN B 39 -13.03 21.84 0.27
C GLN B 39 -12.53 20.53 0.86
N ALA B 40 -12.94 19.43 0.25
CA ALA B 40 -12.48 18.10 0.66
C ALA B 40 -11.02 17.91 0.31
N PRO B 41 -10.31 17.11 1.12
CA PRO B 41 -8.87 16.94 0.97
C PRO B 41 -8.52 16.46 -0.43
N GLY B 42 -7.70 17.23 -1.13
CA GLY B 42 -7.30 16.90 -2.50
C GLY B 42 -8.44 16.96 -3.48
N LYS B 43 -9.36 17.90 -3.27
CA LYS B 43 -10.53 18.05 -4.14
C LYS B 43 -10.76 19.51 -4.48
N GLY B 44 -11.77 19.77 -5.30
CA GLY B 44 -12.09 21.13 -5.73
C GLY B 44 -12.84 21.94 -4.68
N LEU B 45 -13.24 23.15 -5.06
CA LEU B 45 -14.03 24.01 -4.19
C LEU B 45 -15.52 23.71 -4.33
N GLU B 46 -16.21 23.66 -3.20
CA GLU B 46 -17.65 23.40 -3.21
C GLU B 46 -18.39 24.41 -2.34
N TRP B 47 -19.23 25.22 -2.98
CA TRP B 47 -20.10 26.14 -2.27
C TRP B 47 -21.12 25.38 -1.49
N VAL B 48 -21.36 25.80 -0.24
CA VAL B 48 -22.24 25.07 0.66
C VAL B 48 -23.46 25.88 1.11
N ALA B 49 -23.21 27.01 1.77
CA ALA B 49 -24.29 27.75 2.41
C ALA B 49 -24.27 29.23 2.04
N TYR B 50 -25.36 29.92 2.35
CA TYR B 50 -25.49 31.33 2.06
C TYR B 50 -26.36 31.97 3.12
N ILE B 51 -26.10 33.23 3.44
CA ILE B 51 -26.99 33.99 4.29
C ILE B 51 -26.86 35.48 4.05
N SER B 52 -27.97 36.19 4.18
CA SER B 52 -27.94 37.65 4.25
C SER B 52 -28.95 38.13 5.27
N PRO B 53 -28.47 38.64 6.42
CA PRO B 53 -29.34 39.17 7.47
C PRO B 53 -30.12 40.39 7.00
N SER B 54 -29.71 40.97 5.89
CA SER B 54 -30.48 42.02 5.23
C SER B 54 -31.86 41.48 4.85
N SER B 55 -31.90 40.62 3.85
CA SER B 55 -33.16 40.05 3.37
C SER B 55 -33.67 38.96 4.31
N GLY B 56 -32.75 38.18 4.87
CA GLY B 56 -33.11 37.09 5.76
C GLY B 56 -33.26 35.76 5.06
N SER B 57 -32.99 35.75 3.76
CA SER B 57 -33.06 34.52 2.98
C SER B 57 -31.80 33.68 3.17
N THR B 58 -31.96 32.36 3.08
CA THR B 58 -30.83 31.44 3.16
C THR B 58 -30.97 30.32 2.13
N TYR B 59 -29.85 29.93 1.52
CA TYR B 59 -29.85 28.82 0.57
C TYR B 59 -28.77 27.79 0.89
N TYR B 60 -29.03 26.54 0.52
CA TYR B 60 -28.12 25.45 0.82
C TYR B 60 -27.85 24.63 -0.45
N ALA B 61 -26.71 23.95 -0.48
CA ALA B 61 -26.42 22.97 -1.52
C ALA B 61 -27.24 21.69 -1.30
N ASP B 62 -27.32 20.86 -2.32
CA ASP B 62 -28.12 19.65 -2.27
C ASP B 62 -27.52 18.63 -1.31
N SER B 63 -26.19 18.60 -1.23
CA SER B 63 -25.50 17.58 -0.45
C SER B 63 -25.51 17.90 1.05
N VAL B 64 -26.03 19.08 1.40
CA VAL B 64 -26.12 19.48 2.80
C VAL B 64 -27.53 19.91 3.17
N LYS B 65 -28.43 19.91 2.20
CA LYS B 65 -29.80 20.38 2.40
C LYS B 65 -30.53 19.52 3.42
N GLY B 66 -31.08 20.15 4.45
CA GLY B 66 -31.83 19.44 5.47
C GLY B 66 -31.00 19.11 6.69
N ARG B 67 -29.68 19.16 6.52
CA ARG B 67 -28.77 18.83 7.61
C ARG B 67 -28.06 20.06 8.17
N PHE B 68 -27.81 21.03 7.29
CA PHE B 68 -27.07 22.24 7.67
C PHE B 68 -28.01 23.41 7.91
N THR B 69 -27.66 24.28 8.85
CA THR B 69 -28.50 25.41 9.21
C THR B 69 -27.65 26.65 9.44
N ILE B 70 -27.54 27.49 8.42
CA ILE B 70 -26.70 28.67 8.51
C ILE B 70 -27.43 29.86 9.13
N SER B 71 -27.02 30.25 10.34
CA SER B 71 -27.62 31.39 11.01
C SER B 71 -26.69 32.59 10.98
N ALA B 72 -27.13 33.70 11.56
CA ALA B 72 -26.26 34.87 11.72
C ALA B 72 -26.72 35.75 12.86
N ASP B 73 -25.76 36.29 13.60
CA ASP B 73 -26.04 37.21 14.69
C ASP B 73 -25.39 38.56 14.42
N THR B 74 -26.21 39.54 14.06
CA THR B 74 -25.73 40.88 13.75
C THR B 74 -25.32 41.62 15.03
N SER B 75 -25.71 41.07 16.18
CA SER B 75 -25.34 41.65 17.47
C SER B 75 -23.83 41.57 17.68
N LYS B 76 -23.27 40.40 17.43
CA LYS B 76 -21.82 40.21 17.56
C LYS B 76 -21.14 40.22 16.19
N ASN B 77 -21.92 40.49 15.15
CA ASN B 77 -21.38 40.58 13.79
C ASN B 77 -20.71 39.29 13.34
N THR B 78 -21.40 38.17 13.50
CA THR B 78 -20.82 36.87 13.26
C THR B 78 -21.82 35.94 12.58
N ALA B 79 -21.38 35.25 11.55
CA ALA B 79 -22.22 34.25 10.89
C ALA B 79 -21.90 32.85 11.40
N TYR B 80 -22.95 32.07 11.65
CA TYR B 80 -22.79 30.72 12.20
C TYR B 80 -23.28 29.67 11.21
N LEU B 81 -22.61 28.52 11.19
CA LEU B 81 -23.05 27.39 10.38
C LEU B 81 -23.17 26.12 11.20
N GLN B 82 -24.40 25.68 11.42
CA GLN B 82 -24.67 24.50 12.22
C GLN B 82 -24.69 23.27 11.34
N MET B 83 -23.77 22.35 11.59
CA MET B 83 -23.67 21.13 10.80
C MET B 83 -24.18 19.94 11.59
N ASN B 84 -25.38 19.47 11.22
CA ASN B 84 -26.02 18.35 11.92
C ASN B 84 -26.02 17.09 11.09
N SER B 85 -26.09 15.94 11.76
CA SER B 85 -26.04 14.65 11.09
C SER B 85 -24.89 14.60 10.11
N LEU B 86 -23.67 14.75 10.64
CA LEU B 86 -22.48 14.86 9.81
C LEU B 86 -22.10 13.52 9.21
N ARG B 87 -21.89 13.50 7.90
CA ARG B 87 -21.44 12.29 7.21
C ARG B 87 -19.93 12.34 7.01
N ALA B 88 -19.35 11.19 6.66
CA ALA B 88 -17.92 11.11 6.41
C ALA B 88 -17.51 11.99 5.23
N GLU B 89 -18.43 12.23 4.31
CA GLU B 89 -18.14 12.99 3.11
C GLU B 89 -18.00 14.48 3.42
N ASP B 90 -18.49 14.87 4.59
CA ASP B 90 -18.45 16.28 5.00
C ASP B 90 -17.05 16.67 5.46
N THR B 91 -16.20 15.67 5.70
CA THR B 91 -14.81 15.92 6.08
C THR B 91 -14.10 16.81 5.06
N ALA B 92 -13.98 18.08 5.40
CA ALA B 92 -13.37 19.06 4.49
C ALA B 92 -12.89 20.28 5.27
N VAL B 93 -12.20 21.17 4.58
CA VAL B 93 -11.82 22.45 5.16
C VAL B 93 -12.83 23.52 4.78
N TYR B 94 -13.38 24.19 5.80
CA TYR B 94 -14.48 25.10 5.59
C TYR B 94 -14.00 26.55 5.62
N TYR B 95 -14.30 27.28 4.56
CA TYR B 95 -14.03 28.72 4.52
C TYR B 95 -15.33 29.50 4.56
N CYS B 96 -15.32 30.63 5.25
CA CYS B 96 -16.41 31.61 5.13
C CYS B 96 -15.93 32.86 4.42
N ALA B 97 -16.78 33.40 3.55
CA ALA B 97 -16.40 34.52 2.71
C ALA B 97 -17.53 35.52 2.55
N ARG B 98 -17.17 36.79 2.34
CA ARG B 98 -18.13 37.87 2.24
C ARG B 98 -18.31 38.26 0.78
N LYS B 99 -19.55 38.58 0.41
CA LYS B 99 -19.82 39.18 -0.88
C LYS B 99 -20.90 40.27 -0.78
N GLN B 100 -20.50 41.52 -0.97
CA GLN B 100 -21.42 42.65 -0.83
C GLN B 100 -22.39 42.71 -2.02
N TYR B 101 -23.51 43.39 -1.82
CA TYR B 101 -24.61 43.37 -2.78
C TYR B 101 -24.35 44.31 -3.97
N SER B 102 -24.70 43.85 -5.16
CA SER B 102 -24.64 44.68 -6.35
C SER B 102 -26.04 45.18 -6.70
N TYR B 103 -26.14 46.47 -7.06
CA TYR B 103 -27.43 47.07 -7.32
C TYR B 103 -27.62 47.44 -8.78
N TRP B 104 -26.75 46.91 -9.64
CA TRP B 104 -26.82 47.19 -11.07
C TRP B 104 -27.33 46.01 -11.82
N ARG B 105 -26.89 45.90 -13.08
CA ARG B 105 -27.30 44.80 -13.95
C ARG B 105 -26.09 44.04 -14.45
N ASP B 106 -24.93 44.33 -13.86
CA ASP B 106 -23.70 43.62 -14.20
C ASP B 106 -23.29 42.64 -13.10
N SER B 107 -23.76 42.90 -11.88
CA SER B 107 -23.33 42.15 -10.71
C SER B 107 -21.82 42.19 -10.57
N TYR B 108 -21.28 43.41 -10.53
CA TYR B 108 -19.84 43.59 -10.51
C TYR B 108 -19.29 43.43 -9.10
N TRP B 109 -19.66 42.33 -8.45
CA TRP B 109 -19.10 42.00 -7.14
C TRP B 109 -18.84 40.52 -6.96
N ALA B 110 -17.70 40.20 -6.36
CA ALA B 110 -17.33 38.83 -6.05
C ALA B 110 -16.95 38.66 -4.58
N MET B 111 -16.46 37.48 -4.23
CA MET B 111 -16.11 37.18 -2.85
C MET B 111 -14.67 37.57 -2.57
N ASP B 112 -14.47 38.85 -2.25
CA ASP B 112 -13.14 39.43 -2.17
C ASP B 112 -12.39 38.91 -0.95
N TYR B 113 -13.02 39.03 0.21
CA TYR B 113 -12.40 38.65 1.47
C TYR B 113 -12.89 37.30 1.97
N TRP B 114 -11.96 36.35 2.09
CA TRP B 114 -12.28 35.02 2.60
C TRP B 114 -11.88 34.86 4.03
N GLY B 115 -12.27 33.74 4.63
CA GLY B 115 -11.86 33.41 5.99
C GLY B 115 -10.51 32.71 6.04
N GLN B 116 -10.16 32.21 7.23
CA GLN B 116 -8.87 31.58 7.43
C GLN B 116 -8.92 30.12 7.02
N GLY B 117 -10.07 29.49 7.19
CA GLY B 117 -10.24 28.07 6.87
C GLY B 117 -10.03 27.17 8.07
N THR B 118 -11.09 26.47 8.46
CA THR B 118 -11.03 25.55 9.60
C THR B 118 -11.30 24.11 9.18
N LEU B 119 -10.60 23.17 9.82
CA LEU B 119 -10.65 21.77 9.41
C LEU B 119 -11.71 21.01 10.19
N VAL B 120 -12.64 20.40 9.47
CA VAL B 120 -13.68 19.57 10.08
C VAL B 120 -13.49 18.12 9.68
N THR B 121 -13.14 17.27 10.65
CA THR B 121 -12.93 15.85 10.41
C THR B 121 -14.04 15.03 11.03
N VAL B 122 -14.65 14.16 10.23
CA VAL B 122 -15.74 13.33 10.70
C VAL B 122 -15.35 11.86 10.67
N SER B 123 -15.08 11.30 11.83
CA SER B 123 -14.59 9.93 11.94
C SER B 123 -14.85 9.34 13.31
N SER B 124 -14.60 8.05 13.45
CA SER B 124 -14.65 7.40 14.75
C SER B 124 -13.27 7.09 15.30
N ALA B 125 -12.24 7.25 14.46
CA ALA B 125 -10.86 7.02 14.88
C ALA B 125 -10.45 7.98 16.00
N SER B 126 -9.82 7.45 17.04
CA SER B 126 -9.58 8.21 18.26
C SER B 126 -8.48 9.25 18.04
N THR B 127 -8.50 10.30 18.85
CA THR B 127 -7.39 11.26 18.91
C THR B 127 -6.12 10.61 19.46
N LYS B 128 -5.00 10.83 18.79
CA LYS B 128 -3.72 10.32 19.26
C LYS B 128 -2.55 11.27 18.99
N GLY B 129 -1.91 11.74 20.07
CA GLY B 129 -0.71 12.56 19.95
C GLY B 129 0.37 11.86 19.17
N PRO B 130 1.27 12.64 18.55
CA PRO B 130 2.37 12.11 17.75
C PRO B 130 3.56 11.71 18.62
N SER B 131 4.47 10.91 18.05
CA SER B 131 5.80 10.74 18.62
C SER B 131 6.85 11.22 17.64
N VAL B 132 7.91 11.86 18.17
CA VAL B 132 8.94 12.45 17.32
C VAL B 132 10.28 11.71 17.39
N PHE B 133 10.82 11.35 16.23
CA PHE B 133 12.09 10.63 16.15
C PHE B 133 13.08 11.40 15.30
N PRO B 134 14.22 11.79 15.90
CA PRO B 134 15.16 12.71 15.26
C PRO B 134 15.85 12.06 14.07
N LEU B 135 15.64 12.64 12.89
CA LEU B 135 16.41 12.27 11.72
C LEU B 135 17.83 12.85 11.76
N ALA B 136 18.78 12.04 12.21
CA ALA B 136 20.12 12.52 12.59
C ALA B 136 21.06 12.55 11.39
N PRO B 137 21.77 13.68 11.20
CA PRO B 137 22.68 13.85 10.08
C PRO B 137 23.94 13.01 10.26
N SER B 138 24.18 12.09 9.33
CA SER B 138 25.38 11.27 9.37
C SER B 138 26.33 11.61 8.23
N SER B 139 27.39 10.82 8.10
CA SER B 139 28.36 11.03 7.02
C SER B 139 27.75 10.71 5.65
N SER B 143 35.03 20.15 6.45
CA SER B 143 34.45 18.89 6.94
C SER B 143 33.67 18.18 5.84
N GLY B 144 32.94 18.95 5.03
CA GLY B 144 32.19 18.41 3.91
C GLY B 144 31.46 19.49 3.13
N GLY B 145 30.33 19.12 2.54
CA GLY B 145 29.48 20.09 1.85
C GLY B 145 28.40 20.65 2.74
N THR B 146 27.16 20.35 2.42
CA THR B 146 26.04 20.78 3.24
C THR B 146 25.27 19.57 3.80
N ALA B 147 25.18 19.52 5.12
CA ALA B 147 24.56 18.38 5.80
C ALA B 147 23.06 18.59 5.98
N ALA B 148 22.30 17.52 5.80
CA ALA B 148 20.85 17.57 5.92
C ALA B 148 20.37 16.78 7.13
N LEU B 149 19.66 17.45 8.02
CA LEU B 149 19.02 16.78 9.16
C LEU B 149 17.51 17.05 9.19
N GLY B 150 16.82 16.44 10.17
CA GLY B 150 15.39 16.69 10.36
C GLY B 150 14.83 15.93 11.56
N CYS B 151 13.51 15.89 11.66
CA CYS B 151 12.84 15.02 12.62
C CYS B 151 11.54 14.45 12.07
N LEU B 152 11.09 13.34 12.67
CA LEU B 152 9.96 12.56 12.15
C LEU B 152 8.79 12.60 13.13
N VAL B 153 7.71 13.25 12.73
CA VAL B 153 6.48 13.26 13.50
C VAL B 153 5.56 12.12 13.05
N LYS B 154 5.41 11.12 13.91
CA LYS B 154 4.84 9.84 13.51
C LYS B 154 3.63 9.46 14.34
N ASP B 155 2.60 8.93 13.67
CA ASP B 155 1.52 8.19 14.32
C ASP B 155 0.60 9.08 15.14
N TYR B 156 -0.07 10.00 14.47
CA TYR B 156 -0.95 10.96 15.15
C TYR B 156 -2.29 11.06 14.42
N PHE B 157 -3.30 11.55 15.14
CA PHE B 157 -4.64 11.73 14.60
C PHE B 157 -5.44 12.68 15.49
N PRO B 158 -6.14 13.65 14.87
CA PRO B 158 -6.19 13.91 13.44
C PRO B 158 -5.23 15.03 13.05
N GLU B 159 -5.21 15.40 11.78
CA GLU B 159 -4.40 16.52 11.34
C GLU B 159 -4.83 17.82 12.03
N PRO B 160 -3.96 18.84 12.01
CA PRO B 160 -2.61 18.74 11.51
C PRO B 160 -1.59 18.89 12.63
N VAL B 161 -0.31 18.88 12.25
CA VAL B 161 0.76 19.27 13.16
C VAL B 161 1.53 20.47 12.61
N THR B 162 1.85 21.43 13.47
CA THR B 162 2.73 22.54 13.09
C THR B 162 4.15 22.31 13.58
N VAL B 163 5.10 22.30 12.65
CA VAL B 163 6.48 21.99 12.97
C VAL B 163 7.44 23.12 12.58
N SER B 164 8.01 23.77 13.59
CA SER B 164 8.97 24.85 13.38
C SER B 164 10.36 24.45 13.86
N TRP B 165 11.34 25.31 13.60
CA TRP B 165 12.73 25.02 13.96
C TRP B 165 13.33 26.10 14.80
N ASN B 166 14.03 25.70 15.86
CA ASN B 166 14.63 26.65 16.78
C ASN B 166 13.65 27.74 17.19
N SER B 167 12.44 27.33 17.55
CA SER B 167 11.41 28.27 17.99
C SER B 167 11.18 29.36 16.94
N GLY B 168 11.35 28.99 15.67
CA GLY B 168 11.05 29.90 14.57
C GLY B 168 12.27 30.67 14.12
N ALA B 169 13.40 30.42 14.78
CA ALA B 169 14.66 31.03 14.40
C ALA B 169 15.08 30.54 13.03
N LEU B 170 15.38 29.24 12.94
CA LEU B 170 15.81 28.65 11.68
C LEU B 170 14.60 28.40 10.78
N THR B 171 14.62 29.03 9.60
CA THR B 171 13.52 28.88 8.64
C THR B 171 14.07 28.82 7.21
N SER B 172 15.39 28.84 7.10
CA SER B 172 16.04 28.85 5.79
C SER B 172 16.31 27.42 5.32
N GLY B 173 15.68 27.04 4.22
CA GLY B 173 15.89 25.73 3.61
C GLY B 173 15.25 24.61 4.41
N VAL B 174 14.16 24.94 5.12
CA VAL B 174 13.39 23.95 5.85
C VAL B 174 12.24 23.47 5.00
N HIS B 175 12.17 22.16 4.78
CA HIS B 175 11.02 21.55 4.15
C HIS B 175 10.28 20.66 5.11
N THR B 176 9.04 21.03 5.41
CA THR B 176 8.14 20.14 6.12
C THR B 176 7.14 19.50 5.19
N PHE B 177 7.37 18.22 4.87
CA PHE B 177 6.55 17.52 3.89
C PHE B 177 5.10 17.44 4.35
N PRO B 178 4.17 17.38 3.39
CA PRO B 178 2.76 17.08 3.64
C PRO B 178 2.57 15.73 4.33
N ALA B 179 1.62 15.65 5.25
CA ALA B 179 1.36 14.42 5.99
C ALA B 179 0.71 13.38 5.09
N VAL B 180 1.17 12.13 5.21
CA VAL B 180 0.47 11.01 4.58
C VAL B 180 -0.26 10.18 5.60
N LEU B 181 -1.41 9.65 5.21
CA LEU B 181 -2.16 8.74 6.06
C LEU B 181 -1.64 7.31 5.90
N GLN B 182 -1.05 6.78 6.96
CA GLN B 182 -0.46 5.44 6.91
C GLN B 182 -1.53 4.38 6.75
N SER B 183 -1.13 3.21 6.28
CA SER B 183 -2.06 2.08 6.18
C SER B 183 -2.75 1.81 7.50
N SER B 184 -2.08 2.14 8.60
CA SER B 184 -2.60 1.85 9.94
C SER B 184 -3.82 2.70 10.26
N GLY B 185 -3.87 3.91 9.70
CA GLY B 185 -4.98 4.82 9.94
C GLY B 185 -4.55 6.10 10.63
N LEU B 186 -3.26 6.22 10.93
CA LEU B 186 -2.71 7.44 11.50
C LEU B 186 -1.86 8.25 10.51
N TYR B 187 -1.83 9.57 10.70
CA TYR B 187 -1.04 10.45 9.87
C TYR B 187 0.41 10.47 10.34
N SER B 188 1.31 10.91 9.46
CA SER B 188 2.74 10.93 9.77
C SER B 188 3.53 11.76 8.76
N LEU B 189 4.19 12.80 9.24
CA LEU B 189 5.07 13.62 8.39
C LEU B 189 6.46 13.83 8.98
N SER B 190 7.37 14.32 8.15
CA SER B 190 8.76 14.55 8.53
C SER B 190 9.19 15.95 8.13
N SER B 191 9.90 16.63 9.02
CA SER B 191 10.40 17.97 8.73
C SER B 191 11.92 17.97 8.58
N VAL B 192 12.39 18.24 7.37
CA VAL B 192 13.82 18.27 7.11
C VAL B 192 14.36 19.69 7.04
N VAL B 193 15.65 19.85 7.28
CA VAL B 193 16.33 21.11 7.09
C VAL B 193 17.78 20.88 6.68
N THR B 194 18.25 21.65 5.71
CA THR B 194 19.65 21.62 5.31
C THR B 194 20.43 22.75 5.99
N VAL B 195 21.61 22.39 6.49
CA VAL B 195 22.52 23.37 7.09
C VAL B 195 23.97 23.01 6.75
N PRO B 196 24.83 24.02 6.63
CA PRO B 196 26.25 23.79 6.35
C PRO B 196 26.89 22.91 7.42
N SER B 197 27.64 21.90 6.99
CA SER B 197 28.24 20.95 7.92
C SER B 197 29.06 21.66 9.00
N SER B 198 29.63 22.80 8.64
CA SER B 198 30.42 23.60 9.58
C SER B 198 29.66 23.87 10.87
N SER B 199 28.33 23.95 10.76
CA SER B 199 27.51 24.42 11.86
C SER B 199 27.08 23.29 12.78
N LEU B 200 27.34 22.05 12.36
CA LEU B 200 26.99 20.90 13.18
C LEU B 200 27.74 20.92 14.51
N GLY B 201 27.08 20.46 15.57
CA GLY B 201 27.71 20.37 16.88
C GLY B 201 27.88 21.70 17.58
N THR B 202 28.26 22.73 16.83
CA THR B 202 28.45 24.06 17.38
C THR B 202 27.18 24.92 17.31
N GLN B 203 26.20 24.47 16.52
CA GLN B 203 24.91 25.13 16.44
C GLN B 203 23.78 24.13 16.72
N THR B 204 23.08 24.31 17.84
CA THR B 204 22.06 23.37 18.26
C THR B 204 20.79 23.52 17.42
N TYR B 205 20.35 22.42 16.83
CA TYR B 205 19.11 22.40 16.07
C TYR B 205 18.00 21.67 16.83
N ILE B 206 16.87 22.34 17.01
CA ILE B 206 15.71 21.72 17.59
C ILE B 206 14.50 21.92 16.69
N CYS B 207 13.73 20.85 16.51
CA CYS B 207 12.44 20.95 15.84
C CYS B 207 11.27 20.98 16.82
N ASN B 208 10.38 21.95 16.61
CA ASN B 208 9.30 22.22 17.54
C ASN B 208 7.97 21.73 16.99
N VAL B 209 7.50 20.62 17.55
CA VAL B 209 6.29 19.98 17.07
C VAL B 209 5.11 20.35 17.96
N ASN B 210 4.00 20.69 17.33
CA ASN B 210 2.77 20.97 18.05
C ASN B 210 1.54 20.34 17.42
N HIS B 211 0.88 19.48 18.19
CA HIS B 211 -0.33 18.80 17.72
C HIS B 211 -1.49 19.14 18.60
N LYS B 212 -2.19 20.21 18.23
CA LYS B 212 -3.16 20.82 19.13
C LYS B 212 -4.39 19.93 19.36
N PRO B 213 -4.76 19.14 18.33
CA PRO B 213 -5.89 18.21 18.49
C PRO B 213 -5.77 17.34 19.72
N SER B 214 -4.55 16.85 20.01
CA SER B 214 -4.34 15.93 21.11
C SER B 214 -3.74 16.65 22.32
N ASN B 215 -3.50 17.95 22.17
CA ASN B 215 -2.81 18.73 23.17
C ASN B 215 -1.40 18.24 23.45
N THR B 216 -0.69 17.88 22.38
CA THR B 216 0.70 17.44 22.48
C THR B 216 1.65 18.50 21.91
N LYS B 217 2.70 18.83 22.65
CA LYS B 217 3.71 19.75 22.15
C LYS B 217 5.11 19.32 22.59
N VAL B 218 5.97 19.06 21.62
CA VAL B 218 7.28 18.47 21.90
C VAL B 218 8.37 19.15 21.09
N ASP B 219 9.45 19.51 21.76
CA ASP B 219 10.60 20.14 21.08
C ASP B 219 11.84 19.24 21.13
N LYS B 220 12.18 18.66 19.99
CA LYS B 220 13.18 17.60 19.93
C LYS B 220 14.49 18.13 19.40
N LYS B 221 15.58 17.81 20.09
CA LYS B 221 16.91 18.25 19.68
C LYS B 221 17.56 17.24 18.74
N VAL B 222 17.91 17.70 17.54
CA VAL B 222 18.56 16.84 16.56
C VAL B 222 20.08 17.05 16.56
N GLU B 223 20.80 15.99 16.91
CA GLU B 223 22.26 16.01 16.94
C GLU B 223 22.84 14.76 16.29
N PRO B 224 24.03 14.90 15.70
CA PRO B 224 24.64 13.80 14.95
C PRO B 224 24.96 12.59 15.83
N ASP C 1 -28.79 24.68 -12.62
CA ASP C 1 -27.66 23.74 -12.87
C ASP C 1 -26.81 24.21 -14.04
N ILE C 2 -25.79 25.01 -13.75
CA ILE C 2 -24.88 25.51 -14.77
C ILE C 2 -23.52 24.81 -14.71
N GLN C 3 -23.19 24.10 -15.78
CA GLN C 3 -21.94 23.36 -15.85
C GLN C 3 -20.75 24.27 -16.15
N MET C 4 -19.82 24.35 -15.20
CA MET C 4 -18.61 25.15 -15.37
C MET C 4 -17.42 24.26 -15.68
N THR C 5 -17.10 24.13 -16.97
CA THR C 5 -15.98 23.28 -17.40
C THR C 5 -14.69 24.08 -17.54
N GLN C 6 -13.76 23.86 -16.62
CA GLN C 6 -12.52 24.61 -16.59
C GLN C 6 -11.41 23.83 -17.26
N SER C 7 -10.97 24.31 -18.42
CA SER C 7 -9.90 23.65 -19.18
C SER C 7 -8.67 24.55 -19.33
N PRO C 8 -7.47 23.96 -19.23
CA PRO C 8 -7.26 22.52 -19.05
C PRO C 8 -7.26 22.11 -17.58
N SER C 9 -7.25 20.81 -17.34
CA SER C 9 -7.20 20.29 -15.98
C SER C 9 -5.96 20.82 -15.26
N SER C 10 -4.81 20.69 -15.92
CA SER C 10 -3.57 21.23 -15.40
C SER C 10 -2.65 21.65 -16.54
N LEU C 11 -1.72 22.56 -16.25
CA LEU C 11 -0.77 23.02 -17.25
C LEU C 11 0.60 23.32 -16.64
N SER C 12 1.64 23.10 -17.42
CA SER C 12 3.01 23.40 -17.01
C SER C 12 3.65 24.38 -17.98
N ALA C 13 4.25 25.43 -17.44
CA ALA C 13 4.80 26.49 -18.28
C ALA C 13 5.98 27.17 -17.60
N SER C 14 6.95 27.56 -18.41
CA SER C 14 8.17 28.19 -17.91
C SER C 14 7.90 29.61 -17.42
N VAL C 15 8.89 30.21 -16.76
CA VAL C 15 8.73 31.54 -16.21
C VAL C 15 8.60 32.58 -17.31
N GLY C 16 7.49 33.33 -17.30
CA GLY C 16 7.32 34.46 -18.19
C GLY C 16 6.53 34.10 -19.43
N ASP C 17 6.04 32.87 -19.49
CA ASP C 17 5.16 32.45 -20.58
C ASP C 17 3.78 33.12 -20.47
N ARG C 18 2.99 33.02 -21.53
CA ARG C 18 1.62 33.52 -21.51
C ARG C 18 0.63 32.39 -21.25
N VAL C 19 0.16 32.31 -20.01
CA VAL C 19 -0.79 31.26 -19.62
C VAL C 19 -2.22 31.73 -19.84
N THR C 20 -3.03 30.86 -20.46
CA THR C 20 -4.42 31.19 -20.75
C THR C 20 -5.37 30.06 -20.31
N ILE C 21 -5.96 30.21 -19.14
CA ILE C 21 -6.94 29.26 -18.64
C ILE C 21 -8.34 29.63 -19.12
N THR C 22 -9.08 28.63 -19.57
CA THR C 22 -10.40 28.86 -20.13
C THR C 22 -11.49 28.20 -19.30
N CYS C 23 -12.58 28.93 -19.09
CA CYS C 23 -13.71 28.43 -18.32
C CYS C 23 -14.98 28.53 -19.14
N ARG C 24 -15.49 27.39 -19.60
CA ARG C 24 -16.65 27.38 -20.47
C ARG C 24 -17.94 27.12 -19.71
N ALA C 25 -18.98 27.90 -20.02
CA ALA C 25 -20.28 27.77 -19.38
C ALA C 25 -21.20 26.90 -20.22
N SER C 26 -22.16 26.25 -19.56
CA SER C 26 -23.11 25.37 -20.24
C SER C 26 -24.12 26.15 -21.08
N GLN C 27 -24.28 27.43 -20.77
CA GLN C 27 -25.20 28.30 -21.50
C GLN C 27 -24.82 29.77 -21.35
N SER C 28 -25.68 30.65 -21.84
CA SER C 28 -25.47 32.09 -21.67
C SER C 28 -25.72 32.51 -20.23
N VAL C 29 -24.68 33.01 -19.57
CA VAL C 29 -24.77 33.34 -18.16
C VAL C 29 -24.16 34.70 -17.87
N SER C 30 -24.37 35.64 -18.79
CA SER C 30 -23.91 37.01 -18.61
C SER C 30 -22.39 37.08 -18.64
N SER C 31 -21.84 37.97 -17.83
CA SER C 31 -20.39 38.14 -17.75
C SER C 31 -19.97 38.40 -16.32
N ALA C 32 -20.71 37.80 -15.37
CA ALA C 32 -20.40 37.96 -13.96
C ALA C 32 -19.62 36.76 -13.42
N VAL C 33 -18.38 36.62 -13.89
CA VAL C 33 -17.57 35.45 -13.59
C VAL C 33 -16.31 35.87 -12.84
N ALA C 34 -15.94 35.10 -11.82
CA ALA C 34 -14.76 35.42 -11.02
C ALA C 34 -13.59 34.48 -11.29
N TRP C 35 -12.38 34.91 -10.92
CA TRP C 35 -11.21 34.05 -10.99
C TRP C 35 -10.46 34.10 -9.69
N TYR C 36 -10.33 32.95 -9.04
CA TYR C 36 -9.65 32.86 -7.76
C TYR C 36 -8.35 32.06 -7.87
N GLN C 37 -7.36 32.45 -7.08
CA GLN C 37 -6.11 31.70 -6.98
C GLN C 37 -5.94 31.16 -5.57
N GLN C 38 -5.63 29.87 -5.46
CA GLN C 38 -5.43 29.25 -4.17
C GLN C 38 -4.10 28.52 -4.09
N LYS C 39 -3.24 28.97 -3.20
CA LYS C 39 -2.00 28.26 -2.90
C LYS C 39 -2.27 27.19 -1.86
N PRO C 40 -1.60 26.04 -2.00
CA PRO C 40 -1.88 24.88 -1.15
C PRO C 40 -1.80 25.24 0.34
N GLY C 41 -2.86 24.92 1.08
CA GLY C 41 -2.88 25.11 2.51
C GLY C 41 -3.49 26.44 2.91
N LYS C 42 -3.54 27.37 1.98
CA LYS C 42 -4.04 28.72 2.24
C LYS C 42 -5.48 28.87 1.78
N ALA C 43 -6.07 30.03 2.04
CA ALA C 43 -7.42 30.34 1.59
C ALA C 43 -7.40 30.92 0.18
N PRO C 44 -8.44 30.66 -0.61
CA PRO C 44 -8.51 31.16 -1.99
C PRO C 44 -8.60 32.68 -1.99
N LYS C 45 -7.86 33.32 -2.89
CA LYS C 45 -7.85 34.78 -2.98
C LYS C 45 -8.31 35.24 -4.35
N LEU C 46 -9.07 36.34 -4.36
CA LEU C 46 -9.69 36.82 -5.58
C LEU C 46 -8.65 37.47 -6.51
N LEU C 47 -8.70 37.11 -7.77
CA LEU C 47 -7.91 37.80 -8.80
C LEU C 47 -8.78 38.69 -9.67
N ILE C 48 -9.80 38.10 -10.28
CA ILE C 48 -10.66 38.82 -11.22
C ILE C 48 -12.12 38.71 -10.81
N TYR C 49 -12.85 39.82 -10.93
CA TYR C 49 -14.32 39.78 -10.83
C TYR C 49 -15.02 40.36 -12.06
N SER C 50 -16.26 39.94 -12.26
CA SER C 50 -17.01 40.25 -13.47
C SER C 50 -16.22 39.94 -14.75
N ALA C 51 -15.31 38.98 -14.65
CA ALA C 51 -14.79 38.29 -15.84
C ALA C 51 -13.72 39.10 -16.56
N SER C 52 -13.55 40.35 -16.15
CA SER C 52 -12.58 41.23 -16.78
C SER C 52 -12.07 42.33 -15.87
N SER C 53 -12.79 42.59 -14.78
CA SER C 53 -12.42 43.64 -13.84
C SER C 53 -11.37 43.14 -12.84
N LEU C 54 -10.22 43.84 -12.79
CA LEU C 54 -9.14 43.47 -11.90
C LEU C 54 -9.43 43.89 -10.46
N TYR C 55 -8.95 43.09 -9.51
CA TYR C 55 -9.10 43.43 -8.10
C TYR C 55 -7.87 44.18 -7.61
N SER C 56 -7.99 44.86 -6.47
CA SER C 56 -6.91 45.69 -5.94
C SER C 56 -5.77 44.83 -5.42
N GLY C 57 -4.54 45.24 -5.72
CA GLY C 57 -3.36 44.51 -5.27
C GLY C 57 -2.90 43.48 -6.27
N VAL C 58 -3.84 42.92 -7.02
CA VAL C 58 -3.51 41.93 -8.05
C VAL C 58 -2.63 42.54 -9.14
N PRO C 59 -1.53 41.84 -9.48
CA PRO C 59 -0.52 42.30 -10.43
C PRO C 59 -1.10 42.59 -11.82
N SER C 60 -0.35 43.33 -12.62
CA SER C 60 -0.80 43.76 -13.93
C SER C 60 -0.95 42.58 -14.88
N ARG C 61 -0.22 41.50 -14.61
CA ARG C 61 -0.12 40.39 -15.56
C ARG C 61 -1.40 39.58 -15.62
N PHE C 62 -2.24 39.73 -14.58
CA PHE C 62 -3.52 39.04 -14.51
C PHE C 62 -4.62 39.83 -15.21
N SER C 63 -5.15 39.26 -16.28
CA SER C 63 -6.21 39.92 -17.05
C SER C 63 -7.37 38.98 -17.29
N GLY C 64 -8.56 39.54 -17.46
CA GLY C 64 -9.75 38.75 -17.75
C GLY C 64 -10.37 39.11 -19.08
N SER C 65 -10.70 38.07 -19.85
CA SER C 65 -11.32 38.26 -21.16
C SER C 65 -12.48 37.29 -21.32
N GLY C 66 -13.65 37.83 -21.65
CA GLY C 66 -14.83 37.01 -21.86
C GLY C 66 -15.26 37.02 -23.31
N SER C 67 -15.42 35.83 -23.89
CA SER C 67 -15.85 35.71 -25.26
C SER C 67 -16.86 34.57 -25.44
N GLY C 68 -18.06 34.93 -25.88
CA GLY C 68 -19.14 33.96 -25.99
C GLY C 68 -19.55 33.42 -24.63
N THR C 69 -19.52 32.09 -24.51
CA THR C 69 -19.71 31.43 -23.21
C THR C 69 -18.37 31.11 -22.55
N ASP C 70 -17.28 31.33 -23.28
CA ASP C 70 -15.94 31.02 -22.78
C ASP C 70 -15.31 32.24 -22.14
N PHE C 71 -14.96 32.10 -20.86
CA PHE C 71 -14.20 33.13 -20.15
C PHE C 71 -12.73 32.73 -20.02
N THR C 72 -11.86 33.72 -19.92
CA THR C 72 -10.43 33.48 -20.03
C THR C 72 -9.65 34.26 -18.99
N LEU C 73 -8.98 33.55 -18.10
CA LEU C 73 -7.93 34.13 -17.26
C LEU C 73 -6.60 34.06 -18.00
N THR C 74 -5.93 35.22 -18.12
CA THR C 74 -4.66 35.27 -18.82
C THR C 74 -3.56 35.90 -17.97
N ILE C 75 -2.47 35.17 -17.80
CA ILE C 75 -1.26 35.70 -17.18
C ILE C 75 -0.21 36.01 -18.24
N SER C 76 0.09 37.28 -18.43
CA SER C 76 0.98 37.70 -19.51
C SER C 76 2.39 37.18 -19.27
N SER C 77 2.94 37.51 -18.09
CA SER C 77 4.28 37.06 -17.74
C SER C 77 4.26 36.17 -16.50
N LEU C 78 4.40 34.86 -16.72
CA LEU C 78 4.26 33.90 -15.64
C LEU C 78 5.40 34.03 -14.64
N GLN C 79 5.07 33.91 -13.35
CA GLN C 79 6.05 34.03 -12.29
C GLN C 79 6.13 32.74 -11.50
N PRO C 80 7.32 32.46 -10.93
CA PRO C 80 7.53 31.25 -10.14
C PRO C 80 6.63 31.21 -8.91
N GLU C 81 6.14 32.36 -8.48
CA GLU C 81 5.24 32.44 -7.34
C GLU C 81 3.78 32.39 -7.77
N ASP C 82 3.56 32.02 -9.02
CA ASP C 82 2.21 31.82 -9.54
C ASP C 82 1.80 30.35 -9.44
N PHE C 83 2.65 29.56 -8.81
CA PHE C 83 2.32 28.17 -8.56
C PHE C 83 1.12 28.09 -7.65
N ALA C 84 -0.02 27.75 -8.22
CA ALA C 84 -1.24 27.60 -7.45
C ALA C 84 -2.30 26.83 -8.24
N THR C 85 -3.49 26.73 -7.67
CA THR C 85 -4.66 26.29 -8.42
C THR C 85 -5.63 27.44 -8.68
N TYR C 86 -6.25 27.43 -9.85
CA TYR C 86 -7.11 28.53 -10.27
C TYR C 86 -8.55 28.06 -10.53
N TYR C 87 -9.51 28.83 -10.02
CA TYR C 87 -10.92 28.48 -10.14
C TYR C 87 -11.71 29.62 -10.78
N CYS C 88 -12.74 29.27 -11.55
CA CYS C 88 -13.68 30.26 -12.04
C CYS C 88 -15.02 30.15 -11.32
N GLN C 89 -15.65 31.29 -11.06
CA GLN C 89 -16.87 31.35 -10.24
C GLN C 89 -17.95 32.19 -10.91
N GLN C 90 -19.11 32.28 -10.27
CA GLN C 90 -20.21 33.12 -10.76
C GLN C 90 -20.73 34.09 -9.69
N HIS C 91 -21.39 35.15 -10.13
CA HIS C 91 -21.97 36.13 -9.22
C HIS C 91 -23.48 36.08 -9.21
N GLN C 92 -24.10 36.95 -8.40
CA GLN C 92 -25.51 36.83 -8.03
C GLN C 92 -25.82 35.58 -7.18
N TYR C 93 -26.08 35.79 -5.89
CA TYR C 93 -26.06 34.71 -4.90
C TYR C 93 -26.97 33.56 -5.28
N ASN C 94 -26.90 32.47 -4.53
CA ASN C 94 -27.80 31.33 -4.71
C ASN C 94 -27.79 30.80 -6.13
N SER C 95 -26.68 31.04 -6.82
CA SER C 95 -26.52 30.59 -8.20
C SER C 95 -25.04 30.58 -8.54
N LEU C 96 -24.21 30.83 -7.54
CA LEU C 96 -22.76 30.84 -7.71
C LEU C 96 -22.20 29.43 -7.79
N ILE C 97 -21.49 29.14 -8.88
CA ILE C 97 -20.95 27.80 -9.12
C ILE C 97 -19.47 27.85 -9.46
N PHE C 98 -18.68 27.03 -8.78
CA PHE C 98 -17.24 26.97 -8.99
C PHE C 98 -16.89 26.09 -10.18
N GLY C 99 -15.69 26.28 -10.71
CA GLY C 99 -15.20 25.46 -11.82
C GLY C 99 -14.37 24.28 -11.33
N GLN C 100 -13.98 23.42 -12.25
CA GLN C 100 -13.24 22.22 -11.91
C GLN C 100 -11.90 22.55 -11.22
N GLY C 101 -11.21 23.55 -11.74
CA GLY C 101 -9.92 23.95 -11.18
C GLY C 101 -8.76 23.63 -12.11
N THR C 102 -7.81 24.56 -12.23
CA THR C 102 -6.63 24.33 -13.04
C THR C 102 -5.37 24.41 -12.22
N LYS C 103 -4.59 23.34 -12.25
CA LYS C 103 -3.32 23.30 -11.52
C LYS C 103 -2.18 23.83 -12.41
N VAL C 104 -1.56 24.91 -11.97
CA VAL C 104 -0.51 25.56 -12.75
C VAL C 104 0.86 25.22 -12.17
N GLU C 105 1.72 24.64 -12.99
CA GLU C 105 3.06 24.27 -12.56
C GLU C 105 4.12 25.04 -13.33
N ILE C 106 5.18 25.43 -12.63
CA ILE C 106 6.29 26.13 -13.25
C ILE C 106 7.29 25.15 -13.85
N LYS C 107 7.51 25.29 -15.16
CA LYS C 107 8.59 24.60 -15.84
C LYS C 107 9.91 25.35 -15.64
N ARG C 108 10.99 24.60 -15.46
CA ARG C 108 12.31 25.21 -15.23
C ARG C 108 13.44 24.24 -15.55
N THR C 109 14.68 24.72 -15.42
CA THR C 109 15.85 23.92 -15.76
C THR C 109 15.92 22.69 -14.87
N VAL C 110 16.44 21.60 -15.42
CA VAL C 110 16.57 20.35 -14.69
C VAL C 110 17.43 20.52 -13.44
N ALA C 111 17.04 19.87 -12.36
CA ALA C 111 17.84 19.85 -11.14
C ALA C 111 17.85 18.47 -10.49
N ALA C 112 19.04 17.95 -10.23
CA ALA C 112 19.20 16.64 -9.62
C ALA C 112 19.00 16.69 -8.11
N PRO C 113 18.24 15.75 -7.57
CA PRO C 113 17.96 15.70 -6.14
C PRO C 113 19.26 15.57 -5.35
N SER C 114 19.29 16.17 -4.17
CA SER C 114 20.28 15.79 -3.17
C SER C 114 19.75 14.65 -2.31
N VAL C 115 20.27 13.45 -2.53
CA VAL C 115 19.79 12.28 -1.80
C VAL C 115 20.46 12.13 -0.44
N PHE C 116 19.64 11.89 0.58
CA PHE C 116 20.14 11.65 1.92
C PHE C 116 19.46 10.43 2.52
N ILE C 117 20.21 9.67 3.31
CA ILE C 117 19.67 8.49 3.96
C ILE C 117 19.65 8.64 5.47
N PHE C 118 18.56 8.19 6.09
CA PHE C 118 18.40 8.30 7.53
C PHE C 118 18.06 6.95 8.12
N PRO C 119 18.96 6.42 8.96
CA PRO C 119 18.70 5.21 9.74
C PRO C 119 17.78 5.51 10.92
N PRO C 120 16.95 4.53 11.30
CA PRO C 120 15.95 4.74 12.34
C PRO C 120 16.58 5.04 13.69
N SER C 121 16.01 6.00 14.41
CA SER C 121 16.54 6.42 15.71
C SER C 121 16.44 5.29 16.73
N ASP C 122 17.33 5.32 17.73
CA ASP C 122 17.24 4.38 18.83
C ASP C 122 15.93 4.55 19.58
N GLU C 123 15.47 5.79 19.68
CA GLU C 123 14.26 6.12 20.40
C GLU C 123 13.05 5.41 19.79
N GLN C 124 13.04 5.31 18.46
CA GLN C 124 11.98 4.58 17.75
C GLN C 124 12.19 3.07 17.85
N LEU C 125 13.44 2.64 17.73
CA LEU C 125 13.77 1.22 17.84
C LEU C 125 13.33 0.65 19.18
N LYS C 126 13.27 1.52 20.19
CA LYS C 126 12.76 1.14 21.49
C LYS C 126 11.29 0.77 21.41
N SER C 127 10.55 1.48 20.56
CA SER C 127 9.10 1.32 20.48
C SER C 127 8.69 -0.05 19.95
N GLY C 128 9.36 -0.49 18.89
CA GLY C 128 9.11 -1.81 18.32
C GLY C 128 9.13 -1.79 16.80
N THR C 129 9.28 -0.61 16.23
CA THR C 129 9.36 -0.47 14.78
C THR C 129 10.52 0.42 14.37
N ALA C 130 10.95 0.28 13.12
CA ALA C 130 12.03 1.10 12.58
C ALA C 130 11.58 1.76 11.29
N SER C 131 12.06 2.98 11.06
CA SER C 131 11.70 3.72 9.87
C SER C 131 12.92 4.33 9.19
N VAL C 132 13.22 3.85 7.99
CA VAL C 132 14.31 4.39 7.19
C VAL C 132 13.80 5.46 6.23
N VAL C 133 14.39 6.65 6.29
CA VAL C 133 13.92 7.78 5.49
C VAL C 133 14.89 8.12 4.35
N CYS C 134 14.36 8.26 3.15
CA CYS C 134 15.18 8.64 2.01
C CYS C 134 14.72 9.99 1.52
N LEU C 135 15.57 10.99 1.69
CA LEU C 135 15.23 12.36 1.34
C LEU C 135 15.80 12.75 -0.02
N LEU C 136 14.92 13.15 -0.94
CA LEU C 136 15.36 13.82 -2.16
C LEU C 136 15.13 15.31 -2.05
N ASN C 137 16.21 16.08 -2.04
CA ASN C 137 16.14 17.51 -1.75
C ASN C 137 16.29 18.37 -3.01
N ASN C 138 15.24 19.13 -3.32
CA ASN C 138 15.29 20.17 -4.34
C ASN C 138 15.71 19.69 -5.72
N PHE C 139 14.74 19.18 -6.47
CA PHE C 139 15.00 18.65 -7.81
C PHE C 139 13.95 19.11 -8.82
N TYR C 140 14.13 18.71 -10.07
CA TYR C 140 13.16 18.98 -11.11
C TYR C 140 13.47 18.13 -12.33
N PRO C 141 12.43 17.52 -12.93
CA PRO C 141 11.04 17.75 -12.59
C PRO C 141 10.54 16.82 -11.49
N ARG C 142 9.23 16.80 -11.28
CA ARG C 142 8.63 16.02 -10.22
C ARG C 142 8.76 14.52 -10.50
N GLU C 143 9.14 14.19 -11.73
CA GLU C 143 9.22 12.79 -12.15
C GLU C 143 10.48 12.11 -11.62
N ALA C 144 10.42 11.68 -10.36
CA ALA C 144 11.53 10.99 -9.73
C ALA C 144 11.09 9.65 -9.11
N LYS C 145 11.98 8.66 -9.22
CA LYS C 145 11.68 7.32 -8.73
C LYS C 145 12.61 6.89 -7.61
N VAL C 146 12.05 6.30 -6.57
CA VAL C 146 12.82 5.84 -5.42
C VAL C 146 12.52 4.37 -5.11
N GLN C 147 13.54 3.53 -5.27
CA GLN C 147 13.43 2.11 -4.95
C GLN C 147 14.19 1.76 -3.68
N TRP C 148 13.59 0.89 -2.86
CA TRP C 148 14.21 0.47 -1.61
C TRP C 148 14.84 -0.87 -1.76
N LYS C 149 16.02 -1.04 -1.15
CA LYS C 149 16.75 -2.29 -1.24
C LYS C 149 17.45 -2.66 0.06
N VAL C 150 16.89 -3.62 0.77
CA VAL C 150 17.50 -4.13 2.00
C VAL C 150 18.27 -5.41 1.71
N ASP C 151 19.60 -5.33 1.87
CA ASP C 151 20.48 -6.43 1.48
C ASP C 151 20.19 -6.88 0.05
N ASN C 152 20.16 -5.92 -0.87
CA ASN C 152 19.93 -6.20 -2.29
C ASN C 152 18.51 -6.67 -2.63
N ALA C 153 17.68 -6.82 -1.60
CA ALA C 153 16.30 -7.23 -1.80
C ALA C 153 15.40 -6.02 -2.00
N LEU C 154 14.82 -5.92 -3.20
CA LEU C 154 13.93 -4.82 -3.53
C LEU C 154 12.61 -4.88 -2.75
N GLN C 155 12.50 -4.03 -1.74
CA GLN C 155 11.26 -3.90 -0.98
C GLN C 155 10.15 -3.23 -1.81
N ALA C 156 8.96 -3.81 -1.75
CA ALA C 156 7.80 -3.24 -2.43
C ALA C 156 6.54 -3.44 -1.61
N GLY C 157 5.79 -2.36 -1.39
CA GLY C 157 4.54 -2.43 -0.66
C GLY C 157 4.66 -2.00 0.79
N ASN C 158 5.88 -1.69 1.23
CA ASN C 158 6.12 -1.31 2.61
C ASN C 158 6.69 0.10 2.80
N SER C 159 6.58 0.92 1.76
CA SER C 159 7.15 2.28 1.77
C SER C 159 6.15 3.29 1.23
N GLN C 160 6.25 4.53 1.71
CA GLN C 160 5.32 5.59 1.32
C GLN C 160 6.07 6.87 0.97
N GLU C 161 5.80 7.39 -0.22
CA GLU C 161 6.46 8.62 -0.67
C GLU C 161 5.59 9.84 -0.34
N SER C 162 6.23 11.02 -0.32
CA SER C 162 5.52 12.28 -0.15
C SER C 162 6.32 13.45 -0.71
N VAL C 163 5.68 14.25 -1.55
CA VAL C 163 6.38 15.31 -2.25
C VAL C 163 5.81 16.66 -1.87
N THR C 164 6.69 17.60 -1.53
CA THR C 164 6.27 18.96 -1.21
C THR C 164 5.70 19.67 -2.42
N GLU C 165 4.93 20.72 -2.17
CA GLU C 165 4.47 21.60 -3.23
C GLU C 165 5.63 22.37 -3.81
N GLN C 166 5.59 22.59 -5.12
CA GLN C 166 6.66 23.30 -5.82
C GLN C 166 7.08 24.59 -5.10
N ASP C 167 8.37 24.78 -4.94
CA ASP C 167 8.91 25.92 -4.20
C ASP C 167 8.58 27.22 -4.93
N SER C 168 8.44 28.30 -4.17
CA SER C 168 8.10 29.59 -4.74
C SER C 168 9.32 30.50 -4.85
N LYS C 169 10.50 29.92 -4.75
CA LYS C 169 11.73 30.67 -4.89
C LYS C 169 12.58 30.13 -6.04
N ASP C 170 12.50 28.83 -6.27
CA ASP C 170 13.31 28.18 -7.30
C ASP C 170 12.54 27.09 -8.06
N SER C 171 11.32 26.83 -7.61
CA SER C 171 10.41 25.91 -8.31
C SER C 171 10.94 24.47 -8.31
N THR C 172 11.48 24.05 -7.18
CA THR C 172 12.02 22.69 -7.05
C THR C 172 11.20 21.87 -6.05
N TYR C 173 11.00 20.60 -6.38
CA TYR C 173 10.29 19.67 -5.50
C TYR C 173 11.24 18.95 -4.55
N SER C 174 10.71 18.53 -3.40
CA SER C 174 11.47 17.69 -2.47
C SER C 174 10.66 16.47 -2.08
N LEU C 175 11.29 15.30 -2.15
CA LEU C 175 10.58 14.04 -1.96
C LEU C 175 11.04 13.35 -0.70
N SER C 176 10.14 12.61 -0.06
CA SER C 176 10.48 11.88 1.14
C SER C 176 9.88 10.48 1.12
N SER C 177 10.75 9.48 1.12
CA SER C 177 10.31 8.09 1.15
C SER C 177 10.50 7.50 2.53
N THR C 178 9.42 6.98 3.09
CA THR C 178 9.47 6.35 4.41
C THR C 178 9.36 4.84 4.29
N LEU C 179 10.41 4.14 4.67
CA LEU C 179 10.40 2.69 4.71
C LEU C 179 10.17 2.19 6.13
N THR C 180 9.00 1.60 6.35
CA THR C 180 8.63 1.16 7.69
C THR C 180 8.77 -0.35 7.85
N LEU C 181 9.53 -0.77 8.85
CA LEU C 181 9.72 -2.19 9.16
C LEU C 181 9.49 -2.47 10.65
N SER C 182 9.39 -3.74 10.99
CA SER C 182 9.40 -4.16 12.39
C SER C 182 10.82 -4.20 12.94
N LYS C 183 10.95 -4.01 14.26
CA LYS C 183 12.26 -4.03 14.90
C LYS C 183 12.99 -5.32 14.58
N ALA C 184 12.26 -6.44 14.66
CA ALA C 184 12.84 -7.74 14.42
C ALA C 184 13.40 -7.84 13.00
N ASP C 185 12.62 -7.34 12.03
CA ASP C 185 13.02 -7.39 10.63
C ASP C 185 14.15 -6.41 10.33
N TYR C 186 14.22 -5.33 11.09
CA TYR C 186 15.32 -4.39 10.97
C TYR C 186 16.63 -4.98 11.49
N GLU C 187 16.53 -5.78 12.54
CA GLU C 187 17.70 -6.41 13.12
C GLU C 187 18.26 -7.49 12.19
N LYS C 188 17.37 -8.08 11.40
CA LYS C 188 17.70 -9.29 10.64
C LYS C 188 18.47 -8.98 9.36
N HIS C 189 18.85 -7.71 9.18
CA HIS C 189 19.55 -7.30 7.96
C HIS C 189 20.61 -6.26 8.24
N LYS C 190 21.50 -6.07 7.28
CA LYS C 190 22.65 -5.20 7.48
C LYS C 190 22.61 -3.96 6.60
N VAL C 191 22.66 -4.17 5.28
CA VAL C 191 22.77 -3.07 4.32
C VAL C 191 21.39 -2.54 3.89
N TYR C 192 21.12 -1.30 4.25
CA TYR C 192 19.91 -0.61 3.83
C TYR C 192 20.26 0.50 2.85
N ALA C 193 19.64 0.47 1.68
CA ALA C 193 19.95 1.45 0.64
C ALA C 193 18.69 1.92 -0.09
N CYS C 194 18.62 3.20 -0.40
CA CYS C 194 17.60 3.71 -1.32
C CYS C 194 18.18 4.18 -2.65
N GLU C 195 17.57 3.73 -3.74
CA GLU C 195 18.12 3.96 -5.08
C GLU C 195 17.27 4.93 -5.87
N VAL C 196 17.87 6.05 -6.25
CA VAL C 196 17.13 7.14 -6.88
C VAL C 196 17.39 7.20 -8.38
N THR C 197 16.32 7.07 -9.15
CA THR C 197 16.39 7.29 -10.58
C THR C 197 15.69 8.60 -10.93
N HIS C 198 16.42 9.50 -11.60
CA HIS C 198 15.86 10.80 -11.98
C HIS C 198 16.49 11.32 -13.23
N GLN C 199 15.79 12.23 -13.90
CA GLN C 199 16.28 12.80 -15.16
C GLN C 199 17.57 13.58 -14.94
N GLY C 200 17.63 14.30 -13.83
CA GLY C 200 18.79 15.14 -13.52
C GLY C 200 20.05 14.32 -13.26
N LEU C 201 19.86 13.04 -12.96
CA LEU C 201 20.98 12.12 -12.75
C LEU C 201 21.27 11.32 -14.01
N SER C 202 22.54 11.32 -14.42
CA SER C 202 22.96 10.57 -15.59
C SER C 202 23.00 9.08 -15.30
N SER C 203 22.92 8.73 -14.03
CA SER C 203 22.90 7.34 -13.59
C SER C 203 22.24 7.22 -12.22
N PRO C 204 21.54 6.10 -11.98
CA PRO C 204 20.85 5.89 -10.71
C PRO C 204 21.79 6.01 -9.51
N VAL C 205 21.44 6.90 -8.58
CA VAL C 205 22.27 7.14 -7.41
C VAL C 205 21.71 6.42 -6.18
N THR C 206 22.58 5.72 -5.47
CA THR C 206 22.16 4.92 -4.32
C THR C 206 22.87 5.37 -3.06
N LYS C 207 22.10 5.56 -1.99
CA LYS C 207 22.68 5.86 -0.67
C LYS C 207 22.34 4.75 0.33
N SER C 208 23.35 4.33 1.09
CA SER C 208 23.23 3.14 1.92
C SER C 208 23.86 3.31 3.30
N PHE C 209 23.44 2.48 4.24
CA PHE C 209 24.09 2.40 5.54
C PHE C 209 24.02 0.96 6.05
N ASN C 210 24.43 0.76 7.31
CA ASN C 210 24.54 -0.58 7.86
C ASN C 210 23.97 -0.72 9.27
N ARG C 211 23.85 -1.97 9.74
CA ARG C 211 23.37 -2.25 11.08
C ARG C 211 21.85 -2.25 11.16
N VAL D 2 1.43 -52.52 2.79
CA VAL D 2 1.43 -52.25 4.26
C VAL D 2 0.51 -51.08 4.62
N GLN D 3 -0.54 -51.36 5.39
CA GLN D 3 -1.52 -50.34 5.74
C GLN D 3 -1.85 -50.36 7.23
N LEU D 4 -2.18 -49.20 7.78
CA LEU D 4 -2.68 -49.10 9.14
C LEU D 4 -4.03 -48.40 9.15
N VAL D 5 -5.10 -49.20 9.12
CA VAL D 5 -6.45 -48.65 9.11
C VAL D 5 -7.00 -48.55 10.53
N GLU D 6 -7.33 -47.33 10.94
CA GLU D 6 -7.78 -47.08 12.31
C GLU D 6 -9.23 -46.64 12.36
N SER D 7 -9.87 -46.84 13.51
CA SER D 7 -11.26 -46.43 13.72
C SER D 7 -11.59 -46.32 15.20
N GLY D 8 -12.79 -45.83 15.50
CA GLY D 8 -13.29 -45.81 16.87
C GLY D 8 -13.59 -44.42 17.36
N GLY D 9 -13.08 -43.41 16.66
CA GLY D 9 -13.23 -42.02 17.07
C GLY D 9 -14.65 -41.52 16.91
N GLY D 10 -14.99 -40.47 17.66
CA GLY D 10 -16.32 -39.88 17.60
C GLY D 10 -16.54 -38.91 18.74
N LEU D 11 -17.79 -38.50 18.93
CA LEU D 11 -18.15 -37.62 20.05
C LEU D 11 -18.26 -38.42 21.35
N VAL D 12 -17.88 -37.80 22.46
CA VAL D 12 -17.93 -38.46 23.76
C VAL D 12 -17.91 -37.44 24.91
N GLN D 13 -18.83 -37.61 25.85
CA GLN D 13 -18.92 -36.72 27.00
C GLN D 13 -17.63 -36.73 27.81
N PRO D 14 -17.19 -35.56 28.29
CA PRO D 14 -16.01 -35.44 29.13
C PRO D 14 -16.15 -36.21 30.44
N GLY D 15 -15.10 -36.94 30.82
CA GLY D 15 -15.19 -37.90 31.91
C GLY D 15 -15.50 -39.31 31.43
N GLY D 16 -16.07 -39.41 30.23
CA GLY D 16 -16.39 -40.71 29.64
C GLY D 16 -15.22 -41.33 28.92
N SER D 17 -15.43 -42.54 28.40
CA SER D 17 -14.34 -43.32 27.82
C SER D 17 -14.61 -43.66 26.35
N LEU D 18 -13.58 -44.14 25.67
CA LEU D 18 -13.67 -44.47 24.26
C LEU D 18 -12.38 -45.16 23.82
N ARG D 19 -12.52 -46.19 23.00
CA ARG D 19 -11.36 -46.96 22.57
C ARG D 19 -11.11 -46.82 21.08
N LEU D 20 -9.84 -46.70 20.71
CA LEU D 20 -9.46 -46.60 19.31
C LEU D 20 -8.81 -47.89 18.82
N SER D 21 -9.18 -48.31 17.62
CA SER D 21 -8.68 -49.56 17.05
C SER D 21 -7.80 -49.30 15.84
N CYS D 22 -6.52 -49.66 15.96
CA CYS D 22 -5.57 -49.51 14.86
C CYS D 22 -5.23 -50.86 14.25
N ALA D 23 -5.92 -51.21 13.17
CA ALA D 23 -5.72 -52.49 12.51
C ALA D 23 -4.51 -52.45 11.56
N ALA D 24 -3.68 -53.49 11.65
CA ALA D 24 -2.46 -53.55 10.84
C ALA D 24 -2.63 -54.49 9.65
N SER D 25 -1.89 -54.20 8.58
CA SER D 25 -1.96 -55.02 7.36
C SER D 25 -0.60 -55.08 6.66
N GLY D 26 -0.09 -56.30 6.47
CA GLY D 26 1.12 -56.51 5.68
C GLY D 26 2.37 -56.66 6.54
N PHE D 27 2.18 -56.77 7.85
CA PHE D 27 3.29 -57.04 8.77
C PHE D 27 2.79 -57.61 10.10
N ASN D 28 3.69 -58.28 10.82
CA ASN D 28 3.38 -58.81 12.14
C ASN D 28 3.72 -57.83 13.25
N VAL D 29 2.70 -57.34 13.94
CA VAL D 29 2.88 -56.37 15.01
C VAL D 29 3.76 -56.92 16.13
N TYR D 30 3.81 -58.24 16.23
CA TYR D 30 4.52 -58.90 17.32
C TYR D 30 6.02 -58.60 17.30
N TYR D 31 6.51 -58.11 16.16
CA TYR D 31 7.94 -57.85 15.97
C TYR D 31 8.27 -56.37 15.99
N SER D 32 7.31 -55.54 15.58
CA SER D 32 7.55 -54.10 15.46
C SER D 32 7.00 -53.33 16.66
N SER D 33 6.71 -52.05 16.45
CA SER D 33 6.30 -51.17 17.54
C SER D 33 5.28 -50.13 17.05
N ILE D 34 4.16 -50.03 17.76
CA ILE D 34 3.07 -49.15 17.35
C ILE D 34 2.88 -47.97 18.32
N HIS D 35 2.82 -46.77 17.76
CA HIS D 35 2.64 -45.55 18.57
C HIS D 35 1.32 -44.89 18.29
N TRP D 36 0.86 -44.11 19.27
CA TRP D 36 -0.27 -43.22 19.06
C TRP D 36 0.16 -41.77 19.16
N VAL D 37 -0.05 -41.04 18.08
CA VAL D 37 0.26 -39.61 18.06
C VAL D 37 -0.95 -38.79 17.64
N ARG D 38 -1.41 -37.92 18.53
CA ARG D 38 -2.60 -37.11 18.27
C ARG D 38 -2.24 -35.68 17.87
N GLN D 39 -3.24 -34.91 17.45
CA GLN D 39 -3.04 -33.55 16.99
C GLN D 39 -4.29 -32.71 17.22
N ALA D 40 -4.23 -31.80 18.19
CA ALA D 40 -5.33 -30.90 18.47
C ALA D 40 -5.58 -29.99 17.27
N PRO D 41 -6.84 -29.59 17.06
CA PRO D 41 -7.21 -28.79 15.89
C PRO D 41 -6.37 -27.51 15.82
N GLY D 42 -5.61 -27.36 14.73
CA GLY D 42 -4.79 -26.17 14.52
C GLY D 42 -3.60 -26.11 15.46
N LYS D 43 -3.11 -27.27 15.88
CA LYS D 43 -1.95 -27.36 16.78
C LYS D 43 -0.89 -28.29 16.22
N GLY D 44 0.19 -28.45 16.98
CA GLY D 44 1.31 -29.29 16.55
C GLY D 44 1.03 -30.77 16.75
N LEU D 45 2.02 -31.60 16.41
CA LEU D 45 1.93 -33.03 16.68
C LEU D 45 2.32 -33.36 18.11
N GLU D 46 1.59 -34.28 18.72
CA GLU D 46 1.90 -34.72 20.08
C GLU D 46 1.91 -36.25 20.21
N TRP D 47 3.08 -36.79 20.52
CA TRP D 47 3.20 -38.21 20.81
C TRP D 47 2.50 -38.54 22.10
N VAL D 48 1.71 -39.62 22.09
CA VAL D 48 0.88 -39.98 23.23
C VAL D 48 1.27 -41.34 23.83
N ALA D 49 1.19 -42.40 23.03
CA ALA D 49 1.29 -43.76 23.54
C ALA D 49 2.31 -44.60 22.77
N TYR D 50 2.75 -45.68 23.40
CA TYR D 50 3.70 -46.60 22.78
C TYR D 50 3.38 -48.03 23.19
N ILE D 51 3.58 -48.97 22.27
CA ILE D 51 3.50 -50.39 22.61
C ILE D 51 4.37 -51.26 21.71
N SER D 52 4.96 -52.29 22.31
CA SER D 52 5.61 -53.35 21.55
C SER D 52 5.31 -54.70 22.16
N PRO D 53 4.46 -55.50 21.49
CA PRO D 53 4.08 -56.83 21.98
C PRO D 53 5.26 -57.79 22.00
N SER D 54 6.36 -57.41 21.35
CA SER D 54 7.62 -58.13 21.48
C SER D 54 8.11 -58.11 22.92
N SER D 55 8.52 -56.95 23.39
CA SER D 55 9.01 -56.80 24.76
C SER D 55 7.86 -56.80 25.77
N GLY D 56 6.76 -56.17 25.41
CA GLY D 56 5.61 -56.07 26.30
C GLY D 56 5.61 -54.79 27.13
N SER D 57 6.57 -53.92 26.86
CA SER D 57 6.66 -52.63 27.56
C SER D 57 5.76 -51.57 26.91
N THR D 58 5.21 -50.69 27.73
CA THR D 58 4.37 -49.59 27.25
C THR D 58 4.74 -48.28 27.93
N TYR D 59 4.71 -47.19 27.17
CA TYR D 59 4.98 -45.87 27.73
C TYR D 59 3.93 -44.84 27.32
N TYR D 60 3.68 -43.88 28.20
CA TYR D 60 2.64 -42.88 28.01
C TYR D 60 3.21 -41.48 28.20
N ALA D 61 2.57 -40.50 27.59
CA ALA D 61 2.90 -39.09 27.85
C ALA D 61 2.34 -38.65 29.20
N ASP D 62 2.81 -37.50 29.69
CA ASP D 62 2.43 -37.01 31.00
C ASP D 62 0.97 -36.57 31.03
N SER D 63 0.50 -36.04 29.92
CA SER D 63 -0.84 -35.46 29.85
C SER D 63 -1.93 -36.54 29.74
N VAL D 64 -1.50 -37.78 29.53
CA VAL D 64 -2.43 -38.89 29.39
C VAL D 64 -2.13 -40.02 30.38
N LYS D 65 -1.06 -39.84 31.15
CA LYS D 65 -0.61 -40.88 32.08
C LYS D 65 -1.65 -41.14 33.17
N GLY D 66 -2.00 -42.41 33.36
CA GLY D 66 -2.99 -42.79 34.36
C GLY D 66 -4.39 -42.88 33.81
N ARG D 67 -4.61 -42.30 32.64
CA ARG D 67 -5.94 -42.25 32.05
C ARG D 67 -6.02 -43.11 30.79
N PHE D 68 -4.90 -43.22 30.08
CA PHE D 68 -4.85 -43.98 28.83
C PHE D 68 -4.22 -45.36 29.04
N THR D 69 -4.73 -46.35 28.31
CA THR D 69 -4.23 -47.71 28.41
C THR D 69 -4.08 -48.35 27.04
N ILE D 70 -2.86 -48.35 26.53
CA ILE D 70 -2.60 -48.89 25.20
C ILE D 70 -2.33 -50.39 25.24
N SER D 71 -3.25 -51.17 24.69
CA SER D 71 -3.09 -52.61 24.58
C SER D 71 -2.79 -53.04 23.15
N ALA D 72 -2.58 -54.34 22.94
CA ALA D 72 -2.36 -54.87 21.60
C ALA D 72 -2.76 -56.35 21.52
N ASP D 73 -3.47 -56.70 20.45
CA ASP D 73 -3.85 -58.10 20.20
C ASP D 73 -3.14 -58.63 18.96
N THR D 74 -2.14 -59.48 19.15
CA THR D 74 -1.38 -60.04 18.05
C THR D 74 -2.20 -61.10 17.32
N SER D 75 -3.31 -61.50 17.92
CA SER D 75 -4.21 -62.49 17.33
C SER D 75 -4.88 -61.95 16.07
N LYS D 76 -5.39 -60.72 16.16
CA LYS D 76 -6.01 -60.07 15.03
C LYS D 76 -5.07 -59.03 14.40
N ASN D 77 -3.84 -58.98 14.92
CA ASN D 77 -2.83 -58.04 14.46
C ASN D 77 -3.29 -56.58 14.55
N THR D 78 -3.75 -56.18 15.73
CA THR D 78 -4.36 -54.87 15.93
C THR D 78 -3.94 -54.27 17.27
N ALA D 79 -3.51 -53.01 17.25
CA ALA D 79 -3.20 -52.29 18.46
C ALA D 79 -4.38 -51.44 18.92
N TYR D 80 -4.65 -51.46 20.22
CA TYR D 80 -5.79 -50.73 20.79
C TYR D 80 -5.33 -49.63 21.74
N LEU D 81 -6.07 -48.52 21.75
CA LEU D 81 -5.85 -47.46 22.72
C LEU D 81 -7.13 -47.14 23.49
N GLN D 82 -7.15 -47.48 24.77
CA GLN D 82 -8.27 -47.18 25.62
C GLN D 82 -8.10 -45.81 26.26
N MET D 83 -9.01 -44.89 25.92
CA MET D 83 -8.97 -43.55 26.49
C MET D 83 -10.04 -43.39 27.57
N ASN D 84 -9.62 -43.34 28.82
CA ASN D 84 -10.54 -43.19 29.94
C ASN D 84 -10.43 -41.84 30.61
N SER D 85 -11.50 -41.41 31.26
CA SER D 85 -11.56 -40.09 31.87
C SER D 85 -11.14 -39.00 30.89
N LEU D 86 -11.84 -38.94 29.76
CA LEU D 86 -11.49 -38.03 28.69
C LEU D 86 -11.74 -36.58 29.11
N ARG D 87 -10.73 -35.74 28.94
CA ARG D 87 -10.87 -34.31 29.18
C ARG D 87 -11.12 -33.56 27.87
N ALA D 88 -11.54 -32.30 27.99
CA ALA D 88 -11.81 -31.48 26.82
C ALA D 88 -10.55 -31.28 25.97
N GLU D 89 -9.38 -31.33 26.62
CA GLU D 89 -8.11 -31.07 25.94
C GLU D 89 -7.70 -32.24 25.05
N ASP D 90 -8.30 -33.40 25.30
CA ASP D 90 -7.98 -34.59 24.52
C ASP D 90 -8.57 -34.50 23.12
N THR D 91 -9.51 -33.58 22.93
CA THR D 91 -10.13 -33.39 21.62
C THR D 91 -9.07 -33.17 20.56
N ALA D 92 -8.80 -34.22 19.79
CA ALA D 92 -7.75 -34.18 18.78
C ALA D 92 -7.99 -35.21 17.69
N VAL D 93 -7.19 -35.14 16.64
CA VAL D 93 -7.15 -36.19 15.64
C VAL D 93 -6.04 -37.19 15.97
N TYR D 94 -6.41 -38.46 16.11
CA TYR D 94 -5.48 -39.48 16.56
C TYR D 94 -4.97 -40.34 15.41
N TYR D 95 -3.64 -40.39 15.27
CA TYR D 95 -2.99 -41.26 14.30
C TYR D 95 -2.26 -42.40 15.02
N CYS D 96 -2.29 -43.59 14.42
CA CYS D 96 -1.39 -44.66 14.83
C CYS D 96 -0.33 -44.90 13.76
N ALA D 97 0.90 -45.16 14.20
CA ALA D 97 2.01 -45.33 13.27
C ALA D 97 2.97 -46.42 13.72
N ARG D 98 3.60 -47.08 12.75
CA ARG D 98 4.50 -48.20 13.01
C ARG D 98 5.95 -47.76 12.95
N LYS D 99 6.77 -48.30 13.85
CA LYS D 99 8.22 -48.13 13.78
C LYS D 99 8.94 -49.42 14.14
N GLN D 100 9.60 -50.02 13.15
CA GLN D 100 10.32 -51.26 13.35
C GLN D 100 11.60 -51.06 14.14
N TYR D 101 12.06 -52.11 14.80
CA TYR D 101 13.18 -52.02 15.74
C TYR D 101 14.52 -51.90 15.01
N SER D 102 15.41 -51.07 15.55
CA SER D 102 16.78 -50.99 15.07
C SER D 102 17.74 -51.74 16.00
N TYR D 103 18.67 -52.48 15.42
CA TYR D 103 19.55 -53.35 16.20
C TYR D 103 21.00 -52.87 16.15
N TRP D 104 21.20 -51.64 15.69
CA TRP D 104 22.53 -51.07 15.58
C TRP D 104 22.77 -50.04 16.65
N ARG D 105 23.57 -49.03 16.31
CA ARG D 105 23.88 -47.95 17.24
C ARG D 105 23.59 -46.60 16.59
N ASP D 106 22.91 -46.63 15.44
CA ASP D 106 22.50 -45.41 14.76
C ASP D 106 20.99 -45.16 14.89
N SER D 107 20.25 -46.22 15.20
CA SER D 107 18.79 -46.16 15.23
C SER D 107 18.25 -45.63 13.91
N TYR D 108 18.62 -46.28 12.81
CA TYR D 108 18.26 -45.80 11.48
C TYR D 108 16.87 -46.25 11.09
N TRP D 109 15.89 -45.99 11.96
CA TRP D 109 14.49 -46.28 11.66
C TRP D 109 13.56 -45.23 12.21
N ALA D 110 12.60 -44.82 11.40
CA ALA D 110 11.57 -43.87 11.84
C ALA D 110 10.17 -44.44 11.60
N MET D 111 9.16 -43.60 11.79
CA MET D 111 7.77 -44.04 11.69
C MET D 111 7.24 -43.89 10.27
N ASP D 112 7.60 -44.85 9.41
CA ASP D 112 7.42 -44.71 7.98
C ASP D 112 5.94 -44.71 7.59
N TYR D 113 5.20 -45.71 8.07
CA TYR D 113 3.79 -45.85 7.74
C TYR D 113 2.89 -45.39 8.86
N TRP D 114 2.01 -44.45 8.56
CA TRP D 114 1.10 -43.90 9.54
C TRP D 114 -0.29 -44.40 9.31
N GLY D 115 -1.19 -44.09 10.24
CA GLY D 115 -2.60 -44.43 10.08
C GLY D 115 -3.36 -43.42 9.25
N GLN D 116 -4.67 -43.61 9.15
CA GLN D 116 -5.52 -42.72 8.37
C GLN D 116 -5.89 -41.48 9.18
N GLY D 117 -6.02 -41.67 10.50
CA GLY D 117 -6.36 -40.57 11.39
C GLY D 117 -7.84 -40.51 11.70
N THR D 118 -8.18 -40.65 12.97
CA THR D 118 -9.58 -40.61 13.40
C THR D 118 -9.84 -39.47 14.38
N LEU D 119 -11.01 -38.86 14.26
CA LEU D 119 -11.33 -37.66 15.03
C LEU D 119 -12.02 -38.00 16.35
N VAL D 120 -11.44 -37.55 17.44
CA VAL D 120 -12.04 -37.72 18.77
C VAL D 120 -12.44 -36.38 19.37
N THR D 121 -13.74 -36.14 19.45
CA THR D 121 -14.24 -34.90 20.03
C THR D 121 -14.63 -35.11 21.50
N VAL D 122 -14.28 -34.14 22.33
CA VAL D 122 -14.65 -34.20 23.75
C VAL D 122 -15.30 -32.88 24.17
N SER D 123 -16.62 -32.90 24.34
CA SER D 123 -17.37 -31.69 24.68
C SER D 123 -18.65 -31.99 25.41
N SER D 124 -19.10 -31.03 26.23
CA SER D 124 -20.33 -31.18 27.00
C SER D 124 -21.55 -30.97 26.13
N ALA D 125 -21.34 -30.78 24.83
CA ALA D 125 -22.43 -30.41 23.93
C ALA D 125 -23.02 -31.63 23.23
N SER D 126 -24.34 -31.79 23.34
CA SER D 126 -25.04 -32.81 22.57
C SER D 126 -24.93 -32.49 21.10
N THR D 127 -25.00 -33.53 20.26
CA THR D 127 -25.13 -33.33 18.82
C THR D 127 -26.28 -32.37 18.53
N LYS D 128 -26.08 -31.53 17.52
CA LYS D 128 -27.10 -30.57 17.13
C LYS D 128 -26.94 -30.17 15.66
N GLY D 129 -28.05 -30.19 14.93
CA GLY D 129 -28.03 -29.82 13.53
C GLY D 129 -27.80 -28.34 13.34
N PRO D 130 -27.26 -27.94 12.18
CA PRO D 130 -27.01 -26.55 11.79
C PRO D 130 -28.26 -25.90 11.24
N SER D 131 -28.37 -24.60 11.38
CA SER D 131 -29.33 -23.84 10.61
C SER D 131 -28.61 -22.94 9.62
N VAL D 132 -29.16 -22.81 8.42
CA VAL D 132 -28.50 -22.11 7.33
C VAL D 132 -29.19 -20.77 7.02
N PHE D 133 -28.45 -19.67 7.18
CA PHE D 133 -28.95 -18.36 6.80
C PHE D 133 -28.20 -17.79 5.60
N PRO D 134 -28.94 -17.41 4.55
CA PRO D 134 -28.36 -16.98 3.27
C PRO D 134 -27.71 -15.61 3.38
N LEU D 135 -26.42 -15.54 3.04
CA LEU D 135 -25.73 -14.27 2.92
C LEU D 135 -26.00 -13.62 1.55
N ALA D 136 -27.00 -12.73 1.53
CA ALA D 136 -27.57 -12.21 0.29
C ALA D 136 -26.75 -11.06 -0.29
N PRO D 137 -26.42 -11.15 -1.58
CA PRO D 137 -25.59 -10.15 -2.25
C PRO D 137 -26.36 -8.85 -2.50
N SER D 138 -25.96 -7.78 -1.83
CA SER D 138 -26.63 -6.49 -1.98
C SER D 138 -25.82 -5.53 -2.83
N SER D 139 -26.14 -4.24 -2.73
CA SER D 139 -25.42 -3.21 -3.46
C SER D 139 -24.06 -2.96 -2.84
N GLY D 144 -22.84 -3.75 -12.28
CA GLY D 144 -21.73 -3.54 -11.35
C GLY D 144 -20.48 -4.33 -11.73
N GLY D 145 -19.66 -4.63 -10.72
CA GLY D 145 -18.40 -5.36 -10.94
C GLY D 145 -18.57 -6.86 -10.79
N THR D 146 -18.10 -7.40 -9.67
CA THR D 146 -18.28 -8.81 -9.37
C THR D 146 -18.89 -9.01 -7.99
N ALA D 147 -20.14 -9.45 -7.96
CA ALA D 147 -20.88 -9.54 -6.72
C ALA D 147 -20.53 -10.78 -5.91
N ALA D 148 -20.62 -10.67 -4.59
CA ALA D 148 -20.28 -11.77 -3.71
C ALA D 148 -21.47 -12.16 -2.84
N LEU D 149 -21.78 -13.45 -2.82
CA LEU D 149 -22.84 -13.97 -1.97
C LEU D 149 -22.33 -15.14 -1.15
N GLY D 150 -23.17 -15.65 -0.26
CA GLY D 150 -22.82 -16.83 0.54
C GLY D 150 -23.96 -17.30 1.43
N CYS D 151 -23.68 -18.29 2.26
CA CYS D 151 -24.65 -18.75 3.25
C CYS D 151 -23.96 -19.19 4.54
N LEU D 152 -24.68 -19.14 5.65
CA LEU D 152 -24.06 -19.18 6.96
C LEU D 152 -24.55 -20.37 7.78
N VAL D 153 -23.74 -21.43 7.80
CA VAL D 153 -24.08 -22.61 8.59
C VAL D 153 -23.81 -22.38 10.07
N LYS D 154 -24.87 -22.21 10.85
CA LYS D 154 -24.73 -21.71 12.21
C LYS D 154 -25.17 -22.72 13.27
N ASP D 155 -24.45 -22.74 14.38
CA ASP D 155 -24.86 -23.51 15.56
C ASP D 155 -25.07 -24.99 15.26
N TYR D 156 -23.98 -25.71 15.07
CA TYR D 156 -24.02 -27.16 14.96
C TYR D 156 -22.93 -27.82 15.79
N PHE D 157 -23.03 -29.14 15.92
CA PHE D 157 -22.08 -29.93 16.70
C PHE D 157 -22.36 -31.42 16.46
N PRO D 158 -21.29 -32.23 16.43
CA PRO D 158 -19.93 -31.74 16.32
C PRO D 158 -19.55 -31.59 14.86
N GLU D 159 -18.29 -31.24 14.60
CA GLU D 159 -17.81 -31.08 13.24
C GLU D 159 -17.80 -32.43 12.50
N PRO D 160 -17.78 -32.40 11.16
CA PRO D 160 -17.76 -31.19 10.37
C PRO D 160 -18.99 -31.09 9.49
N VAL D 161 -19.12 -29.99 8.76
CA VAL D 161 -20.17 -29.83 7.77
C VAL D 161 -19.55 -29.81 6.38
N THR D 162 -20.21 -30.47 5.44
CA THR D 162 -19.80 -30.41 4.03
C THR D 162 -20.74 -29.54 3.20
N VAL D 163 -20.19 -28.45 2.65
CA VAL D 163 -20.99 -27.46 1.94
C VAL D 163 -20.55 -27.36 0.48
N SER D 164 -21.46 -27.66 -0.43
CA SER D 164 -21.20 -27.49 -1.86
C SER D 164 -22.12 -26.43 -2.46
N TRP D 165 -21.94 -26.16 -3.75
CA TRP D 165 -22.75 -25.16 -4.44
C TRP D 165 -23.37 -25.68 -5.71
N ASN D 166 -24.64 -25.36 -5.91
CA ASN D 166 -25.42 -25.94 -7.00
C ASN D 166 -25.13 -27.42 -7.17
N SER D 167 -25.19 -28.15 -6.06
CA SER D 167 -24.93 -29.59 -6.06
C SER D 167 -23.60 -29.96 -6.72
N GLY D 168 -22.62 -29.08 -6.57
CA GLY D 168 -21.27 -29.37 -7.05
C GLY D 168 -21.00 -28.81 -8.44
N ALA D 169 -22.00 -28.16 -9.02
CA ALA D 169 -21.83 -27.48 -10.30
C ALA D 169 -20.90 -26.27 -10.18
N LEU D 170 -21.31 -25.29 -9.38
CA LEU D 170 -20.50 -24.11 -9.13
C LEU D 170 -19.42 -24.40 -8.10
N THR D 171 -18.16 -24.29 -8.52
CA THR D 171 -17.02 -24.50 -7.64
C THR D 171 -15.96 -23.41 -7.84
N SER D 172 -16.20 -22.54 -8.80
CA SER D 172 -15.23 -21.52 -9.16
C SER D 172 -15.36 -20.29 -8.25
N GLY D 173 -14.30 -19.99 -7.52
CA GLY D 173 -14.27 -18.81 -6.65
C GLY D 173 -14.99 -19.02 -5.34
N VAL D 174 -15.07 -20.27 -4.91
CA VAL D 174 -15.87 -20.65 -3.75
C VAL D 174 -14.99 -20.86 -2.53
N HIS D 175 -15.20 -20.05 -1.50
CA HIS D 175 -14.42 -20.16 -0.28
C HIS D 175 -15.28 -20.57 0.88
N THR D 176 -15.10 -21.80 1.34
CA THR D 176 -15.75 -22.26 2.56
C THR D 176 -14.80 -22.20 3.75
N PHE D 177 -14.96 -21.16 4.55
CA PHE D 177 -14.04 -20.91 5.66
C PHE D 177 -14.05 -22.05 6.65
N PRO D 178 -12.93 -22.22 7.36
CA PRO D 178 -12.82 -23.15 8.48
C PRO D 178 -13.75 -22.80 9.64
N ALA D 179 -14.46 -23.79 10.17
CA ALA D 179 -15.44 -23.55 11.23
C ALA D 179 -14.77 -23.02 12.48
N VAL D 180 -15.50 -22.20 13.23
CA VAL D 180 -14.99 -21.62 14.45
C VAL D 180 -15.91 -21.94 15.62
N LEU D 181 -15.33 -22.37 16.72
CA LEU D 181 -16.11 -22.84 17.85
C LEU D 181 -16.60 -21.66 18.68
N GLN D 182 -17.91 -21.45 18.69
CA GLN D 182 -18.49 -20.27 19.32
C GLN D 182 -18.34 -20.31 20.83
N SER D 183 -18.39 -19.14 21.45
CA SER D 183 -18.34 -19.03 22.90
C SER D 183 -19.44 -19.86 23.55
N SER D 184 -20.49 -20.15 22.79
CA SER D 184 -21.60 -20.97 23.28
C SER D 184 -21.19 -22.43 23.45
N GLY D 185 -20.45 -22.95 22.48
CA GLY D 185 -20.02 -24.35 22.53
C GLY D 185 -20.33 -25.08 21.25
N LEU D 186 -20.90 -24.35 20.28
CA LEU D 186 -21.19 -24.92 18.98
C LEU D 186 -20.30 -24.34 17.89
N TYR D 187 -20.01 -25.14 16.88
CA TYR D 187 -19.26 -24.67 15.72
C TYR D 187 -20.13 -23.84 14.82
N SER D 188 -19.52 -23.18 13.84
CA SER D 188 -20.23 -22.33 12.91
C SER D 188 -19.31 -21.78 11.83
N LEU D 189 -19.65 -22.08 10.57
CA LEU D 189 -18.87 -21.56 9.45
C LEU D 189 -19.74 -20.90 8.38
N SER D 190 -19.09 -20.25 7.42
CA SER D 190 -19.77 -19.63 6.30
C SER D 190 -19.11 -20.03 5.00
N SER D 191 -19.91 -20.18 3.96
CA SER D 191 -19.38 -20.49 2.63
C SER D 191 -19.76 -19.40 1.65
N VAL D 192 -18.77 -18.61 1.24
CA VAL D 192 -19.02 -17.52 0.32
C VAL D 192 -18.59 -17.89 -1.09
N VAL D 193 -19.19 -17.24 -2.08
CA VAL D 193 -18.76 -17.39 -3.45
C VAL D 193 -18.91 -16.08 -4.22
N THR D 194 -17.97 -15.82 -5.12
CA THR D 194 -18.02 -14.62 -5.95
C THR D 194 -18.45 -14.95 -7.38
N VAL D 195 -19.39 -14.15 -7.89
CA VAL D 195 -19.94 -14.34 -9.23
C VAL D 195 -20.20 -12.98 -9.89
N PRO D 196 -20.09 -12.94 -11.23
CA PRO D 196 -20.40 -11.70 -11.97
C PRO D 196 -21.81 -11.21 -11.66
N SER D 197 -21.95 -9.91 -11.46
CA SER D 197 -23.26 -9.34 -11.14
C SER D 197 -24.25 -9.53 -12.28
N SER D 198 -23.74 -9.88 -13.45
CA SER D 198 -24.57 -10.12 -14.63
C SER D 198 -25.41 -11.38 -14.48
N SER D 199 -24.91 -12.32 -13.68
CA SER D 199 -25.55 -13.62 -13.53
C SER D 199 -26.51 -13.66 -12.35
N LEU D 200 -26.64 -12.54 -11.66
CA LEU D 200 -27.59 -12.42 -10.55
C LEU D 200 -29.02 -12.50 -11.05
N GLY D 201 -29.84 -13.32 -10.38
CA GLY D 201 -31.26 -13.43 -10.70
C GLY D 201 -31.55 -14.35 -11.88
N THR D 202 -30.73 -14.25 -12.91
CA THR D 202 -30.87 -15.08 -14.10
C THR D 202 -30.22 -16.44 -13.90
N GLN D 203 -29.30 -16.50 -12.93
CA GLN D 203 -28.69 -17.76 -12.54
C GLN D 203 -28.95 -18.02 -11.05
N THR D 204 -29.49 -19.18 -10.74
CA THR D 204 -29.91 -19.49 -9.38
C THR D 204 -28.81 -20.18 -8.58
N TYR D 205 -28.48 -19.59 -7.42
CA TYR D 205 -27.39 -20.10 -6.59
C TYR D 205 -27.94 -20.77 -5.34
N ILE D 206 -27.56 -22.03 -5.14
CA ILE D 206 -27.99 -22.81 -3.98
C ILE D 206 -26.80 -23.45 -3.27
N CYS D 207 -26.70 -23.20 -1.98
CA CYS D 207 -25.63 -23.81 -1.21
C CYS D 207 -26.11 -25.06 -0.50
N ASN D 208 -25.39 -26.16 -0.71
CA ASN D 208 -25.82 -27.48 -0.26
C ASN D 208 -25.08 -27.92 0.99
N VAL D 209 -25.76 -27.83 2.12
CA VAL D 209 -25.15 -28.13 3.41
C VAL D 209 -25.45 -29.57 3.80
N ASN D 210 -24.46 -30.21 4.45
CA ASN D 210 -24.65 -31.57 4.94
C ASN D 210 -23.88 -31.88 6.22
N HIS D 211 -24.63 -32.08 7.31
CA HIS D 211 -24.05 -32.33 8.62
C HIS D 211 -24.39 -33.72 9.06
N LYS D 212 -23.49 -34.66 8.78
CA LYS D 212 -23.78 -36.09 8.90
C LYS D 212 -23.90 -36.57 10.35
N PRO D 213 -23.17 -35.92 11.27
CA PRO D 213 -23.25 -36.26 12.70
C PRO D 213 -24.66 -36.16 13.26
N SER D 214 -25.44 -35.21 12.76
CA SER D 214 -26.81 -35.00 13.22
C SER D 214 -27.82 -35.37 12.13
N ASN D 215 -27.32 -36.01 11.09
CA ASN D 215 -28.15 -36.46 9.98
C ASN D 215 -29.01 -35.34 9.41
N THR D 216 -28.42 -34.17 9.26
CA THR D 216 -29.12 -33.02 8.71
C THR D 216 -28.55 -32.67 7.35
N LYS D 217 -29.44 -32.44 6.39
CA LYS D 217 -29.02 -31.95 5.08
C LYS D 217 -29.99 -30.89 4.57
N VAL D 218 -29.45 -29.74 4.19
CA VAL D 218 -30.26 -28.58 3.87
C VAL D 218 -29.70 -27.85 2.67
N ASP D 219 -30.47 -27.80 1.59
CA ASP D 219 -30.11 -26.98 0.44
C ASP D 219 -30.83 -25.65 0.51
N LYS D 220 -30.06 -24.57 0.54
CA LYS D 220 -30.64 -23.24 0.68
C LYS D 220 -30.37 -22.38 -0.55
N LYS D 221 -31.39 -21.64 -0.99
CA LYS D 221 -31.27 -20.81 -2.17
C LYS D 221 -30.93 -19.37 -1.80
N VAL D 222 -29.77 -18.90 -2.26
CA VAL D 222 -29.35 -17.54 -2.02
C VAL D 222 -29.81 -16.65 -3.16
N GLU D 223 -30.50 -15.55 -2.82
CA GLU D 223 -31.03 -14.63 -3.81
C GLU D 223 -31.10 -13.20 -3.27
N PRO D 224 -30.82 -12.22 -4.15
CA PRO D 224 -30.70 -10.80 -3.80
C PRO D 224 -31.94 -10.26 -3.10
N ASP E 1 13.39 -35.13 29.32
CA ASP E 1 12.80 -33.86 28.82
C ASP E 1 13.75 -33.14 27.87
N ILE E 2 13.60 -33.42 26.58
CA ILE E 2 14.45 -32.79 25.56
C ILE E 2 13.69 -31.76 24.75
N GLN E 3 14.10 -30.50 24.87
CA GLN E 3 13.44 -29.40 24.18
C GLN E 3 13.83 -29.36 22.71
N MET E 4 12.84 -29.56 21.84
CA MET E 4 13.06 -29.46 20.40
C MET E 4 12.55 -28.13 19.83
N THR E 5 13.45 -27.18 19.66
CA THR E 5 13.10 -25.86 19.15
C THR E 5 13.24 -25.78 17.65
N GLN E 6 12.12 -25.77 16.94
CA GLN E 6 12.14 -25.75 15.48
C GLN E 6 11.98 -24.32 14.96
N SER E 7 13.04 -23.80 14.34
CA SER E 7 13.03 -22.46 13.78
C SER E 7 13.26 -22.47 12.27
N PRO E 8 12.58 -21.58 11.53
CA PRO E 8 11.66 -20.58 12.08
C PRO E 8 10.26 -21.15 12.29
N SER E 9 9.40 -20.38 12.95
CA SER E 9 8.01 -20.77 13.13
C SER E 9 7.33 -21.00 11.79
N SER E 10 7.47 -20.03 10.89
CA SER E 10 7.01 -20.17 9.51
C SER E 10 7.92 -19.42 8.56
N LEU E 11 7.84 -19.76 7.27
CA LEU E 11 8.67 -19.11 6.26
C LEU E 11 7.97 -19.07 4.90
N SER E 12 8.23 -18.01 4.15
CA SER E 12 7.66 -17.86 2.82
C SER E 12 8.78 -17.76 1.80
N ALA E 13 8.69 -18.56 0.74
CA ALA E 13 9.72 -18.54 -0.29
C ALA E 13 9.15 -18.91 -1.66
N SER E 14 9.68 -18.26 -2.70
CA SER E 14 9.22 -18.52 -4.07
C SER E 14 9.58 -19.93 -4.51
N VAL E 15 9.08 -20.32 -5.69
CA VAL E 15 9.38 -21.62 -6.27
C VAL E 15 10.85 -21.73 -6.69
N GLY E 16 11.55 -22.72 -6.16
CA GLY E 16 12.92 -23.02 -6.58
C GLY E 16 13.97 -22.46 -5.63
N ASP E 17 13.53 -21.80 -4.57
CA ASP E 17 14.43 -21.27 -3.55
C ASP E 17 15.05 -22.38 -2.72
N ARG E 18 16.11 -22.05 -1.99
CA ARG E 18 16.73 -22.99 -1.08
C ARG E 18 16.21 -22.81 0.35
N VAL E 19 15.29 -23.68 0.75
CA VAL E 19 14.70 -23.60 2.08
C VAL E 19 15.52 -24.41 3.08
N THR E 20 15.79 -23.80 4.23
CA THR E 20 16.59 -24.46 5.26
C THR E 20 15.94 -24.35 6.63
N ILE E 21 15.20 -25.39 7.02
CA ILE E 21 14.60 -25.44 8.34
C ILE E 21 15.56 -26.03 9.37
N THR E 22 15.65 -25.39 10.53
CA THR E 22 16.58 -25.82 11.56
C THR E 22 15.85 -26.34 12.78
N CYS E 23 16.33 -27.44 13.35
CA CYS E 23 15.77 -28.00 14.57
C CYS E 23 16.86 -28.13 15.64
N ARG E 24 16.83 -27.26 16.64
CA ARG E 24 17.83 -27.26 17.70
C ARG E 24 17.40 -28.10 18.90
N ALA E 25 18.31 -28.94 19.38
CA ALA E 25 18.06 -29.75 20.58
C ALA E 25 18.57 -29.05 21.83
N SER E 26 18.02 -29.44 22.98
CA SER E 26 18.40 -28.83 24.26
C SER E 26 19.78 -29.33 24.71
N GLN E 27 20.19 -30.47 24.20
CA GLN E 27 21.48 -31.06 24.56
C GLN E 27 21.98 -32.00 23.47
N SER E 28 23.08 -32.69 23.75
CA SER E 28 23.59 -33.72 22.86
C SER E 28 22.68 -34.94 22.85
N VAL E 29 22.10 -35.23 21.68
CA VAL E 29 21.14 -36.30 21.56
C VAL E 29 21.40 -37.14 20.32
N SER E 30 22.68 -37.39 20.05
CA SER E 30 23.09 -38.23 18.93
C SER E 30 22.75 -37.58 17.59
N SER E 31 22.39 -38.41 16.61
CA SER E 31 21.98 -37.93 15.30
C SER E 31 20.80 -38.74 14.78
N ALA E 32 19.98 -39.22 15.71
CA ALA E 32 18.80 -40.00 15.36
C ALA E 32 17.55 -39.10 15.26
N VAL E 33 17.53 -38.23 14.26
CA VAL E 33 16.48 -37.22 14.14
C VAL E 33 15.74 -37.37 12.82
N ALA E 34 14.42 -37.21 12.86
CA ALA E 34 13.58 -37.42 11.69
C ALA E 34 12.97 -36.11 11.19
N TRP E 35 12.60 -36.10 9.91
CA TRP E 35 11.89 -34.96 9.34
C TRP E 35 10.64 -35.43 8.66
N TYR E 36 9.49 -34.91 9.12
CA TYR E 36 8.20 -35.27 8.55
C TYR E 36 7.54 -34.09 7.85
N GLN E 37 6.83 -34.38 6.76
CA GLN E 37 6.00 -33.38 6.08
C GLN E 37 4.53 -33.74 6.14
N GLN E 38 3.70 -32.79 6.56
CA GLN E 38 2.26 -33.00 6.68
C GLN E 38 1.49 -31.94 5.89
N LYS E 39 0.76 -32.38 4.89
CA LYS E 39 -0.20 -31.53 4.21
C LYS E 39 -1.51 -31.47 5.00
N PRO E 40 -2.16 -30.29 5.01
CA PRO E 40 -3.35 -30.08 5.83
C PRO E 40 -4.42 -31.12 5.56
N GLY E 41 -4.87 -31.80 6.61
CA GLY E 41 -5.98 -32.74 6.50
C GLY E 41 -5.51 -34.17 6.31
N LYS E 42 -4.26 -34.33 5.88
CA LYS E 42 -3.68 -35.66 5.65
C LYS E 42 -2.83 -36.12 6.82
N ALA E 43 -2.29 -37.33 6.72
CA ALA E 43 -1.40 -37.86 7.73
C ALA E 43 0.04 -37.43 7.43
N PRO E 44 0.85 -37.26 8.49
CA PRO E 44 2.26 -36.91 8.34
C PRO E 44 3.03 -38.01 7.60
N LYS E 45 3.87 -37.61 6.65
CA LYS E 45 4.69 -38.56 5.90
C LYS E 45 6.17 -38.32 6.14
N LEU E 46 6.93 -39.41 6.20
CA LEU E 46 8.35 -39.33 6.52
C LEU E 46 9.15 -38.84 5.33
N LEU E 47 10.05 -37.88 5.59
CA LEU E 47 10.99 -37.41 4.58
C LEU E 47 12.40 -37.92 4.88
N ILE E 48 12.90 -37.60 6.07
CA ILE E 48 14.27 -37.92 6.44
C ILE E 48 14.28 -38.72 7.74
N TYR E 49 15.16 -39.71 7.82
CA TYR E 49 15.43 -40.38 9.09
C TYR E 49 16.93 -40.39 9.43
N SER E 50 17.21 -40.51 10.73
CA SER E 50 18.57 -40.37 11.25
C SER E 50 19.26 -39.09 10.77
N ALA E 51 18.47 -38.06 10.51
CA ALA E 51 18.99 -36.68 10.42
C ALA E 51 19.66 -36.38 9.08
N SER E 52 19.88 -37.42 8.28
CA SER E 52 20.58 -37.25 7.00
C SER E 52 20.20 -38.32 5.96
N SER E 53 19.65 -39.43 6.43
CA SER E 53 19.33 -40.54 5.53
C SER E 53 17.98 -40.33 4.86
N LEU E 54 17.98 -40.32 3.53
CA LEU E 54 16.76 -40.12 2.75
C LEU E 54 15.86 -41.36 2.79
N TYR E 55 14.55 -41.13 2.76
CA TYR E 55 13.58 -42.21 2.65
C TYR E 55 13.22 -42.48 1.20
N SER E 56 12.69 -43.67 0.93
CA SER E 56 12.37 -44.07 -0.44
C SER E 56 11.18 -43.28 -0.98
N GLY E 57 11.26 -42.89 -2.25
CA GLY E 57 10.21 -42.11 -2.88
C GLY E 57 10.42 -40.61 -2.74
N VAL E 58 11.04 -40.21 -1.63
CA VAL E 58 11.28 -38.80 -1.35
C VAL E 58 12.25 -38.19 -2.37
N PRO E 59 11.85 -37.06 -2.98
CA PRO E 59 12.61 -36.43 -4.07
C PRO E 59 14.05 -36.10 -3.68
N SER E 60 14.86 -35.80 -4.68
CA SER E 60 16.28 -35.53 -4.47
C SER E 60 16.50 -34.23 -3.71
N ARG E 61 15.59 -33.28 -3.87
CA ARG E 61 15.77 -31.94 -3.32
C ARG E 61 15.78 -31.93 -1.79
N PHE E 62 15.20 -32.98 -1.19
CA PHE E 62 15.17 -33.11 0.26
C PHE E 62 16.45 -33.72 0.79
N SER E 63 17.17 -32.97 1.60
CA SER E 63 18.42 -33.44 2.19
C SER E 63 18.48 -33.11 3.67
N GLY E 64 19.21 -33.94 4.42
CA GLY E 64 19.35 -33.74 5.86
C GLY E 64 20.81 -33.52 6.27
N SER E 65 21.03 -32.51 7.10
CA SER E 65 22.37 -32.16 7.55
C SER E 65 22.38 -31.92 9.05
N GLY E 66 23.21 -32.69 9.77
CA GLY E 66 23.36 -32.52 11.20
C GLY E 66 24.66 -31.82 11.57
N SER E 67 24.55 -30.76 12.36
CA SER E 67 25.73 -30.02 12.81
C SER E 67 25.59 -29.57 14.26
N GLY E 68 26.42 -30.13 15.13
CA GLY E 68 26.34 -29.85 16.56
C GLY E 68 25.08 -30.41 17.18
N THR E 69 24.29 -29.55 17.82
CA THR E 69 22.96 -29.92 18.28
C THR E 69 21.89 -29.50 17.28
N ASP E 70 22.28 -28.72 16.28
CA ASP E 70 21.35 -28.19 15.28
C ASP E 70 21.24 -29.10 14.07
N PHE E 71 20.04 -29.61 13.83
CA PHE E 71 19.78 -30.39 12.62
C PHE E 71 19.06 -29.53 11.59
N THR E 72 19.20 -29.90 10.32
CA THR E 72 18.76 -29.06 9.22
C THR E 72 18.12 -29.87 8.11
N LEU E 73 16.83 -29.63 7.88
CA LEU E 73 16.18 -30.08 6.66
C LEU E 73 16.34 -29.04 5.56
N THR E 74 16.83 -29.46 4.41
CA THR E 74 17.10 -28.54 3.31
C THR E 74 16.42 -28.97 2.03
N ILE E 75 15.62 -28.07 1.47
CA ILE E 75 15.07 -28.25 0.13
C ILE E 75 15.82 -27.39 -0.88
N SER E 76 16.54 -28.04 -1.78
CA SER E 76 17.36 -27.34 -2.76
C SER E 76 16.50 -26.54 -3.73
N SER E 77 15.57 -27.21 -4.39
CA SER E 77 14.64 -26.54 -5.29
C SER E 77 13.21 -26.65 -4.80
N LEU E 78 12.71 -25.56 -4.21
CA LEU E 78 11.37 -25.55 -3.64
C LEU E 78 10.30 -25.69 -4.72
N GLN E 79 9.28 -26.48 -4.43
CA GLN E 79 8.19 -26.72 -5.37
C GLN E 79 6.87 -26.20 -4.82
N PRO E 80 5.93 -25.86 -5.72
CA PRO E 80 4.62 -25.38 -5.31
C PRO E 80 3.83 -26.43 -4.52
N GLU E 81 4.20 -27.69 -4.71
CA GLU E 81 3.56 -28.78 -3.99
C GLU E 81 4.32 -29.15 -2.71
N ASP E 82 5.19 -28.24 -2.27
CA ASP E 82 5.88 -28.38 -0.99
C ASP E 82 5.22 -27.52 0.09
N PHE E 83 4.10 -26.91 -0.26
CA PHE E 83 3.25 -26.26 0.74
C PHE E 83 2.77 -27.27 1.79
N ALA E 84 3.38 -27.23 2.96
CA ALA E 84 2.97 -28.08 4.08
C ALA E 84 3.63 -27.63 5.38
N THR E 85 3.38 -28.36 6.45
CA THR E 85 4.08 -28.13 7.71
C THR E 85 5.14 -29.21 7.90
N TYR E 86 6.28 -28.81 8.46
CA TYR E 86 7.39 -29.73 8.65
C TYR E 86 7.76 -29.89 10.13
N TYR E 87 7.97 -31.14 10.54
CA TYR E 87 8.28 -31.45 11.94
C TYR E 87 9.59 -32.23 12.06
N CYS E 88 10.35 -31.95 13.12
CA CYS E 88 11.50 -32.78 13.48
C CYS E 88 11.18 -33.71 14.63
N GLN E 89 11.72 -34.94 14.57
CA GLN E 89 11.44 -35.97 15.58
C GLN E 89 12.72 -36.62 16.09
N GLN E 90 12.57 -37.56 17.02
CA GLN E 90 13.70 -38.33 17.54
C GLN E 90 13.43 -39.84 17.47
N HIS E 91 14.52 -40.63 17.51
CA HIS E 91 14.42 -42.08 17.48
C HIS E 91 14.76 -42.72 18.79
N GLN E 92 14.69 -44.04 18.84
CA GLN E 92 14.73 -44.79 20.11
C GLN E 92 13.50 -44.53 20.96
N TYR E 93 12.63 -45.54 21.06
CA TYR E 93 11.27 -45.35 21.59
C TYR E 93 11.26 -44.74 22.98
N ASN E 94 10.08 -44.34 23.44
CA ASN E 94 9.91 -43.85 24.81
C ASN E 94 10.80 -42.65 25.12
N SER E 95 11.24 -41.97 24.06
CA SER E 95 12.07 -40.79 24.19
C SER E 95 11.93 -39.92 22.94
N LEU E 96 11.03 -40.33 22.05
CA LEU E 96 10.78 -39.60 20.80
C LEU E 96 9.96 -38.34 21.05
N ILE E 97 10.50 -37.20 20.62
CA ILE E 97 9.86 -35.91 20.88
C ILE E 97 9.74 -35.11 19.58
N PHE E 98 8.56 -34.54 19.35
CA PHE E 98 8.31 -33.77 18.13
C PHE E 98 8.75 -32.32 18.29
N GLY E 99 8.99 -31.66 17.16
CA GLY E 99 9.34 -30.25 17.17
C GLY E 99 8.12 -29.34 17.11
N GLN E 100 8.35 -28.04 17.23
CA GLN E 100 7.27 -27.06 17.22
C GLN E 100 6.51 -27.09 15.89
N GLY E 101 7.26 -27.16 14.79
CA GLY E 101 6.65 -27.23 13.46
C GLY E 101 6.88 -25.98 12.64
N THR E 102 7.19 -26.16 11.36
CA THR E 102 7.45 -25.03 10.47
C THR E 102 6.49 -24.99 9.29
N LYS E 103 5.71 -23.92 9.21
CA LYS E 103 4.74 -23.74 8.12
C LYS E 103 5.43 -23.13 6.91
N VAL E 104 5.47 -23.87 5.82
CA VAL E 104 6.12 -23.42 4.60
C VAL E 104 5.11 -22.90 3.59
N GLU E 105 5.27 -21.64 3.19
CA GLU E 105 4.36 -21.00 2.26
C GLU E 105 5.07 -20.69 0.95
N ILE E 106 4.37 -20.90 -0.17
CA ILE E 106 4.87 -20.51 -1.48
C ILE E 106 4.55 -19.03 -1.74
N LYS E 107 5.59 -18.19 -1.69
CA LYS E 107 5.42 -16.75 -1.50
C LYS E 107 4.85 -16.07 -2.74
N ARG E 108 4.07 -15.03 -2.52
CA ARG E 108 3.31 -14.39 -3.58
C ARG E 108 3.76 -12.95 -3.81
N THR E 109 2.80 -12.08 -4.09
CA THR E 109 3.00 -10.64 -4.07
C THR E 109 1.86 -9.99 -3.32
N VAL E 110 2.00 -8.72 -2.98
CA VAL E 110 1.02 -8.05 -2.12
C VAL E 110 -0.34 -7.95 -2.81
N ALA E 111 -1.39 -8.38 -2.10
CA ALA E 111 -2.75 -8.33 -2.63
C ALA E 111 -3.73 -7.68 -1.65
N ALA E 112 -4.45 -6.67 -2.12
CA ALA E 112 -5.49 -6.03 -1.33
C ALA E 112 -6.78 -6.85 -1.32
N PRO E 113 -7.34 -7.08 -0.13
CA PRO E 113 -8.57 -7.84 0.01
C PRO E 113 -9.76 -7.08 -0.57
N SER E 114 -10.67 -7.79 -1.22
CA SER E 114 -11.97 -7.24 -1.58
C SER E 114 -12.93 -7.34 -0.40
N VAL E 115 -13.33 -6.19 0.13
CA VAL E 115 -14.14 -6.16 1.35
C VAL E 115 -15.63 -6.16 1.03
N PHE E 116 -16.34 -7.14 1.59
CA PHE E 116 -17.79 -7.22 1.45
C PHE E 116 -18.49 -7.25 2.81
N ILE E 117 -19.61 -6.54 2.92
CA ILE E 117 -20.39 -6.53 4.15
C ILE E 117 -21.73 -7.24 3.93
N PHE E 118 -22.12 -8.06 4.89
CA PHE E 118 -23.38 -8.79 4.81
C PHE E 118 -24.23 -8.52 6.05
N PRO E 119 -25.38 -7.87 5.85
CA PRO E 119 -26.36 -7.68 6.92
C PRO E 119 -27.12 -8.98 7.19
N PRO E 120 -27.55 -9.17 8.45
CA PRO E 120 -28.18 -10.44 8.86
C PRO E 120 -29.46 -10.68 8.09
N SER E 121 -29.69 -11.92 7.67
CA SER E 121 -30.91 -12.27 6.95
C SER E 121 -32.13 -12.17 7.84
N ASP E 122 -33.29 -11.91 7.23
CA ASP E 122 -34.55 -11.88 7.96
C ASP E 122 -34.83 -13.23 8.60
N GLU E 123 -34.49 -14.29 7.87
CA GLU E 123 -34.69 -15.66 8.33
C GLU E 123 -34.00 -15.89 9.67
N GLN E 124 -32.80 -15.36 9.82
CA GLN E 124 -32.07 -15.44 11.09
C GLN E 124 -32.64 -14.47 12.13
N LEU E 125 -33.05 -13.30 11.67
CA LEU E 125 -33.64 -12.31 12.56
C LEU E 125 -34.90 -12.83 13.22
N LYS E 126 -35.60 -13.74 12.54
CA LYS E 126 -36.74 -14.42 13.10
C LYS E 126 -36.35 -15.25 14.32
N SER E 127 -35.17 -15.87 14.25
CA SER E 127 -34.73 -16.81 15.29
C SER E 127 -34.53 -16.13 16.63
N GLY E 128 -33.85 -14.98 16.62
CA GLY E 128 -33.65 -14.20 17.84
C GLY E 128 -32.25 -13.62 17.92
N THR E 129 -31.41 -13.97 16.96
CA THR E 129 -30.06 -13.43 16.88
C THR E 129 -29.73 -12.92 15.47
N ALA E 130 -28.77 -12.01 15.40
CA ALA E 130 -28.32 -11.46 14.12
C ALA E 130 -26.83 -11.61 13.94
N SER E 131 -26.40 -11.84 12.72
CA SER E 131 -25.01 -12.07 12.43
C SER E 131 -24.55 -11.26 11.23
N VAL E 132 -23.73 -10.24 11.49
CA VAL E 132 -23.12 -9.46 10.43
C VAL E 132 -21.80 -10.08 9.97
N VAL E 133 -21.67 -10.28 8.66
CA VAL E 133 -20.49 -10.92 8.12
C VAL E 133 -19.63 -9.91 7.34
N CYS E 134 -18.35 -9.84 7.68
CA CYS E 134 -17.40 -9.09 6.88
C CYS E 134 -16.43 -10.03 6.15
N LEU E 135 -16.49 -10.00 4.82
CA LEU E 135 -15.66 -10.88 3.99
C LEU E 135 -14.51 -10.11 3.37
N LEU E 136 -13.29 -10.58 3.62
CA LEU E 136 -12.11 -10.13 2.88
C LEU E 136 -11.72 -11.19 1.86
N ASN E 137 -11.80 -10.83 0.58
CA ASN E 137 -11.64 -11.81 -0.49
C ASN E 137 -10.28 -11.68 -1.19
N ASN E 138 -9.49 -12.75 -1.11
CA ASN E 138 -8.27 -12.88 -1.92
C ASN E 138 -7.24 -11.77 -1.70
N PHE E 139 -6.45 -11.91 -0.64
CA PHE E 139 -5.45 -10.90 -0.29
C PHE E 139 -4.10 -11.53 0.06
N TYR E 140 -3.08 -10.69 0.21
CA TYR E 140 -1.76 -11.14 0.66
C TYR E 140 -0.99 -9.97 1.27
N PRO E 141 -0.36 -10.18 2.44
CA PRO E 141 -0.23 -11.47 3.10
C PRO E 141 -1.37 -11.75 4.08
N ARG E 142 -1.22 -12.83 4.86
CA ARG E 142 -2.25 -13.24 5.82
C ARG E 142 -2.48 -12.18 6.90
N GLU E 143 -1.50 -11.29 7.08
CA GLU E 143 -1.56 -10.29 8.15
C GLU E 143 -2.60 -9.22 7.85
N ALA E 144 -3.86 -9.53 8.16
CA ALA E 144 -4.94 -8.57 7.96
C ALA E 144 -5.72 -8.36 9.26
N LYS E 145 -6.21 -7.14 9.46
CA LYS E 145 -6.91 -6.80 10.69
C LYS E 145 -8.31 -6.28 10.40
N VAL E 146 -9.30 -6.80 11.12
CA VAL E 146 -10.69 -6.42 10.93
C VAL E 146 -11.28 -5.94 12.24
N GLN E 147 -11.73 -4.68 12.25
CA GLN E 147 -12.39 -4.13 13.43
C GLN E 147 -13.89 -3.94 13.18
N TRP E 148 -14.69 -4.14 14.22
CA TRP E 148 -16.14 -3.97 14.12
C TRP E 148 -16.59 -2.70 14.81
N LYS E 149 -17.41 -1.93 14.12
CA LYS E 149 -17.90 -0.66 14.67
C LYS E 149 -19.40 -0.50 14.45
N VAL E 150 -20.16 -0.62 15.54
CA VAL E 150 -21.61 -0.39 15.49
C VAL E 150 -21.97 1.00 16.03
N ASP E 151 -22.47 1.85 15.15
CA ASP E 151 -22.65 3.26 15.49
C ASP E 151 -21.39 3.84 16.10
N ASN E 152 -20.27 3.70 15.41
CA ASN E 152 -19.00 4.27 15.84
C ASN E 152 -18.43 3.63 17.10
N ALA E 153 -19.18 2.70 17.68
CA ALA E 153 -18.70 1.95 18.84
C ALA E 153 -17.90 0.73 18.41
N LEU E 154 -16.64 0.68 18.82
CA LEU E 154 -15.78 -0.46 18.53
C LEU E 154 -16.18 -1.69 19.33
N GLN E 155 -16.74 -2.68 18.64
CA GLN E 155 -17.13 -3.94 19.26
C GLN E 155 -15.92 -4.85 19.45
N ALA E 156 -15.70 -5.29 20.68
CA ALA E 156 -14.60 -6.21 21.01
C ALA E 156 -15.07 -7.34 21.91
N GLY E 157 -14.86 -8.57 21.47
CA GLY E 157 -15.18 -9.74 22.27
C GLY E 157 -16.41 -10.48 21.79
N ASN E 158 -17.04 -9.96 20.74
CA ASN E 158 -18.28 -10.55 20.23
C ASN E 158 -18.19 -10.91 18.75
N SER E 159 -16.97 -11.03 18.25
CA SER E 159 -16.74 -11.43 16.86
C SER E 159 -15.71 -12.55 16.76
N GLN E 160 -15.79 -13.32 15.66
CA GLN E 160 -14.83 -14.39 15.43
C GLN E 160 -14.38 -14.38 13.98
N GLU E 161 -13.07 -14.43 13.78
CA GLU E 161 -12.49 -14.47 12.44
C GLU E 161 -12.16 -15.89 12.01
N SER E 162 -11.95 -16.09 10.71
CA SER E 162 -11.58 -17.38 10.19
C SER E 162 -10.97 -17.22 8.81
N VAL E 163 -9.79 -17.79 8.61
CA VAL E 163 -9.06 -17.60 7.35
C VAL E 163 -8.83 -18.91 6.61
N THR E 164 -9.11 -18.88 5.31
CA THR E 164 -8.94 -20.06 4.47
C THR E 164 -7.47 -20.41 4.36
N GLU E 165 -7.19 -21.67 4.03
CA GLU E 165 -5.84 -22.07 3.65
C GLU E 165 -5.42 -21.39 2.36
N GLN E 166 -4.12 -21.13 2.22
CA GLN E 166 -3.61 -20.42 1.06
C GLN E 166 -4.04 -21.10 -0.24
N ASP E 167 -4.53 -20.31 -1.18
CA ASP E 167 -5.02 -20.82 -2.45
C ASP E 167 -3.90 -21.49 -3.25
N SER E 168 -4.26 -22.48 -4.05
CA SER E 168 -3.28 -23.24 -4.81
C SER E 168 -3.23 -22.79 -6.27
N LYS E 169 -3.81 -21.63 -6.54
CA LYS E 169 -3.80 -21.07 -7.89
C LYS E 169 -3.15 -19.68 -7.93
N ASP E 170 -3.24 -18.95 -6.83
CA ASP E 170 -2.72 -17.59 -6.77
C ASP E 170 -2.18 -17.26 -5.39
N SER E 171 -2.24 -18.23 -4.49
CA SER E 171 -1.62 -18.09 -3.17
C SER E 171 -2.16 -16.88 -2.40
N THR E 172 -3.48 -16.68 -2.47
CA THR E 172 -4.12 -15.61 -1.71
C THR E 172 -5.00 -16.15 -0.59
N TYR E 173 -5.05 -15.40 0.51
CA TYR E 173 -5.89 -15.75 1.65
C TYR E 173 -7.27 -15.08 1.58
N SER E 174 -8.27 -15.70 2.20
CA SER E 174 -9.58 -15.08 2.36
C SER E 174 -10.04 -15.17 3.81
N LEU E 175 -10.60 -14.08 4.31
CA LEU E 175 -10.90 -13.95 5.74
C LEU E 175 -12.39 -13.69 5.93
N SER E 176 -12.96 -14.30 6.96
CA SER E 176 -14.37 -14.07 7.29
C SER E 176 -14.55 -13.68 8.75
N SER E 177 -15.11 -12.50 8.98
CA SER E 177 -15.40 -12.04 10.33
C SER E 177 -16.90 -12.11 10.60
N THR E 178 -17.28 -12.86 11.62
CA THR E 178 -18.67 -12.98 12.01
C THR E 178 -18.93 -12.18 13.28
N LEU E 179 -19.84 -11.21 13.18
CA LEU E 179 -20.25 -10.42 14.32
C LEU E 179 -21.62 -10.85 14.78
N THR E 180 -21.70 -11.48 15.95
CA THR E 180 -22.94 -12.04 16.45
C THR E 180 -23.57 -11.18 17.54
N LEU E 181 -24.81 -10.75 17.29
CA LEU E 181 -25.55 -9.92 18.23
C LEU E 181 -26.94 -10.49 18.49
N SER E 182 -27.56 -10.08 19.60
CA SER E 182 -28.96 -10.40 19.84
C SER E 182 -29.86 -9.55 18.95
N LYS E 183 -31.05 -10.05 18.68
CA LYS E 183 -32.01 -9.33 17.84
C LYS E 183 -32.32 -7.97 18.42
N ALA E 184 -32.53 -7.91 19.73
CA ALA E 184 -32.82 -6.65 20.42
C ALA E 184 -31.68 -5.65 20.23
N ASP E 185 -30.45 -6.12 20.39
CA ASP E 185 -29.28 -5.27 20.27
C ASP E 185 -29.06 -4.82 18.83
N TYR E 186 -29.46 -5.66 17.89
CA TYR E 186 -29.35 -5.31 16.48
C TYR E 186 -30.38 -4.27 16.09
N GLU E 187 -31.53 -4.30 16.74
CA GLU E 187 -32.57 -3.32 16.49
C GLU E 187 -32.20 -1.95 17.04
N LYS E 188 -31.45 -1.93 18.14
CA LYS E 188 -31.19 -0.70 18.89
C LYS E 188 -30.14 0.21 18.22
N HIS E 189 -29.73 -0.15 17.01
CA HIS E 189 -28.64 0.56 16.33
C HIS E 189 -28.90 0.64 14.86
N LYS E 190 -28.21 1.58 14.19
CA LYS E 190 -28.44 1.83 12.77
C LYS E 190 -27.24 1.46 11.91
N VAL E 191 -26.12 2.15 12.11
CA VAL E 191 -24.95 1.99 11.25
C VAL E 191 -24.05 0.83 11.71
N TYR E 192 -23.87 -0.14 10.82
CA TYR E 192 -22.95 -1.26 11.08
C TYR E 192 -21.83 -1.26 10.04
N ALA E 193 -20.58 -1.22 10.51
CA ALA E 193 -19.44 -1.12 9.60
C ALA E 193 -18.25 -1.97 10.09
N CYS E 194 -17.62 -2.68 9.15
CA CYS E 194 -16.35 -3.34 9.43
C CYS E 194 -15.19 -2.62 8.75
N GLU E 195 -14.12 -2.41 9.51
CA GLU E 195 -13.02 -1.59 9.08
C GLU E 195 -11.77 -2.44 8.88
N VAL E 196 -11.27 -2.49 7.65
CA VAL E 196 -10.18 -3.39 7.30
C VAL E 196 -8.85 -2.66 7.17
N THR E 197 -7.89 -3.05 7.99
CA THR E 197 -6.53 -2.53 7.88
C THR E 197 -5.63 -3.62 7.32
N HIS E 198 -4.98 -3.34 6.21
CA HIS E 198 -4.12 -4.32 5.56
C HIS E 198 -3.01 -3.69 4.77
N GLN E 199 -1.93 -4.43 4.57
CA GLN E 199 -0.74 -3.90 3.92
C GLN E 199 -1.06 -3.43 2.51
N GLY E 200 -1.89 -4.21 1.82
CA GLY E 200 -2.24 -3.91 0.43
C GLY E 200 -3.05 -2.65 0.27
N LEU E 201 -3.66 -2.19 1.37
CA LEU E 201 -4.44 -0.97 1.35
C LEU E 201 -3.62 0.19 1.88
N SER E 202 -3.56 1.28 1.12
CA SER E 202 -2.83 2.46 1.53
C SER E 202 -3.49 3.13 2.72
N SER E 203 -4.75 2.82 2.95
CA SER E 203 -5.52 3.39 4.06
C SER E 203 -6.65 2.45 4.47
N PRO E 204 -6.98 2.44 5.76
CA PRO E 204 -8.02 1.53 6.27
C PRO E 204 -9.34 1.69 5.51
N VAL E 205 -9.84 0.59 4.94
CA VAL E 205 -11.08 0.60 4.18
C VAL E 205 -12.26 0.12 5.04
N THR E 206 -13.35 0.88 5.01
CA THR E 206 -14.53 0.57 5.82
C THR E 206 -15.75 0.32 4.95
N LYS E 207 -16.46 -0.77 5.24
CA LYS E 207 -17.74 -1.06 4.58
C LYS E 207 -18.90 -1.08 5.58
N SER E 208 -19.98 -0.40 5.23
CA SER E 208 -21.06 -0.16 6.18
C SER E 208 -22.43 -0.40 5.58
N PHE E 209 -23.42 -0.57 6.44
CA PHE E 209 -24.82 -0.55 6.03
C PHE E 209 -25.69 0.01 7.16
N ASN E 210 -27.01 -0.06 6.98
CA ASN E 210 -27.94 0.54 7.93
C ASN E 210 -29.11 -0.38 8.32
N ARG E 211 -29.82 0.00 9.39
CA ARG E 211 -31.04 -0.69 9.79
C ARG E 211 -30.76 -1.86 10.72
N GLN F 17 -66.24 58.47 -56.73
CA GLN F 17 -65.70 59.79 -56.33
C GLN F 17 -65.47 59.85 -54.82
N PHE F 18 -66.28 60.64 -54.13
CA PHE F 18 -66.13 60.84 -52.70
C PHE F 18 -67.30 60.20 -51.93
N ARG F 19 -67.87 59.15 -52.50
CA ARG F 19 -68.99 58.45 -51.87
C ARG F 19 -68.53 57.61 -50.69
N VAL F 20 -67.36 56.99 -50.83
CA VAL F 20 -66.77 56.19 -49.76
C VAL F 20 -66.19 57.09 -48.67
N ARG F 21 -65.87 58.34 -49.03
CA ARG F 21 -65.35 59.31 -48.08
C ARG F 21 -66.36 59.58 -46.96
N ALA F 22 -67.65 59.48 -47.29
CA ALA F 22 -68.71 59.68 -46.31
C ALA F 22 -68.71 58.60 -45.24
N VAL F 23 -68.06 57.48 -45.55
CA VAL F 23 -68.04 56.33 -44.63
C VAL F 23 -66.72 56.24 -43.88
N ILE F 24 -65.62 56.58 -44.55
CA ILE F 24 -64.29 56.33 -44.01
C ILE F 24 -63.85 57.36 -42.97
N ASP F 25 -64.13 58.64 -43.22
CA ASP F 25 -63.72 59.71 -42.32
C ASP F 25 -64.68 59.89 -41.15
N HIS F 26 -65.67 58.99 -41.07
CA HIS F 26 -66.53 58.90 -39.89
C HIS F 26 -65.72 58.77 -38.64
N LEU F 27 -66.14 59.46 -37.58
CA LEU F 27 -65.33 59.59 -36.36
C LEU F 27 -65.33 58.30 -35.55
N GLY F 28 -66.10 57.31 -35.99
CA GLY F 28 -66.05 55.97 -35.40
C GLY F 28 -65.02 55.08 -36.07
N MET F 29 -64.44 55.57 -37.16
CA MET F 29 -63.41 54.82 -37.89
C MET F 29 -62.01 55.32 -37.53
N ARG F 30 -61.91 56.61 -37.26
CA ARG F 30 -60.61 57.23 -36.97
C ARG F 30 -60.11 56.87 -35.57
N VAL F 31 -61.04 56.82 -34.61
CA VAL F 31 -60.74 56.31 -33.28
C VAL F 31 -60.24 54.87 -33.34
N PHE F 32 -60.82 54.10 -34.26
CA PHE F 32 -60.39 52.72 -34.50
C PHE F 32 -59.03 52.68 -35.16
N GLY F 33 -58.78 53.61 -36.07
CA GLY F 33 -57.50 53.72 -36.76
C GLY F 33 -56.36 54.04 -35.81
N VAL F 34 -56.56 55.04 -34.96
CA VAL F 34 -55.57 55.41 -33.95
C VAL F 34 -55.46 54.35 -32.86
N PHE F 35 -56.57 53.67 -32.57
CA PHE F 35 -56.55 52.50 -31.71
C PHE F 35 -55.63 51.42 -32.25
N LEU F 36 -55.58 51.29 -33.57
CA LEU F 36 -54.68 50.35 -34.22
C LEU F 36 -53.22 50.82 -34.16
N ILE F 37 -53.01 52.12 -34.24
CA ILE F 37 -51.67 52.68 -34.08
C ILE F 37 -51.11 52.37 -32.71
N PHE F 38 -51.98 52.34 -31.70
CA PHE F 38 -51.58 51.98 -30.35
C PHE F 38 -51.47 50.46 -30.19
N LEU F 39 -52.42 49.74 -30.75
CA LEU F 39 -52.42 48.28 -30.68
C LEU F 39 -51.16 47.69 -31.29
N ASP F 40 -50.77 48.22 -32.44
CA ASP F 40 -49.55 47.78 -33.11
C ASP F 40 -48.35 47.86 -32.17
N ILE F 41 -48.23 48.99 -31.48
CA ILE F 41 -47.10 49.23 -30.60
C ILE F 41 -47.19 48.42 -29.31
N ILE F 42 -48.41 48.16 -28.85
CA ILE F 42 -48.62 47.20 -27.76
C ILE F 42 -48.05 45.83 -28.14
N LEU F 43 -48.54 45.28 -29.25
CA LEU F 43 -48.18 43.92 -29.66
C LEU F 43 -46.69 43.82 -29.96
N MET F 44 -46.16 44.84 -30.61
CA MET F 44 -44.74 44.88 -30.95
C MET F 44 -43.86 45.03 -29.72
N ILE F 45 -44.43 45.57 -28.64
CA ILE F 45 -43.70 45.70 -27.39
C ILE F 45 -43.71 44.42 -26.57
N ILE F 46 -44.85 43.72 -26.54
CA ILE F 46 -44.93 42.39 -25.93
C ILE F 46 -44.06 41.38 -26.68
N ASP F 47 -43.90 41.61 -27.98
CA ASP F 47 -43.00 40.82 -28.80
C ASP F 47 -41.58 40.88 -28.27
N LEU F 48 -41.06 42.11 -28.14
CA LEU F 48 -39.66 42.30 -27.74
C LEU F 48 -39.48 42.23 -26.23
N SER F 49 -40.58 42.03 -25.51
CA SER F 49 -40.52 41.81 -24.07
C SER F 49 -40.53 40.32 -23.74
N LEU F 50 -40.65 39.50 -24.78
CA LEU F 50 -40.62 38.05 -24.60
C LEU F 50 -39.59 37.39 -25.51
N PRO F 51 -38.30 37.72 -25.31
CA PRO F 51 -37.28 37.12 -26.16
C PRO F 51 -37.19 35.61 -25.95
N GLY F 52 -37.29 34.85 -27.04
CA GLY F 52 -37.31 33.39 -26.95
C GLY F 52 -38.66 32.87 -26.54
N LYS F 53 -39.62 32.95 -27.46
CA LYS F 53 -40.93 32.36 -27.25
C LYS F 53 -41.17 31.24 -28.26
N SER F 54 -42.38 30.69 -28.24
CA SER F 54 -42.74 29.60 -29.15
C SER F 54 -42.60 30.03 -30.61
N GLU F 55 -42.45 29.05 -31.50
CA GLU F 55 -42.33 29.32 -32.92
C GLU F 55 -43.65 29.78 -33.52
N SER F 56 -44.74 29.17 -33.08
CA SER F 56 -46.07 29.60 -33.51
C SER F 56 -46.47 30.92 -32.87
N SER F 57 -45.85 31.23 -31.73
CA SER F 57 -46.13 32.49 -31.02
C SER F 57 -45.47 33.68 -31.71
N GLN F 58 -44.28 33.45 -32.28
CA GLN F 58 -43.63 34.47 -33.08
C GLN F 58 -44.14 34.46 -34.50
N SER F 59 -45.35 33.94 -34.67
CA SER F 59 -45.98 33.86 -35.97
C SER F 59 -47.16 34.82 -36.09
N PHE F 60 -47.94 34.92 -35.02
CA PHE F 60 -49.12 35.78 -35.01
C PHE F 60 -48.81 37.17 -34.49
N TYR F 61 -47.69 37.30 -33.77
CA TYR F 61 -47.13 38.61 -33.46
C TYR F 61 -46.66 39.31 -34.73
N ASP F 62 -45.99 38.55 -35.58
CA ASP F 62 -45.60 39.04 -36.90
C ASP F 62 -46.80 39.04 -37.86
N GLY F 63 -47.76 38.17 -37.58
CA GLY F 63 -49.04 38.18 -38.29
C GLY F 63 -49.73 39.53 -38.23
N MET F 64 -49.91 40.05 -37.02
CA MET F 64 -50.49 41.36 -36.82
C MET F 64 -49.54 42.46 -37.27
N ALA F 65 -48.26 42.27 -36.99
CA ALA F 65 -47.25 43.24 -37.38
C ALA F 65 -47.26 43.49 -38.89
N LEU F 66 -47.76 42.51 -39.64
CA LEU F 66 -47.96 42.67 -41.07
C LEU F 66 -49.39 43.13 -41.36
N ALA F 67 -50.35 42.53 -40.64
CA ALA F 67 -51.75 42.84 -40.85
C ALA F 67 -52.04 44.32 -40.57
N LEU F 68 -51.43 44.85 -39.52
CA LEU F 68 -51.63 46.23 -39.13
C LEU F 68 -50.73 47.18 -39.91
N SER F 69 -49.84 46.62 -40.73
CA SER F 69 -49.02 47.43 -41.63
C SER F 69 -49.62 47.47 -43.03
N CYS F 70 -50.57 46.56 -43.30
CA CYS F 70 -51.30 46.56 -44.55
C CYS F 70 -52.59 47.38 -44.45
N TYR F 71 -53.14 47.44 -43.24
CA TYR F 71 -54.29 48.28 -42.96
C TYR F 71 -53.93 49.76 -43.12
N PHE F 72 -52.75 50.14 -42.69
CA PHE F 72 -52.29 51.52 -42.79
C PHE F 72 -51.78 51.85 -44.19
N MET F 73 -51.73 50.84 -45.04
CA MET F 73 -51.43 51.06 -46.46
C MET F 73 -52.70 51.16 -47.28
N LEU F 74 -53.73 50.43 -46.87
CA LEU F 74 -55.06 50.54 -47.47
C LEU F 74 -55.76 51.83 -47.02
N ASP F 75 -55.57 52.19 -45.76
CA ASP F 75 -56.11 53.42 -45.22
C ASP F 75 -55.47 54.64 -45.88
N LEU F 76 -54.16 54.57 -46.08
CA LEU F 76 -53.44 55.61 -46.82
C LEU F 76 -53.71 55.53 -48.32
N GLY F 77 -54.26 54.40 -48.75
CA GLY F 77 -54.73 54.25 -50.13
C GLY F 77 -56.09 54.86 -50.36
N LEU F 78 -56.88 54.96 -49.29
CA LEU F 78 -58.22 55.52 -49.36
C LEU F 78 -58.22 57.02 -49.06
N ARG F 79 -57.17 57.49 -48.39
CA ARG F 79 -57.01 58.91 -48.11
C ARG F 79 -56.20 59.59 -49.23
N ILE F 80 -56.32 59.07 -50.44
CA ILE F 80 -55.76 59.70 -51.61
C ILE F 80 -56.78 59.74 -52.75
N PHE F 81 -57.53 58.65 -52.89
CA PHE F 81 -58.54 58.53 -53.93
C PHE F 81 -59.81 59.30 -53.54
N ALA F 82 -60.08 59.36 -52.24
CA ALA F 82 -61.30 60.00 -51.75
C ALA F 82 -60.97 61.21 -50.87
N TYR F 83 -59.85 61.85 -51.15
CA TYR F 83 -59.43 63.02 -50.38
C TYR F 83 -58.71 64.04 -51.25
N GLY F 84 -58.15 63.59 -52.38
CA GLY F 84 -57.48 64.47 -53.30
C GLY F 84 -55.97 64.37 -53.19
N PRO F 85 -55.31 64.01 -54.31
CA PRO F 85 -53.87 63.76 -54.34
C PRO F 85 -53.04 65.05 -54.24
N LYS F 86 -53.72 66.18 -54.40
CA LYS F 86 -53.04 67.48 -54.41
C LYS F 86 -53.05 68.15 -53.04
N ASN F 87 -53.77 67.54 -52.10
CA ASN F 87 -53.80 68.03 -50.73
C ASN F 87 -52.58 67.59 -49.92
N PHE F 88 -51.80 66.68 -50.50
CA PHE F 88 -50.65 66.12 -49.81
C PHE F 88 -49.37 66.87 -50.17
N PHE F 89 -49.30 67.37 -51.41
CA PHE F 89 -48.08 67.98 -51.93
C PHE F 89 -47.59 69.12 -51.04
N THR F 90 -48.48 70.08 -50.77
CA THR F 90 -48.13 71.23 -49.94
C THR F 90 -48.46 70.97 -48.46
N ASN F 91 -48.48 69.69 -48.09
CA ASN F 91 -48.73 69.31 -46.71
C ASN F 91 -47.60 68.45 -46.14
N PRO F 92 -46.65 69.10 -45.44
CA PRO F 92 -45.47 68.41 -44.92
C PRO F 92 -45.82 67.42 -43.81
N TRP F 93 -47.01 67.57 -43.22
CA TRP F 93 -47.45 66.66 -42.16
C TRP F 93 -48.20 65.48 -42.72
N GLU F 94 -48.05 65.25 -44.01
CA GLU F 94 -48.72 64.15 -44.69
C GLU F 94 -47.81 63.49 -45.71
N VAL F 95 -46.77 64.23 -46.13
CA VAL F 95 -45.72 63.67 -46.98
C VAL F 95 -44.82 62.76 -46.16
N ALA F 96 -44.34 63.27 -45.03
CA ALA F 96 -43.43 62.52 -44.17
C ALA F 96 -44.14 61.33 -43.53
N ASP F 97 -45.44 61.48 -43.30
CA ASP F 97 -46.22 60.41 -42.69
C ASP F 97 -46.51 59.26 -43.65
N GLY F 98 -46.90 59.60 -44.87
CA GLY F 98 -47.06 58.59 -45.92
C GLY F 98 -45.74 57.94 -46.28
N LEU F 99 -44.66 58.71 -46.25
CA LEU F 99 -43.31 58.20 -46.44
C LEU F 99 -42.95 57.19 -45.35
N ILE F 100 -43.33 57.51 -44.12
CA ILE F 100 -43.13 56.61 -42.99
C ILE F 100 -43.91 55.30 -43.16
N ILE F 101 -45.16 55.41 -43.61
CA ILE F 101 -46.00 54.23 -43.79
C ILE F 101 -45.46 53.33 -44.90
N VAL F 102 -44.93 53.94 -45.95
CA VAL F 102 -44.35 53.19 -47.06
C VAL F 102 -43.07 52.48 -46.63
N VAL F 103 -42.16 53.22 -46.00
CA VAL F 103 -40.92 52.66 -45.47
C VAL F 103 -41.21 51.50 -44.54
N THR F 104 -42.10 51.71 -43.58
CA THR F 104 -42.48 50.68 -42.62
C THR F 104 -43.05 49.44 -43.30
N PHE F 105 -43.88 49.66 -44.32
CA PHE F 105 -44.51 48.55 -45.04
C PHE F 105 -43.49 47.73 -45.82
N VAL F 106 -42.52 48.41 -46.44
CA VAL F 106 -41.48 47.74 -47.19
C VAL F 106 -40.56 46.92 -46.28
N VAL F 107 -40.08 47.57 -45.22
CA VAL F 107 -39.21 46.91 -44.25
C VAL F 107 -39.89 45.71 -43.59
N THR F 108 -41.17 45.86 -43.25
CA THR F 108 -41.91 44.76 -42.63
C THR F 108 -42.18 43.63 -43.62
N ILE F 109 -42.49 43.97 -44.87
CA ILE F 109 -42.75 42.95 -45.87
C ILE F 109 -41.48 42.18 -46.24
N PHE F 110 -40.33 42.86 -46.13
CA PHE F 110 -39.04 42.20 -46.19
C PHE F 110 -38.87 41.26 -45.00
N TYR F 111 -38.82 41.85 -43.81
CA TYR F 111 -38.48 41.11 -42.59
C TYR F 111 -39.37 39.91 -42.35
N THR F 112 -40.61 39.96 -42.85
CA THR F 112 -41.58 38.89 -42.58
C THR F 112 -41.68 37.92 -43.73
N VAL F 113 -41.93 38.44 -44.94
CA VAL F 113 -42.21 37.59 -46.08
C VAL F 113 -40.96 37.28 -46.90
N LEU F 114 -40.25 38.32 -47.31
CA LEU F 114 -39.13 38.17 -48.23
C LEU F 114 -37.83 37.88 -47.49
N ASP F 115 -37.59 36.61 -47.20
CA ASP F 115 -36.34 36.18 -46.58
C ASP F 115 -35.31 35.72 -47.62
N GLU F 116 -35.63 35.94 -48.89
CA GLU F 116 -34.69 35.72 -49.99
C GLU F 116 -33.46 36.58 -49.81
N TYR F 117 -33.61 37.66 -49.06
CA TYR F 117 -32.49 38.53 -48.72
C TYR F 117 -31.52 37.83 -47.78
N VAL F 118 -30.39 37.39 -48.33
CA VAL F 118 -29.34 36.77 -47.53
C VAL F 118 -27.97 37.40 -47.84
N GLN F 119 -28.00 38.66 -48.27
CA GLN F 119 -26.77 39.41 -48.53
C GLN F 119 -26.32 40.18 -47.29
N GLU F 120 -25.03 40.52 -47.24
CA GLU F 120 -24.44 41.12 -46.05
C GLU F 120 -24.98 42.53 -45.81
N THR F 121 -25.16 42.86 -44.54
CA THR F 121 -25.58 44.20 -44.14
C THR F 121 -25.13 44.52 -42.72
N GLY F 122 -24.56 43.52 -42.06
CA GLY F 122 -24.17 43.63 -40.66
C GLY F 122 -25.36 43.84 -39.74
N ALA F 123 -26.45 43.12 -40.02
CA ALA F 123 -27.71 43.34 -39.31
C ALA F 123 -28.17 44.79 -39.43
N ASP F 124 -28.94 45.08 -40.48
CA ASP F 124 -29.36 46.44 -40.77
C ASP F 124 -30.23 47.04 -39.66
N GLY F 125 -30.05 48.34 -39.41
CA GLY F 125 -30.82 49.04 -38.40
C GLY F 125 -32.19 49.47 -38.88
N LEU F 126 -32.58 48.99 -40.06
CA LEU F 126 -33.89 49.29 -40.62
C LEU F 126 -35.01 48.61 -39.83
N GLY F 127 -34.73 47.41 -39.33
CA GLY F 127 -35.63 46.74 -38.40
C GLY F 127 -35.78 47.51 -37.10
N ARG F 128 -34.83 48.41 -36.83
CA ARG F 128 -34.89 49.27 -35.65
C ARG F 128 -35.46 50.63 -36.01
N LEU F 129 -35.00 51.20 -37.11
CA LEU F 129 -35.47 52.52 -37.56
C LEU F 129 -36.97 52.51 -37.81
N VAL F 130 -37.51 51.35 -38.17
CA VAL F 130 -38.93 51.21 -38.44
C VAL F 130 -39.72 51.08 -37.14
N VAL F 131 -39.13 50.42 -36.16
CA VAL F 131 -39.71 50.35 -34.82
C VAL F 131 -39.71 51.72 -34.15
N LEU F 132 -38.70 52.53 -34.46
CA LEU F 132 -38.64 53.91 -33.99
C LEU F 132 -39.66 54.81 -34.71
N ALA F 133 -39.74 54.68 -36.02
CA ALA F 133 -40.59 55.54 -36.84
C ALA F 133 -42.07 55.24 -36.59
N ARG F 134 -42.34 54.15 -35.89
CA ARG F 134 -43.71 53.83 -35.47
C ARG F 134 -44.10 54.60 -34.21
N LEU F 135 -43.12 55.28 -33.61
CA LEU F 135 -43.39 56.18 -32.50
C LEU F 135 -43.73 57.57 -33.01
N LEU F 136 -43.13 57.95 -34.12
CA LEU F 136 -43.33 59.28 -34.70
C LEU F 136 -44.77 59.48 -35.18
N ARG F 137 -45.42 58.39 -35.58
CA ARG F 137 -46.82 58.42 -35.94
C ARG F 137 -47.69 58.93 -34.78
N VAL F 138 -47.53 58.32 -33.61
CA VAL F 138 -48.28 58.72 -32.45
C VAL F 138 -47.73 60.01 -31.80
N VAL F 139 -46.54 60.40 -32.23
CA VAL F 139 -46.01 61.75 -31.92
C VAL F 139 -46.78 62.83 -32.67
N ARG F 140 -47.10 62.57 -33.93
CA ARG F 140 -47.73 63.55 -34.80
C ARG F 140 -49.24 63.61 -34.59
N LEU F 141 -49.81 62.55 -34.03
CA LEU F 141 -51.24 62.51 -33.70
C LEU F 141 -51.52 63.13 -32.34
N ALA F 142 -50.46 63.50 -31.62
CA ALA F 142 -50.59 64.36 -30.45
C ALA F 142 -50.13 65.78 -30.81
N ARG F 143 -49.84 66.01 -32.09
CA ARG F 143 -49.49 67.33 -32.60
C ARG F 143 -50.71 67.98 -33.27
N ILE F 144 -51.54 67.14 -33.87
CA ILE F 144 -52.62 67.61 -34.73
C ILE F 144 -53.58 68.53 -33.99
N PHE F 145 -54.00 69.60 -34.66
CA PHE F 145 -54.80 70.66 -34.02
C PHE F 145 -53.96 71.46 -33.03
N TYR F 146 -52.65 71.47 -33.23
CA TYR F 146 -51.73 72.19 -32.35
C TYR F 146 -50.46 72.63 -33.08
N SER F 147 -49.97 71.78 -33.98
CA SER F 147 -48.63 71.95 -34.55
C SER F 147 -48.67 72.35 -36.02
N HIS F 148 -49.82 72.85 -36.47
CA HIS F 148 -50.00 73.22 -37.87
C HIS F 148 -49.14 74.38 -38.28
N GLN F 149 -48.90 75.29 -37.33
CA GLN F 149 -48.00 76.41 -37.56
C GLN F 149 -46.53 75.95 -37.57
N GLN F 150 -46.23 74.94 -36.77
CA GLN F 150 -44.89 74.36 -36.72
C GLN F 150 -44.56 73.61 -38.01
N MET F 151 -45.57 72.96 -38.59
CA MET F 151 -45.40 72.20 -39.81
C MET F 151 -44.92 73.08 -40.97
N LYS F 152 -45.57 74.23 -41.12
CA LYS F 152 -45.20 75.19 -42.14
C LYS F 152 -43.80 75.74 -41.90
N ALA F 153 -43.46 75.95 -40.63
CA ALA F 153 -42.16 76.50 -40.25
C ALA F 153 -41.04 75.49 -40.47
N SER F 154 -41.38 74.21 -40.36
CA SER F 154 -40.44 73.13 -40.66
C SER F 154 -40.23 72.99 -42.17
N SER F 155 -41.29 73.22 -42.93
CA SER F 155 -41.24 73.10 -44.39
C SER F 155 -40.54 74.30 -45.02
N GLU G 1 -45.51 12.79 -58.93
CA GLU G 1 -45.52 13.59 -60.19
C GLU G 1 -44.39 14.62 -60.20
N VAL G 2 -43.61 14.65 -59.12
CA VAL G 2 -42.42 15.50 -59.03
C VAL G 2 -41.14 14.69 -58.96
N GLN G 3 -40.27 14.88 -59.96
CA GLN G 3 -39.06 14.07 -60.09
C GLN G 3 -37.85 14.92 -60.43
N LEU G 4 -36.69 14.55 -59.88
CA LEU G 4 -35.43 15.18 -60.24
C LEU G 4 -34.47 14.17 -60.84
N VAL G 5 -34.44 14.09 -62.17
CA VAL G 5 -33.60 13.13 -62.85
C VAL G 5 -32.27 13.76 -63.26
N GLU G 6 -31.18 13.20 -62.75
CA GLU G 6 -29.86 13.79 -62.97
C GLU G 6 -28.96 12.86 -63.78
N SER G 7 -27.94 13.45 -64.40
CA SER G 7 -27.00 12.70 -65.23
C SER G 7 -25.72 13.49 -65.46
N GLY G 8 -24.74 12.86 -66.08
CA GLY G 8 -23.50 13.54 -66.45
C GLY G 8 -22.25 12.96 -65.80
N GLY G 9 -22.45 12.20 -64.74
CA GLY G 9 -21.33 11.66 -63.98
C GLY G 9 -20.58 10.56 -64.71
N GLY G 10 -19.36 10.27 -64.25
CA GLY G 10 -18.51 9.29 -64.91
C GLY G 10 -17.05 9.44 -64.50
N LEU G 11 -16.16 8.81 -65.26
CA LEU G 11 -14.72 8.92 -64.98
C LEU G 11 -14.15 10.16 -65.63
N VAL G 12 -13.24 10.83 -64.92
CA VAL G 12 -12.59 12.04 -65.43
C VAL G 12 -11.21 12.26 -64.80
N GLN G 13 -10.22 12.57 -65.64
CA GLN G 13 -8.86 12.83 -65.18
C GLN G 13 -8.80 14.03 -64.23
N PRO G 14 -8.06 13.88 -63.11
CA PRO G 14 -7.90 14.97 -62.16
C PRO G 14 -7.31 16.20 -62.83
N GLY G 15 -7.86 17.36 -62.52
CA GLY G 15 -7.52 18.60 -63.23
C GLY G 15 -8.46 18.90 -64.37
N GLY G 16 -9.16 17.87 -64.84
CA GLY G 16 -10.14 18.04 -65.90
C GLY G 16 -11.49 18.50 -65.38
N SER G 17 -12.45 18.63 -66.29
CA SER G 17 -13.75 19.18 -65.96
C SER G 17 -14.88 18.21 -66.31
N LEU G 18 -16.06 18.46 -65.75
CA LEU G 18 -17.22 17.62 -66.00
C LEU G 18 -18.47 18.33 -65.48
N ARG G 19 -19.54 18.31 -66.27
CA ARG G 19 -20.77 19.00 -65.90
C ARG G 19 -21.89 18.02 -65.56
N LEU G 20 -22.65 18.33 -64.51
CA LEU G 20 -23.76 17.49 -64.09
C LEU G 20 -25.10 18.16 -64.39
N SER G 21 -26.04 17.39 -64.91
CA SER G 21 -27.33 17.92 -65.34
C SER G 21 -28.46 17.39 -64.47
N CYS G 22 -29.11 18.31 -63.75
CA CYS G 22 -30.23 17.95 -62.90
C CYS G 22 -31.56 18.41 -63.51
N ALA G 23 -32.25 17.49 -64.18
CA ALA G 23 -33.49 17.82 -64.87
C ALA G 23 -34.68 17.73 -63.92
N ALA G 24 -35.51 18.77 -63.92
CA ALA G 24 -36.65 18.86 -63.00
C ALA G 24 -37.94 18.48 -63.70
N SER G 25 -38.89 17.96 -62.92
CA SER G 25 -40.18 17.55 -63.46
C SER G 25 -41.29 17.80 -62.45
N GLY G 26 -42.31 18.55 -62.85
CA GLY G 26 -43.52 18.71 -62.04
C GLY G 26 -43.51 19.97 -61.20
N PHE G 27 -42.56 20.85 -61.47
CA PHE G 27 -42.52 22.17 -60.82
C PHE G 27 -41.66 23.15 -61.60
N ASN G 28 -41.84 24.44 -61.34
CA ASN G 28 -41.04 25.48 -62.00
C ASN G 28 -39.85 25.90 -61.16
N VAL G 29 -38.67 25.56 -61.63
CA VAL G 29 -37.44 25.84 -60.90
C VAL G 29 -37.31 27.33 -60.61
N TYR G 30 -37.94 28.14 -61.45
CA TYR G 30 -37.81 29.58 -61.37
C TYR G 30 -38.27 30.12 -60.01
N TYR G 31 -39.06 29.32 -59.30
CA TYR G 31 -39.68 29.76 -58.05
C TYR G 31 -39.01 29.12 -56.83
N SER G 32 -38.48 27.92 -57.01
CA SER G 32 -37.89 27.18 -55.91
C SER G 32 -36.36 27.31 -55.90
N SER G 33 -35.69 26.33 -55.31
CA SER G 33 -34.27 26.42 -55.02
C SER G 33 -33.63 25.04 -55.11
N ILE G 34 -32.57 24.92 -55.92
CA ILE G 34 -31.94 23.62 -56.17
C ILE G 34 -30.53 23.54 -55.59
N HIS G 35 -30.28 22.49 -54.81
CA HIS G 35 -28.96 22.28 -54.19
C HIS G 35 -28.23 21.09 -54.76
N TRP G 36 -26.91 21.11 -54.63
CA TRP G 36 -26.09 19.94 -54.92
C TRP G 36 -25.41 19.43 -53.68
N VAL G 37 -25.70 18.18 -53.31
CA VAL G 37 -25.11 17.56 -52.15
C VAL G 37 -24.46 16.24 -52.53
N ARG G 38 -23.15 16.15 -52.34
CA ARG G 38 -22.40 14.95 -52.73
C ARG G 38 -22.10 14.07 -51.53
N GLN G 39 -21.59 12.87 -51.82
CA GLN G 39 -21.23 11.92 -50.77
C GLN G 39 -20.07 11.05 -51.20
N ALA G 40 -18.92 11.24 -50.55
CA ALA G 40 -17.75 10.41 -50.81
C ALA G 40 -18.02 8.98 -50.36
N PRO G 41 -17.37 8.02 -51.03
CA PRO G 41 -17.65 6.61 -50.77
C PRO G 41 -17.38 6.27 -49.31
N GLY G 42 -18.41 5.77 -48.61
CA GLY G 42 -18.29 5.41 -47.21
C GLY G 42 -18.07 6.61 -46.30
N LYS G 43 -18.63 7.75 -46.67
CA LYS G 43 -18.51 8.97 -45.88
C LYS G 43 -19.87 9.60 -45.63
N GLY G 44 -19.87 10.73 -44.94
CA GLY G 44 -21.11 11.44 -44.62
C GLY G 44 -21.65 12.25 -45.79
N LEU G 45 -22.76 12.94 -45.56
CA LEU G 45 -23.31 13.87 -46.56
C LEU G 45 -22.60 15.23 -46.52
N GLU G 46 -22.30 15.76 -47.70
CA GLU G 46 -21.69 17.08 -47.79
C GLU G 46 -22.45 17.97 -48.77
N TRP G 47 -22.98 19.08 -48.25
CA TRP G 47 -23.58 20.10 -49.10
C TRP G 47 -22.53 20.83 -49.89
N VAL G 48 -22.80 21.04 -51.17
CA VAL G 48 -21.82 21.60 -52.09
C VAL G 48 -22.26 22.94 -52.66
N ALA G 49 -23.36 22.93 -53.40
CA ALA G 49 -23.76 24.10 -54.18
C ALA G 49 -25.21 24.49 -53.92
N TYR G 50 -25.57 25.69 -54.37
CA TYR G 50 -26.92 26.21 -54.20
C TYR G 50 -27.24 27.12 -55.39
N ILE G 51 -28.50 27.15 -55.80
CA ILE G 51 -28.96 28.13 -56.77
C ILE G 51 -30.44 28.43 -56.63
N SER G 52 -30.81 29.68 -56.87
CA SER G 52 -32.21 30.03 -57.06
C SER G 52 -32.36 31.04 -58.19
N PRO G 53 -32.90 30.58 -59.33
CA PRO G 53 -33.11 31.45 -60.49
C PRO G 53 -34.10 32.58 -60.19
N SER G 54 -34.85 32.43 -59.10
CA SER G 54 -35.67 33.52 -58.59
C SER G 54 -34.81 34.74 -58.29
N SER G 55 -34.03 34.66 -57.23
CA SER G 55 -33.18 35.76 -56.80
C SER G 55 -31.95 35.89 -57.70
N GLY G 56 -31.42 34.75 -58.15
CA GLY G 56 -30.22 34.75 -58.97
C GLY G 56 -28.94 34.62 -58.17
N SER G 57 -29.08 34.44 -56.85
CA SER G 57 -27.92 34.25 -55.98
C SER G 57 -27.44 32.80 -55.98
N THR G 58 -26.15 32.61 -55.80
CA THR G 58 -25.55 31.29 -55.73
C THR G 58 -24.49 31.22 -54.64
N TYR G 59 -24.43 30.09 -53.94
CA TYR G 59 -23.42 29.89 -52.90
C TYR G 59 -22.72 28.54 -53.03
N TYR G 60 -21.47 28.49 -52.59
CA TYR G 60 -20.66 27.30 -52.72
C TYR G 60 -19.99 26.95 -51.39
N ALA G 61 -19.61 25.68 -51.23
CA ALA G 61 -18.83 25.26 -50.08
C ALA G 61 -17.36 25.67 -50.26
N ASP G 62 -16.60 25.60 -49.17
CA ASP G 62 -15.22 26.07 -49.19
C ASP G 62 -14.33 25.13 -50.01
N SER G 63 -14.68 23.84 -50.01
CA SER G 63 -13.85 22.83 -50.65
C SER G 63 -14.05 22.80 -52.16
N VAL G 64 -15.02 23.58 -52.65
CA VAL G 64 -15.31 23.63 -54.07
C VAL G 64 -15.32 25.06 -54.59
N LYS G 65 -15.14 26.02 -53.68
CA LYS G 65 -15.20 27.43 -54.04
C LYS G 65 -14.09 27.79 -55.02
N GLY G 66 -14.48 28.43 -56.12
CA GLY G 66 -13.52 28.86 -57.13
C GLY G 66 -13.38 27.86 -58.26
N ARG G 67 -13.86 26.64 -58.01
CA ARG G 67 -13.69 25.55 -58.98
C ARG G 67 -15.04 25.12 -59.56
N PHE G 68 -16.09 25.25 -58.77
CA PHE G 68 -17.43 24.83 -59.17
C PHE G 68 -18.30 26.01 -59.58
N THR G 69 -19.15 25.79 -60.57
CA THR G 69 -20.02 26.85 -61.09
C THR G 69 -21.41 26.31 -61.34
N ILE G 70 -22.32 26.55 -60.40
CA ILE G 70 -23.68 26.06 -60.53
C ILE G 70 -24.57 27.03 -61.30
N SER G 71 -24.99 26.64 -62.49
CA SER G 71 -25.89 27.45 -63.30
C SER G 71 -27.29 26.87 -63.30
N ALA G 72 -28.23 27.56 -63.95
CA ALA G 72 -29.58 27.05 -64.11
C ALA G 72 -30.24 27.57 -65.39
N ASP G 73 -30.93 26.68 -66.09
CA ASP G 73 -31.70 27.07 -67.27
C ASP G 73 -33.18 26.84 -67.04
N THR G 74 -33.93 27.92 -66.87
CA THR G 74 -35.36 27.84 -66.63
C THR G 74 -36.13 27.52 -67.91
N SER G 75 -35.45 27.67 -69.05
CA SER G 75 -36.03 27.33 -70.35
C SER G 75 -36.35 25.84 -70.42
N LYS G 76 -35.38 25.01 -70.05
CA LYS G 76 -35.58 23.57 -70.05
C LYS G 76 -35.87 23.05 -68.64
N ASN G 77 -35.98 23.97 -67.69
CA ASN G 77 -36.27 23.62 -66.30
C ASN G 77 -35.24 22.66 -65.71
N THR G 78 -33.97 23.01 -65.85
CA THR G 78 -32.89 22.14 -65.43
C THR G 78 -31.79 22.95 -64.77
N ALA G 79 -31.27 22.44 -63.66
CA ALA G 79 -30.11 23.03 -63.00
C ALA G 79 -28.82 22.32 -63.37
N TYR G 80 -27.77 23.09 -63.60
CA TYR G 80 -26.49 22.55 -64.03
C TYR G 80 -25.41 22.81 -62.98
N LEU G 81 -24.51 21.85 -62.79
CA LEU G 81 -23.33 22.06 -61.96
C LEU G 81 -22.04 21.76 -62.71
N GLN G 82 -21.27 22.81 -62.99
CA GLN G 82 -20.02 22.67 -63.73
C GLN G 82 -18.87 22.47 -62.76
N MET G 83 -18.23 21.30 -62.85
CA MET G 83 -17.11 20.97 -61.97
C MET G 83 -15.79 21.09 -62.70
N ASN G 84 -15.04 22.13 -62.37
CA ASN G 84 -13.77 22.39 -63.04
C ASN G 84 -12.59 22.14 -62.11
N SER G 85 -11.44 21.81 -62.69
CA SER G 85 -10.24 21.52 -61.93
C SER G 85 -10.52 20.47 -60.86
N LEU G 86 -11.03 19.32 -61.31
CA LEU G 86 -11.45 18.27 -60.39
C LEU G 86 -10.27 17.65 -59.64
N ARG G 87 -10.40 17.55 -58.32
CA ARG G 87 -9.40 16.87 -57.50
C ARG G 87 -9.85 15.45 -57.18
N ALA G 88 -8.91 14.63 -56.72
CA ALA G 88 -9.22 13.26 -56.35
C ALA G 88 -10.25 13.18 -55.23
N GLU G 89 -10.30 14.21 -54.39
CA GLU G 89 -11.20 14.23 -53.24
C GLU G 89 -12.66 14.45 -53.67
N ASP G 90 -12.84 14.96 -54.87
CA ASP G 90 -14.18 15.24 -55.39
C ASP G 90 -14.91 13.96 -55.78
N THR G 91 -14.15 12.87 -55.90
CA THR G 91 -14.74 11.58 -56.20
C THR G 91 -15.84 11.24 -55.21
N ALA G 92 -17.08 11.43 -55.63
CA ALA G 92 -18.23 11.19 -54.77
C ALA G 92 -19.48 10.90 -55.59
N VAL G 93 -20.56 10.53 -54.92
CA VAL G 93 -21.87 10.45 -55.54
C VAL G 93 -22.63 11.75 -55.34
N TYR G 94 -23.08 12.34 -56.45
CA TYR G 94 -23.68 13.66 -56.42
C TYR G 94 -25.19 13.58 -56.54
N TYR G 95 -25.88 14.19 -55.58
CA TYR G 95 -27.33 14.31 -55.64
C TYR G 95 -27.72 15.77 -55.83
N CYS G 96 -28.78 15.99 -56.58
CA CYS G 96 -29.45 17.30 -56.59
C CYS G 96 -30.81 17.22 -55.93
N ALA G 97 -31.16 18.24 -55.16
CA ALA G 97 -32.42 18.24 -54.43
C ALA G 97 -33.09 19.61 -54.44
N ARG G 98 -34.41 19.60 -54.32
CA ARG G 98 -35.20 20.83 -54.36
C ARG G 98 -35.62 21.24 -52.95
N LYS G 99 -35.60 22.55 -52.69
CA LYS G 99 -36.19 23.09 -51.48
C LYS G 99 -36.93 24.39 -51.77
N GLN G 100 -38.25 24.37 -51.62
CA GLN G 100 -39.07 25.54 -51.89
C GLN G 100 -38.95 26.59 -50.80
N TYR G 101 -39.25 27.84 -51.15
CA TYR G 101 -38.99 28.98 -50.26
C TYR G 101 -40.03 29.07 -49.14
N SER G 102 -39.57 29.43 -47.95
CA SER G 102 -40.47 29.71 -46.84
C SER G 102 -40.59 31.21 -46.65
N TYR G 103 -41.81 31.68 -46.39
CA TYR G 103 -42.07 33.12 -46.28
C TYR G 103 -42.50 33.50 -44.87
N TRP G 104 -42.22 32.62 -43.91
CA TRP G 104 -42.55 32.89 -42.52
C TRP G 104 -41.32 33.15 -41.70
N ARG G 105 -41.40 32.82 -40.42
CA ARG G 105 -40.28 33.02 -39.51
C ARG G 105 -39.90 31.69 -38.86
N ASP G 106 -40.47 30.61 -39.38
CA ASP G 106 -40.15 29.27 -38.90
C ASP G 106 -39.27 28.51 -39.88
N SER G 107 -39.31 28.93 -41.14
CA SER G 107 -38.64 28.20 -42.22
C SER G 107 -39.07 26.73 -42.24
N TYR G 108 -40.37 26.50 -42.35
CA TYR G 108 -40.92 25.14 -42.25
C TYR G 108 -40.84 24.42 -43.59
N TRP G 109 -39.65 24.43 -44.20
CA TRP G 109 -39.43 23.72 -45.45
C TRP G 109 -38.08 23.08 -45.51
N ALA G 110 -38.05 21.82 -45.97
CA ALA G 110 -36.81 21.08 -46.12
C ALA G 110 -36.66 20.55 -47.53
N MET G 111 -35.63 19.75 -47.76
CA MET G 111 -35.34 19.24 -49.09
C MET G 111 -36.07 17.93 -49.35
N ASP G 112 -37.36 18.04 -49.67
CA ASP G 112 -38.25 16.89 -49.71
C ASP G 112 -37.89 15.92 -50.84
N TYR G 113 -37.75 16.44 -52.05
CA TYR G 113 -37.49 15.60 -53.21
C TYR G 113 -36.04 15.68 -53.66
N TRP G 114 -35.38 14.52 -53.67
CA TRP G 114 -33.97 14.45 -54.04
C TRP G 114 -33.82 13.88 -55.43
N GLY G 115 -32.59 13.92 -55.94
CA GLY G 115 -32.29 13.33 -57.24
C GLY G 115 -32.03 11.84 -57.14
N GLN G 116 -31.61 11.25 -58.25
CA GLN G 116 -31.31 9.82 -58.30
C GLN G 116 -29.91 9.52 -57.78
N GLY G 117 -29.01 10.48 -57.95
CA GLY G 117 -27.62 10.30 -57.55
C GLY G 117 -26.76 9.76 -58.69
N THR G 118 -25.76 10.54 -59.08
CA THR G 118 -24.85 10.14 -60.15
C THR G 118 -23.40 10.04 -59.64
N LEU G 119 -22.66 9.07 -60.16
CA LEU G 119 -21.32 8.78 -59.67
C LEU G 119 -20.24 9.51 -60.46
N VAL G 120 -19.46 10.33 -59.76
CA VAL G 120 -18.35 11.03 -60.37
C VAL G 120 -17.03 10.49 -59.82
N THR G 121 -16.32 9.74 -60.66
CA THR G 121 -14.99 9.25 -60.33
C THR G 121 -13.91 10.12 -60.96
N VAL G 122 -12.95 10.56 -60.15
CA VAL G 122 -11.88 11.43 -60.64
C VAL G 122 -10.51 10.78 -60.50
N SER G 123 -10.03 10.17 -61.58
CA SER G 123 -8.80 9.39 -61.56
C SER G 123 -8.14 9.33 -62.93
N SER G 124 -6.99 8.68 -63.01
CA SER G 124 -6.33 8.45 -64.28
C SER G 124 -6.26 6.96 -64.57
N ALA G 125 -6.71 6.15 -63.61
CA ALA G 125 -6.79 4.71 -63.81
C ALA G 125 -7.74 4.38 -64.95
N SER G 126 -7.24 3.66 -65.94
CA SER G 126 -7.92 3.51 -67.22
C SER G 126 -9.22 2.73 -67.08
N THR G 127 -10.14 2.98 -68.00
CA THR G 127 -11.40 2.23 -68.05
C THR G 127 -11.16 0.79 -68.47
N LYS G 128 -11.67 -0.15 -67.69
CA LYS G 128 -11.49 -1.57 -67.98
C LYS G 128 -12.74 -2.39 -67.72
N GLY G 129 -13.22 -3.08 -68.75
CA GLY G 129 -14.38 -3.97 -68.62
C GLY G 129 -14.08 -5.25 -67.87
N PRO G 130 -15.08 -5.75 -67.12
CA PRO G 130 -14.94 -6.89 -66.21
C PRO G 130 -14.85 -8.22 -66.96
N SER G 131 -14.34 -9.24 -66.29
CA SER G 131 -14.53 -10.63 -66.73
C SER G 131 -15.35 -11.42 -65.70
N VAL G 132 -16.20 -12.31 -66.19
CA VAL G 132 -17.17 -13.00 -65.33
C VAL G 132 -16.82 -14.49 -65.20
N PHE G 133 -16.66 -14.94 -63.98
CA PHE G 133 -16.35 -16.34 -63.73
C PHE G 133 -17.43 -17.01 -62.89
N PRO G 134 -17.98 -18.11 -63.40
CA PRO G 134 -19.13 -18.78 -62.80
C PRO G 134 -18.77 -19.47 -61.48
N LEU G 135 -19.39 -19.02 -60.40
CA LEU G 135 -19.32 -19.73 -59.12
C LEU G 135 -20.26 -20.94 -59.10
N ALA G 136 -19.77 -22.07 -59.60
CA ALA G 136 -20.61 -23.23 -59.85
C ALA G 136 -20.95 -23.96 -58.55
N PRO G 137 -22.20 -24.42 -58.43
CA PRO G 137 -22.68 -25.10 -57.23
C PRO G 137 -22.25 -26.56 -57.21
N SER G 138 -21.47 -26.93 -56.20
CA SER G 138 -20.98 -28.31 -56.06
C SER G 138 -21.64 -28.99 -54.86
N SER G 139 -21.22 -30.23 -54.60
CA SER G 139 -21.76 -31.00 -53.48
C SER G 139 -21.39 -30.36 -52.14
N SER G 143 -32.52 -35.01 -53.25
CA SER G 143 -31.14 -34.78 -53.69
C SER G 143 -30.30 -34.18 -52.56
N GLY G 144 -30.84 -33.17 -51.89
CA GLY G 144 -30.11 -32.48 -50.83
C GLY G 144 -30.97 -31.42 -50.17
N GLY G 145 -30.32 -30.33 -49.72
CA GLY G 145 -31.03 -29.21 -49.13
C GLY G 145 -31.31 -28.09 -50.13
N THR G 146 -30.63 -26.97 -49.95
CA THR G 146 -30.76 -25.85 -50.88
C THR G 146 -29.40 -25.45 -51.43
N ALA G 147 -29.23 -25.61 -52.74
CA ALA G 147 -27.95 -25.39 -53.39
C ALA G 147 -27.72 -23.92 -53.73
N ALA G 148 -26.50 -23.43 -53.47
CA ALA G 148 -26.19 -22.02 -53.67
C ALA G 148 -25.12 -21.81 -54.74
N LEU G 149 -25.47 -21.01 -55.75
CA LEU G 149 -24.56 -20.72 -56.85
C LEU G 149 -24.38 -19.21 -57.04
N GLY G 150 -23.66 -18.82 -58.08
CA GLY G 150 -23.42 -17.40 -58.36
C GLY G 150 -22.49 -17.17 -59.53
N CYS G 151 -22.00 -15.94 -59.64
CA CYS G 151 -20.92 -15.62 -60.59
C CYS G 151 -20.10 -14.42 -60.13
N LEU G 152 -18.87 -14.32 -60.65
CA LEU G 152 -17.86 -13.42 -60.10
C LEU G 152 -17.46 -12.35 -61.13
N VAL G 153 -17.90 -11.12 -60.89
CA VAL G 153 -17.48 -9.99 -61.71
C VAL G 153 -16.13 -9.45 -61.22
N LYS G 154 -15.10 -9.65 -62.02
CA LYS G 154 -13.74 -9.36 -61.56
C LYS G 154 -13.02 -8.35 -62.44
N ASP G 155 -12.35 -7.40 -61.79
CA ASP G 155 -11.22 -6.69 -62.40
C ASP G 155 -11.70 -5.63 -63.38
N TYR G 156 -12.54 -4.73 -62.90
CA TYR G 156 -13.14 -3.70 -63.75
C TYR G 156 -12.95 -2.31 -63.16
N PHE G 157 -13.05 -1.30 -64.02
CA PHE G 157 -12.93 0.09 -63.59
C PHE G 157 -13.56 1.03 -64.62
N PRO G 158 -14.34 2.02 -64.15
CA PRO G 158 -14.67 2.24 -62.75
C PRO G 158 -15.98 1.56 -62.36
N GLU G 159 -16.46 1.86 -61.16
CA GLU G 159 -17.79 1.42 -60.74
C GLU G 159 -18.88 2.10 -61.58
N PRO G 160 -20.10 1.52 -61.60
CA PRO G 160 -20.38 0.25 -60.97
C PRO G 160 -20.73 -0.79 -62.02
N VAL G 161 -21.19 -1.95 -61.55
CA VAL G 161 -21.70 -2.98 -62.44
C VAL G 161 -23.09 -3.43 -61.98
N THR G 162 -24.05 -3.44 -62.90
CA THR G 162 -25.40 -3.91 -62.59
C THR G 162 -25.60 -5.38 -62.97
N VAL G 163 -25.80 -6.23 -61.96
CA VAL G 163 -25.90 -7.66 -62.16
C VAL G 163 -27.29 -8.16 -61.82
N SER G 164 -27.96 -8.77 -62.79
CA SER G 164 -29.27 -9.38 -62.56
C SER G 164 -29.23 -10.88 -62.87
N TRP G 165 -30.34 -11.56 -62.61
CA TRP G 165 -30.42 -13.01 -62.82
C TRP G 165 -31.57 -13.39 -63.70
N ASN G 166 -31.26 -14.18 -64.73
CA ASN G 166 -32.29 -14.65 -65.65
C ASN G 166 -33.03 -13.49 -66.31
N SER G 167 -32.31 -12.44 -66.62
CA SER G 167 -32.91 -11.25 -67.23
C SER G 167 -33.97 -10.64 -66.32
N GLY G 168 -33.76 -10.75 -65.02
CA GLY G 168 -34.63 -10.11 -64.04
C GLY G 168 -35.73 -11.02 -63.54
N ALA G 169 -35.78 -12.24 -64.09
CA ALA G 169 -36.78 -13.23 -63.69
C ALA G 169 -36.56 -13.74 -62.26
N LEU G 170 -35.40 -14.37 -62.04
CA LEU G 170 -35.01 -14.79 -60.69
C LEU G 170 -34.46 -13.63 -59.87
N THR G 171 -35.15 -13.29 -58.79
CA THR G 171 -34.74 -12.20 -57.91
C THR G 171 -34.87 -12.61 -56.44
N SER G 172 -35.21 -13.88 -56.21
CA SER G 172 -35.56 -14.36 -54.89
C SER G 172 -34.39 -15.06 -54.21
N GLY G 173 -33.86 -14.41 -53.17
CA GLY G 173 -32.70 -14.93 -52.46
C GLY G 173 -31.41 -14.63 -53.18
N VAL G 174 -31.39 -13.50 -53.90
CA VAL G 174 -30.22 -13.08 -54.63
C VAL G 174 -29.46 -12.00 -53.87
N HIS G 175 -28.21 -12.29 -53.55
CA HIS G 175 -27.35 -11.32 -52.91
C HIS G 175 -26.22 -10.96 -53.82
N THR G 176 -26.23 -9.73 -54.31
CA THR G 176 -25.04 -9.18 -54.94
C THR G 176 -24.27 -8.31 -53.95
N PHE G 177 -23.10 -8.79 -53.55
CA PHE G 177 -22.26 -8.09 -52.58
C PHE G 177 -21.75 -6.77 -53.15
N PRO G 178 -21.55 -5.78 -52.27
CA PRO G 178 -20.84 -4.55 -52.61
C PRO G 178 -19.46 -4.82 -53.21
N ALA G 179 -19.04 -3.96 -54.14
CA ALA G 179 -17.74 -4.12 -54.79
C ALA G 179 -16.61 -3.69 -53.86
N VAL G 180 -15.52 -4.45 -53.84
CA VAL G 180 -14.32 -4.05 -53.12
C VAL G 180 -13.21 -3.68 -54.09
N LEU G 181 -12.42 -2.68 -53.73
CA LEU G 181 -11.30 -2.29 -54.57
C LEU G 181 -10.06 -3.10 -54.25
N GLN G 182 -9.68 -3.98 -55.18
CA GLN G 182 -8.55 -4.90 -54.96
C GLN G 182 -7.24 -4.13 -54.76
N SER G 183 -6.22 -4.83 -54.28
CA SER G 183 -4.90 -4.22 -54.10
C SER G 183 -4.34 -3.71 -55.42
N SER G 184 -4.67 -4.42 -56.51
CA SER G 184 -4.22 -4.03 -57.84
C SER G 184 -4.67 -2.62 -58.20
N GLY G 185 -5.96 -2.33 -57.99
CA GLY G 185 -6.52 -1.03 -58.30
C GLY G 185 -7.84 -1.12 -59.05
N LEU G 186 -8.30 -2.35 -59.29
CA LEU G 186 -9.59 -2.58 -59.94
C LEU G 186 -10.64 -3.09 -58.95
N TYR G 187 -11.89 -2.73 -59.18
CA TYR G 187 -12.99 -3.25 -58.39
C TYR G 187 -13.30 -4.70 -58.75
N SER G 188 -14.06 -5.35 -57.87
CA SER G 188 -14.58 -6.68 -58.14
C SER G 188 -15.67 -7.04 -57.13
N LEU G 189 -16.75 -7.63 -57.62
CA LEU G 189 -17.80 -8.13 -56.76
C LEU G 189 -18.29 -9.51 -57.21
N SER G 190 -19.10 -10.14 -56.37
CA SER G 190 -19.74 -11.39 -56.73
C SER G 190 -21.24 -11.34 -56.46
N SER G 191 -22.01 -11.94 -57.34
CA SER G 191 -23.44 -12.11 -57.11
C SER G 191 -23.77 -13.57 -56.86
N VAL G 192 -24.31 -13.86 -55.69
CA VAL G 192 -24.74 -15.21 -55.34
C VAL G 192 -26.26 -15.32 -55.33
N VAL G 193 -26.76 -16.53 -55.54
CA VAL G 193 -28.19 -16.80 -55.41
C VAL G 193 -28.42 -18.22 -54.92
N THR G 194 -29.32 -18.36 -53.95
CA THR G 194 -29.68 -19.67 -53.42
C THR G 194 -30.90 -20.23 -54.12
N VAL G 195 -30.82 -21.49 -54.52
CA VAL G 195 -31.94 -22.18 -55.14
C VAL G 195 -32.03 -23.64 -54.65
N PRO G 196 -33.25 -24.19 -54.61
CA PRO G 196 -33.44 -25.60 -54.28
C PRO G 196 -32.64 -26.51 -55.21
N SER G 197 -31.95 -27.49 -54.64
CA SER G 197 -31.15 -28.42 -55.42
C SER G 197 -31.99 -29.24 -56.41
N SER G 198 -33.29 -29.30 -56.18
CA SER G 198 -34.22 -29.95 -57.11
C SER G 198 -34.11 -29.30 -58.48
N SER G 199 -33.88 -27.99 -58.49
CA SER G 199 -34.04 -27.20 -59.70
C SER G 199 -32.74 -27.11 -60.50
N LEU G 200 -31.68 -27.72 -59.98
CA LEU G 200 -30.39 -27.75 -60.67
C LEU G 200 -30.46 -28.61 -61.92
N GLY G 201 -29.93 -28.10 -63.01
CA GLY G 201 -29.88 -28.86 -64.26
C GLY G 201 -31.16 -28.76 -65.06
N THR G 202 -32.30 -28.80 -64.38
CA THR G 202 -33.58 -28.65 -65.04
C THR G 202 -34.00 -27.18 -65.17
N GLN G 203 -33.39 -26.31 -64.37
CA GLN G 203 -33.65 -24.87 -64.47
C GLN G 203 -32.36 -24.09 -64.71
N THR G 204 -32.24 -23.50 -65.89
CA THR G 204 -31.02 -22.81 -66.29
C THR G 204 -30.89 -21.45 -65.60
N TYR G 205 -29.79 -21.26 -64.88
CA TYR G 205 -29.51 -19.98 -64.25
C TYR G 205 -28.45 -19.20 -65.01
N ILE G 206 -28.75 -17.94 -65.32
CA ILE G 206 -27.79 -17.06 -65.94
C ILE G 206 -27.71 -15.78 -65.14
N CYS G 207 -26.50 -15.29 -64.90
CA CYS G 207 -26.30 -13.97 -64.34
C CYS G 207 -25.96 -12.94 -65.41
N ASN G 208 -26.59 -11.77 -65.32
CA ASN G 208 -26.53 -10.76 -66.37
C ASN G 208 -25.73 -9.54 -65.92
N VAL G 209 -24.50 -9.44 -66.42
CA VAL G 209 -23.56 -8.42 -65.96
C VAL G 209 -23.47 -7.29 -66.98
N ASN G 210 -23.53 -6.07 -66.48
CA ASN G 210 -23.49 -4.89 -67.35
C ASN G 210 -22.64 -3.77 -66.77
N HIS G 211 -21.48 -3.54 -67.39
CA HIS G 211 -20.56 -2.51 -66.94
C HIS G 211 -20.54 -1.36 -67.89
N LYS G 212 -21.45 -0.42 -67.71
CA LYS G 212 -21.66 0.60 -68.71
C LYS G 212 -20.41 1.44 -69.00
N PRO G 213 -19.64 1.77 -67.95
CA PRO G 213 -18.49 2.66 -68.12
C PRO G 213 -17.53 2.16 -69.18
N SER G 214 -17.51 0.84 -69.39
CA SER G 214 -16.59 0.25 -70.34
C SER G 214 -17.35 -0.26 -71.55
N ASN G 215 -18.67 -0.08 -71.53
CA ASN G 215 -19.54 -0.63 -72.56
C ASN G 215 -19.42 -2.15 -72.72
N THR G 216 -19.39 -2.85 -71.59
CA THR G 216 -19.29 -4.31 -71.60
C THR G 216 -20.54 -4.93 -70.98
N LYS G 217 -21.15 -5.87 -71.70
CA LYS G 217 -22.35 -6.54 -71.23
C LYS G 217 -22.29 -8.04 -71.50
N VAL G 218 -22.25 -8.83 -70.43
CA VAL G 218 -22.00 -10.27 -70.55
C VAL G 218 -22.98 -11.08 -69.72
N ASP G 219 -23.72 -11.96 -70.38
CA ASP G 219 -24.61 -12.90 -69.69
C ASP G 219 -23.93 -14.28 -69.57
N LYS G 220 -23.76 -14.74 -68.34
CA LYS G 220 -22.98 -15.95 -68.07
C LYS G 220 -23.82 -17.03 -67.41
N LYS G 221 -23.81 -18.22 -68.01
CA LYS G 221 -24.65 -19.32 -67.55
C LYS G 221 -23.94 -20.13 -66.47
N VAL G 222 -24.59 -20.23 -65.32
CA VAL G 222 -24.02 -20.94 -64.18
C VAL G 222 -24.57 -22.35 -64.10
N GLU G 223 -23.70 -23.34 -64.30
CA GLU G 223 -24.12 -24.75 -64.25
C GLU G 223 -23.15 -25.60 -63.46
N PRO G 224 -23.66 -26.67 -62.83
CA PRO G 224 -22.89 -27.57 -61.97
C PRO G 224 -21.68 -28.19 -62.69
N ASP H 1 -20.43 29.08 -39.45
CA ASP H 1 -19.84 27.77 -39.05
C ASP H 1 -20.57 27.19 -37.84
N ILE H 2 -21.60 26.39 -38.12
CA ILE H 2 -22.38 25.76 -37.05
C ILE H 2 -22.07 24.27 -36.96
N GLN H 3 -21.54 23.85 -35.82
CA GLN H 3 -21.18 22.46 -35.61
C GLN H 3 -22.40 21.61 -35.29
N MET H 4 -22.69 20.65 -36.17
CA MET H 4 -23.77 19.70 -35.94
C MET H 4 -23.24 18.36 -35.45
N THR H 5 -23.32 18.13 -34.14
CA THR H 5 -22.82 16.90 -33.55
C THR H 5 -23.94 15.88 -33.37
N GLN H 6 -23.92 14.84 -34.19
CA GLN H 6 -24.98 13.84 -34.18
C GLN H 6 -24.58 12.63 -33.36
N SER H 7 -25.21 12.47 -32.21
CA SER H 7 -24.92 11.33 -31.34
C SER H 7 -26.14 10.42 -31.17
N PRO H 8 -25.90 9.11 -31.07
CA PRO H 8 -24.58 8.50 -31.12
C PRO H 8 -24.10 8.27 -32.56
N SER H 9 -22.86 7.84 -32.71
CA SER H 9 -22.29 7.55 -34.04
C SER H 9 -23.06 6.41 -34.71
N SER H 10 -23.33 5.36 -33.94
CA SER H 10 -24.18 4.27 -34.40
C SER H 10 -24.90 3.63 -33.22
N LEU H 11 -25.97 2.90 -33.50
CA LEU H 11 -26.72 2.23 -32.45
C LEU H 11 -27.35 0.93 -32.95
N SER H 12 -27.46 -0.04 -32.06
CA SER H 12 -28.09 -1.32 -32.37
C SER H 12 -29.28 -1.57 -31.44
N ALA H 13 -30.43 -1.89 -32.01
CA ALA H 13 -31.64 -2.06 -31.22
C ALA H 13 -32.57 -3.08 -31.85
N SER H 14 -33.27 -3.83 -31.00
CA SER H 14 -34.20 -4.87 -31.48
C SER H 14 -35.45 -4.26 -32.11
N VAL H 15 -36.24 -5.11 -32.76
CA VAL H 15 -37.47 -4.65 -33.40
C VAL H 15 -38.48 -4.17 -32.36
N GLY H 16 -38.89 -2.91 -32.49
CA GLY H 16 -39.97 -2.38 -31.67
C GLY H 16 -39.47 -1.55 -30.50
N ASP H 17 -38.15 -1.42 -30.39
CA ASP H 17 -37.55 -0.57 -29.36
C ASP H 17 -37.81 0.91 -29.64
N ARG H 18 -37.57 1.74 -28.63
CA ARG H 18 -37.70 3.18 -28.80
C ARG H 18 -36.33 3.82 -29.08
N VAL H 19 -36.07 4.10 -30.35
CA VAL H 19 -34.80 4.69 -30.75
C VAL H 19 -34.86 6.22 -30.68
N THR H 20 -33.84 6.81 -30.06
CA THR H 20 -33.78 8.27 -29.91
C THR H 20 -32.41 8.81 -30.32
N ILE H 21 -32.33 9.30 -31.56
CA ILE H 21 -31.12 9.96 -32.04
C ILE H 21 -31.13 11.44 -31.68
N THR H 22 -29.98 11.95 -31.24
CA THR H 22 -29.86 13.34 -30.82
C THR H 22 -28.89 14.10 -31.71
N CYS H 23 -29.27 15.33 -32.07
CA CYS H 23 -28.42 16.20 -32.87
C CYS H 23 -28.22 17.53 -32.14
N ARG H 24 -27.01 17.73 -31.62
CA ARG H 24 -26.72 18.94 -30.85
C ARG H 24 -26.07 20.02 -31.72
N ALA H 25 -26.56 21.25 -31.58
CA ALA H 25 -26.04 22.38 -32.32
C ALA H 25 -25.01 23.14 -31.48
N SER H 26 -24.12 23.85 -32.17
CA SER H 26 -23.04 24.58 -31.50
C SER H 26 -23.56 25.82 -30.80
N GLN H 27 -24.74 26.28 -31.21
CA GLN H 27 -25.34 27.47 -30.62
C GLN H 27 -26.86 27.49 -30.85
N SER H 28 -27.48 28.61 -30.48
CA SER H 28 -28.91 28.80 -30.74
C SER H 28 -29.16 29.01 -32.22
N VAL H 29 -29.90 28.08 -32.82
CA VAL H 29 -30.11 28.10 -34.26
C VAL H 29 -31.58 27.85 -34.60
N SER H 30 -32.48 28.42 -33.80
CA SER H 30 -33.90 28.32 -34.06
C SER H 30 -34.39 26.89 -33.88
N SER H 31 -35.37 26.50 -34.69
CA SER H 31 -35.91 25.15 -34.66
C SER H 31 -36.16 24.64 -36.08
N ALA H 32 -35.37 25.14 -37.01
CA ALA H 32 -35.51 24.76 -38.41
C ALA H 32 -34.56 23.61 -38.78
N VAL H 33 -34.81 22.43 -38.21
CA VAL H 33 -33.90 21.30 -38.35
C VAL H 33 -34.59 20.12 -39.02
N ALA H 34 -33.88 19.46 -39.92
CA ALA H 34 -34.47 18.37 -40.70
C ALA H 34 -33.90 17.01 -40.29
N TRP H 35 -34.67 15.95 -40.57
CA TRP H 35 -34.19 14.59 -40.33
C TRP H 35 -34.37 13.75 -41.56
N TYR H 36 -33.25 13.27 -42.10
CA TYR H 36 -33.27 12.45 -43.31
C TYR H 36 -32.88 11.01 -43.03
N GLN H 37 -33.50 10.08 -43.76
CA GLN H 37 -33.09 8.68 -43.71
C GLN H 37 -32.55 8.23 -45.06
N GLN H 38 -31.38 7.60 -45.04
CA GLN H 38 -30.77 7.10 -46.27
C GLN H 38 -30.42 5.61 -46.18
N LYS H 39 -31.08 4.81 -47.03
CA LYS H 39 -30.72 3.41 -47.20
C LYS H 39 -29.56 3.29 -48.17
N PRO H 40 -28.64 2.34 -47.90
CA PRO H 40 -27.41 2.21 -48.68
C PRO H 40 -27.68 2.09 -50.18
N GLY H 41 -27.04 2.94 -50.96
CA GLY H 41 -27.14 2.88 -52.42
C GLY H 41 -28.24 3.75 -52.98
N LYS H 42 -29.18 4.15 -52.11
CA LYS H 42 -30.30 4.98 -52.53
C LYS H 42 -30.06 6.45 -52.18
N ALA H 43 -31.00 7.31 -52.59
CA ALA H 43 -30.94 8.71 -52.25
C ALA H 43 -31.59 8.97 -50.89
N PRO H 44 -31.08 9.96 -50.15
CA PRO H 44 -31.65 10.33 -48.86
C PRO H 44 -33.11 10.78 -49.01
N LYS H 45 -33.97 10.32 -48.11
CA LYS H 45 -35.36 10.74 -48.10
C LYS H 45 -35.73 11.47 -46.82
N LEU H 46 -36.59 12.48 -46.94
CA LEU H 46 -36.94 13.34 -45.81
C LEU H 46 -37.92 12.65 -44.88
N LEU H 47 -37.62 12.73 -43.58
CA LEU H 47 -38.52 12.21 -42.55
C LEU H 47 -39.21 13.35 -41.81
N ILE H 48 -38.40 14.25 -41.26
CA ILE H 48 -38.89 15.35 -40.43
C ILE H 48 -38.36 16.68 -40.93
N TYR H 49 -39.21 17.71 -40.93
CA TYR H 49 -38.77 19.07 -41.16
C TYR H 49 -39.17 20.03 -40.04
N SER H 50 -38.43 21.12 -39.93
CA SER H 50 -38.60 22.06 -38.82
C SER H 50 -38.58 21.35 -37.46
N ALA H 51 -37.89 20.22 -37.39
CA ALA H 51 -37.46 19.65 -36.11
C ALA H 51 -38.57 18.89 -35.40
N SER H 52 -39.81 19.02 -35.89
CA SER H 52 -40.96 18.41 -35.24
C SER H 52 -42.11 18.11 -36.20
N SER H 53 -42.10 18.76 -37.35
CA SER H 53 -43.17 18.59 -38.32
C SER H 53 -42.95 17.36 -39.21
N LEU H 54 -43.91 16.45 -39.20
CA LEU H 54 -43.83 15.22 -39.98
C LEU H 54 -44.06 15.49 -41.47
N TYR H 55 -43.38 14.72 -42.31
CA TYR H 55 -43.60 14.79 -43.76
C TYR H 55 -44.64 13.77 -44.18
N SER H 56 -45.21 13.97 -45.38
CA SER H 56 -46.27 13.10 -45.87
C SER H 56 -45.71 11.72 -46.24
N GLY H 57 -46.46 10.68 -45.89
CA GLY H 57 -46.06 9.31 -46.18
C GLY H 57 -45.25 8.67 -45.07
N VAL H 58 -44.51 9.49 -44.35
CA VAL H 58 -43.68 9.03 -43.24
C VAL H 58 -44.54 8.46 -42.11
N PRO H 59 -44.20 7.25 -41.65
CA PRO H 59 -45.00 6.51 -40.67
C PRO H 59 -45.21 7.28 -39.37
N SER H 60 -46.14 6.81 -38.54
CA SER H 60 -46.48 7.49 -37.30
C SER H 60 -45.34 7.42 -36.30
N ARG H 61 -44.54 6.36 -36.39
CA ARG H 61 -43.53 6.07 -35.37
C ARG H 61 -42.41 7.11 -35.37
N PHE H 62 -42.28 7.84 -36.47
CA PHE H 62 -41.26 8.88 -36.58
C PHE H 62 -41.77 10.20 -36.03
N SER H 63 -41.11 10.69 -34.98
CA SER H 63 -41.48 11.96 -34.37
C SER H 63 -40.25 12.83 -34.15
N GLY H 64 -40.46 14.14 -34.09
CA GLY H 64 -39.38 15.09 -33.84
C GLY H 64 -39.62 15.94 -32.62
N SER H 65 -38.60 16.04 -31.77
CA SER H 65 -38.71 16.81 -30.54
C SER H 65 -37.49 17.72 -30.37
N GLY H 66 -37.73 19.02 -30.24
CA GLY H 66 -36.65 19.98 -30.05
C GLY H 66 -36.59 20.49 -28.63
N SER H 67 -35.42 20.41 -28.02
CA SER H 67 -35.22 20.89 -26.65
C SER H 67 -33.86 21.57 -26.49
N GLY H 68 -33.87 22.84 -26.10
CA GLY H 68 -32.65 23.63 -26.03
C GLY H 68 -31.95 23.74 -27.38
N THR H 69 -30.67 23.35 -27.42
CA THR H 69 -29.96 23.23 -28.68
C THR H 69 -29.99 21.80 -29.23
N ASP H 70 -30.52 20.88 -28.43
CA ASP H 70 -30.55 19.47 -28.78
C ASP H 70 -31.85 19.09 -29.47
N PHE H 71 -31.76 18.61 -30.70
CA PHE H 71 -32.91 18.10 -31.42
C PHE H 71 -32.91 16.57 -31.42
N THR H 72 -34.10 15.98 -31.50
CA THR H 72 -34.25 14.55 -31.26
C THR H 72 -35.19 13.89 -32.26
N LEU H 73 -34.64 13.00 -33.06
CA LEU H 73 -35.43 12.08 -33.86
C LEU H 73 -35.78 10.85 -33.03
N THR H 74 -37.07 10.55 -32.94
CA THR H 74 -37.51 9.42 -32.13
C THR H 74 -38.35 8.44 -32.96
N ILE H 75 -37.93 7.18 -32.96
CA ILE H 75 -38.76 6.10 -33.49
C ILE H 75 -39.38 5.30 -32.36
N SER H 76 -40.71 5.34 -32.25
CA SER H 76 -41.42 4.70 -31.16
C SER H 76 -41.34 3.19 -31.25
N SER H 77 -41.75 2.65 -32.40
CA SER H 77 -41.64 1.21 -32.64
C SER H 77 -40.70 0.93 -33.81
N LEU H 78 -39.49 0.46 -33.49
CA LEU H 78 -38.48 0.19 -34.49
C LEU H 78 -38.87 -0.96 -35.40
N GLN H 79 -38.61 -0.81 -36.70
CA GLN H 79 -38.95 -1.83 -37.67
C GLN H 79 -37.68 -2.36 -38.33
N PRO H 80 -37.74 -3.62 -38.82
CA PRO H 80 -36.59 -4.22 -39.50
C PRO H 80 -36.24 -3.49 -40.79
N GLU H 81 -37.19 -2.73 -41.33
CA GLU H 81 -36.96 -1.94 -42.54
C GLU H 81 -36.55 -0.51 -42.21
N ASP H 82 -36.14 -0.29 -40.96
CA ASP H 82 -35.59 1.00 -40.55
C ASP H 82 -34.07 0.96 -40.52
N PHE H 83 -33.50 -0.11 -41.04
CA PHE H 83 -32.06 -0.21 -41.19
C PHE H 83 -31.55 0.80 -42.22
N ALA H 84 -30.96 1.88 -41.73
CA ALA H 84 -30.46 2.94 -42.59
C ALA H 84 -29.55 3.87 -41.82
N THR H 85 -29.05 4.91 -42.49
CA THR H 85 -28.36 5.99 -41.80
C THR H 85 -29.23 7.24 -41.71
N TYR H 86 -29.12 7.95 -40.60
CA TYR H 86 -29.97 9.11 -40.34
C TYR H 86 -29.15 10.38 -40.15
N TYR H 87 -29.57 11.46 -40.81
CA TYR H 87 -28.86 12.73 -40.76
C TYR H 87 -29.77 13.85 -40.27
N CYS H 88 -29.19 14.81 -39.53
CA CYS H 88 -29.88 16.04 -39.19
C CYS H 88 -29.38 17.22 -40.04
N GLN H 89 -30.29 18.10 -40.42
CA GLN H 89 -29.97 19.20 -41.34
C GLN H 89 -30.56 20.52 -40.85
N GLN H 90 -30.25 21.60 -41.56
CA GLN H 90 -30.80 22.92 -41.23
C GLN H 90 -31.53 23.56 -42.40
N HIS H 91 -32.37 24.55 -42.11
CA HIS H 91 -33.12 25.28 -43.14
C HIS H 91 -32.65 26.70 -43.28
N GLN H 92 -33.30 27.44 -44.18
CA GLN H 92 -32.78 28.73 -44.66
C GLN H 92 -31.46 28.61 -45.43
N TYR H 93 -31.52 28.80 -46.74
CA TYR H 93 -30.44 28.40 -47.65
C TYR H 93 -29.11 29.04 -47.25
N ASN H 94 -28.04 28.57 -47.88
CA ASN H 94 -26.71 29.18 -47.71
C ASN H 94 -26.26 29.15 -46.26
N SER H 95 -26.75 28.17 -45.52
CA SER H 95 -26.45 28.03 -44.10
C SER H 95 -26.88 26.65 -43.64
N LEU H 96 -27.33 25.83 -44.58
CA LEU H 96 -27.75 24.46 -44.29
C LEU H 96 -26.56 23.56 -44.07
N ILE H 97 -26.51 22.90 -42.92
CA ILE H 97 -25.39 22.03 -42.56
C ILE H 97 -25.88 20.66 -42.12
N PHE H 98 -25.22 19.62 -42.64
CA PHE H 98 -25.59 18.25 -42.31
C PHE H 98 -24.91 17.78 -41.03
N GLY H 99 -25.47 16.75 -40.42
CA GLY H 99 -24.88 16.16 -39.23
C GLY H 99 -23.93 15.02 -39.55
N GLN H 100 -23.26 14.51 -38.52
CA GLN H 100 -22.27 13.45 -38.71
C GLN H 100 -22.90 12.19 -39.28
N GLY H 101 -24.09 11.84 -38.77
CA GLY H 101 -24.83 10.68 -39.26
C GLY H 101 -24.86 9.55 -38.25
N THR H 102 -26.01 8.89 -38.15
CA THR H 102 -26.17 7.78 -37.20
C THR H 102 -26.56 6.50 -37.92
N LYS H 103 -25.74 5.46 -37.76
CA LYS H 103 -26.00 4.16 -38.37
C LYS H 103 -26.87 3.30 -37.46
N VAL H 104 -28.06 2.97 -37.94
CA VAL H 104 -29.04 2.22 -37.14
C VAL H 104 -29.07 0.75 -37.57
N GLU H 105 -28.75 -0.14 -36.63
CA GLU H 105 -28.71 -1.57 -36.90
C GLU H 105 -29.80 -2.31 -36.12
N ILE H 106 -30.44 -3.27 -36.78
CA ILE H 106 -31.46 -4.09 -36.14
C ILE H 106 -30.84 -5.24 -35.35
N LYS H 107 -31.23 -5.35 -34.08
CA LYS H 107 -30.81 -6.48 -33.25
C LYS H 107 -31.85 -7.61 -33.27
N ARG H 108 -31.45 -8.74 -33.85
CA ARG H 108 -32.26 -9.94 -33.81
C ARG H 108 -31.56 -11.01 -32.98
N THR H 109 -32.23 -12.15 -32.80
CA THR H 109 -31.61 -13.31 -32.19
C THR H 109 -30.47 -13.84 -33.06
N VAL H 110 -29.43 -14.36 -32.41
CA VAL H 110 -28.28 -14.90 -33.13
C VAL H 110 -28.72 -15.86 -34.24
N ALA H 111 -27.94 -15.91 -35.32
CA ALA H 111 -28.22 -16.80 -36.43
C ALA H 111 -26.97 -17.56 -36.90
N ALA H 112 -27.18 -18.58 -37.71
CA ALA H 112 -26.10 -19.46 -38.15
C ALA H 112 -25.79 -19.24 -39.64
N PRO H 113 -24.57 -18.78 -39.94
CA PRO H 113 -24.12 -18.60 -41.32
C PRO H 113 -24.06 -19.91 -42.08
N SER H 114 -24.64 -19.95 -43.28
CA SER H 114 -24.45 -21.07 -44.20
C SER H 114 -23.15 -20.92 -44.99
N VAL H 115 -22.16 -21.74 -44.67
CA VAL H 115 -20.85 -21.63 -45.30
C VAL H 115 -20.79 -22.45 -46.59
N PHE H 116 -20.34 -21.80 -47.66
CA PHE H 116 -20.14 -22.46 -48.94
C PHE H 116 -18.75 -22.20 -49.48
N ILE H 117 -18.18 -23.18 -50.17
CA ILE H 117 -16.87 -23.04 -50.77
C ILE H 117 -16.93 -23.16 -52.29
N PHE H 118 -16.29 -22.22 -52.98
CA PHE H 118 -16.25 -22.23 -54.44
C PHE H 118 -14.80 -22.31 -54.93
N PRO H 119 -14.47 -23.40 -55.64
CA PRO H 119 -13.21 -23.54 -56.36
C PRO H 119 -13.19 -22.71 -57.63
N PRO H 120 -12.01 -22.18 -57.99
CA PRO H 120 -11.91 -21.28 -59.14
C PRO H 120 -12.29 -21.97 -60.45
N SER H 121 -13.00 -21.27 -61.31
CA SER H 121 -13.50 -21.83 -62.55
C SER H 121 -12.35 -22.10 -63.52
N ASP H 122 -12.54 -23.09 -64.39
CA ASP H 122 -11.56 -23.38 -65.45
C ASP H 122 -11.36 -22.16 -66.34
N GLU H 123 -12.44 -21.41 -66.54
CA GLU H 123 -12.42 -20.25 -67.41
C GLU H 123 -11.50 -19.16 -66.87
N GLN H 124 -11.46 -19.03 -65.55
CA GLN H 124 -10.51 -18.13 -64.89
C GLN H 124 -9.09 -18.69 -64.86
N LEU H 125 -8.97 -19.98 -64.58
CA LEU H 125 -7.67 -20.65 -64.55
C LEU H 125 -6.95 -20.50 -65.88
N LYS H 126 -7.71 -20.43 -66.96
CA LYS H 126 -7.15 -20.13 -68.28
C LYS H 126 -6.44 -18.79 -68.27
N SER H 127 -6.99 -17.82 -67.55
CA SER H 127 -6.50 -16.45 -67.58
C SER H 127 -5.09 -16.36 -67.01
N GLY H 128 -4.89 -17.01 -65.87
CA GLY H 128 -3.58 -17.02 -65.22
C GLY H 128 -3.66 -16.77 -63.74
N THR H 129 -4.86 -16.55 -63.24
CA THR H 129 -5.08 -16.48 -61.79
C THR H 129 -6.24 -17.36 -61.37
N ALA H 130 -6.33 -17.61 -60.07
CA ALA H 130 -7.42 -18.39 -59.51
C ALA H 130 -8.02 -17.66 -58.32
N SER H 131 -9.31 -17.84 -58.12
CA SER H 131 -9.98 -17.19 -57.01
C SER H 131 -10.89 -18.17 -56.29
N VAL H 132 -10.56 -18.45 -55.04
CA VAL H 132 -11.42 -19.27 -54.20
C VAL H 132 -12.37 -18.40 -53.38
N VAL H 133 -13.66 -18.71 -53.44
CA VAL H 133 -14.67 -17.89 -52.78
C VAL H 133 -15.29 -18.63 -51.59
N CYS H 134 -15.30 -17.96 -50.44
CA CYS H 134 -16.00 -18.49 -49.27
C CYS H 134 -17.23 -17.64 -48.96
N LEU H 135 -18.41 -18.25 -49.10
CA LEU H 135 -19.68 -17.55 -48.89
C LEU H 135 -20.27 -17.87 -47.51
N LEU H 136 -20.49 -16.82 -46.72
CA LEU H 136 -21.29 -16.92 -45.50
C LEU H 136 -22.68 -16.35 -45.73
N ASN H 137 -23.68 -17.22 -45.72
CA ASN H 137 -25.03 -16.83 -46.13
C ASN H 137 -25.99 -16.64 -44.95
N ASN H 138 -26.47 -15.41 -44.79
CA ASN H 138 -27.55 -15.10 -43.85
C ASN H 138 -27.25 -15.45 -42.40
N PHE H 139 -26.56 -14.54 -41.71
CA PHE H 139 -26.17 -14.76 -40.33
C PHE H 139 -26.42 -13.53 -39.47
N TYR H 140 -26.16 -13.66 -38.18
CA TYR H 140 -26.22 -12.53 -37.25
C TYR H 140 -25.50 -12.90 -35.96
N PRO H 141 -24.69 -11.97 -35.43
CA PRO H 141 -24.57 -10.60 -35.93
C PRO H 141 -23.49 -10.47 -37.01
N ARG H 142 -23.11 -9.24 -37.31
CA ARG H 142 -22.17 -8.97 -38.38
C ARG H 142 -20.77 -9.45 -38.00
N GLU H 143 -20.56 -9.66 -36.70
CA GLU H 143 -19.26 -10.04 -36.18
C GLU H 143 -18.91 -11.48 -36.55
N ALA H 144 -18.40 -11.67 -37.76
CA ALA H 144 -17.98 -12.98 -38.22
C ALA H 144 -16.53 -12.95 -38.70
N LYS H 145 -15.80 -14.04 -38.46
CA LYS H 145 -14.40 -14.13 -38.86
C LYS H 145 -14.16 -15.27 -39.84
N VAL H 146 -13.40 -14.99 -40.89
CA VAL H 146 -13.09 -15.98 -41.91
C VAL H 146 -11.58 -16.09 -42.13
N GLN H 147 -11.05 -17.27 -41.86
CA GLN H 147 -9.63 -17.55 -42.06
C GLN H 147 -9.39 -18.48 -43.24
N TRP H 148 -8.35 -18.19 -44.02
CA TRP H 148 -8.02 -19.00 -45.18
C TRP H 148 -6.87 -19.92 -44.89
N LYS H 149 -7.03 -21.18 -45.28
CA LYS H 149 -5.98 -22.18 -45.05
C LYS H 149 -5.77 -23.06 -46.29
N VAL H 150 -4.63 -22.87 -46.93
CA VAL H 150 -4.24 -23.70 -48.07
C VAL H 150 -3.21 -24.74 -47.64
N ASP H 151 -3.61 -26.01 -47.63
CA ASP H 151 -2.79 -27.07 -47.09
C ASP H 151 -2.31 -26.71 -45.69
N ASN H 152 -3.27 -26.39 -44.82
CA ASN H 152 -3.01 -26.09 -43.41
C ASN H 152 -2.18 -24.82 -43.17
N ALA H 153 -1.77 -24.16 -44.26
CA ALA H 153 -1.09 -22.88 -44.16
C ALA H 153 -2.08 -21.71 -44.14
N LEU H 154 -2.11 -20.99 -43.02
CA LEU H 154 -3.00 -19.83 -42.88
C LEU H 154 -2.56 -18.68 -43.79
N GLN H 155 -3.36 -18.41 -44.81
CA GLN H 155 -3.09 -17.30 -45.72
C GLN H 155 -3.52 -15.97 -45.11
N ALA H 156 -2.62 -15.00 -45.17
CA ALA H 156 -2.92 -13.66 -44.67
C ALA H 156 -2.36 -12.60 -45.61
N GLY H 157 -3.22 -11.66 -46.01
CA GLY H 157 -2.80 -10.53 -46.83
C GLY H 157 -3.16 -10.69 -48.31
N ASN H 158 -3.79 -11.82 -48.65
CA ASN H 158 -4.12 -12.11 -50.04
C ASN H 158 -5.61 -12.38 -50.27
N SER H 159 -6.43 -12.03 -49.28
CA SER H 159 -7.88 -12.22 -49.37
C SER H 159 -8.64 -10.95 -49.02
N GLN H 160 -9.83 -10.80 -49.59
CA GLN H 160 -10.66 -9.62 -49.33
C GLN H 160 -12.09 -10.03 -48.99
N GLU H 161 -12.62 -9.47 -47.91
CA GLU H 161 -13.99 -9.76 -47.50
C GLU H 161 -14.94 -8.66 -47.98
N SER H 162 -16.23 -8.96 -47.98
CA SER H 162 -17.25 -7.98 -48.32
C SER H 162 -18.61 -8.40 -47.80
N VAL H 163 -19.28 -7.51 -47.09
CA VAL H 163 -20.53 -7.85 -46.44
C VAL H 163 -21.68 -7.03 -46.99
N THR H 164 -22.79 -7.69 -47.29
CA THR H 164 -23.99 -7.02 -47.77
C THR H 164 -24.59 -6.16 -46.66
N GLU H 165 -25.42 -5.21 -47.07
CA GLU H 165 -26.20 -4.42 -46.12
C GLU H 165 -27.29 -5.29 -45.49
N GLN H 166 -27.59 -5.01 -44.23
CA GLN H 166 -28.54 -5.84 -43.47
C GLN H 166 -29.86 -6.01 -44.21
N ASP H 167 -30.34 -7.24 -44.29
CA ASP H 167 -31.53 -7.56 -45.05
C ASP H 167 -32.74 -6.84 -44.47
N SER H 168 -33.72 -6.54 -45.33
CA SER H 168 -34.91 -5.83 -44.90
C SER H 168 -36.09 -6.77 -44.69
N LYS H 169 -35.81 -8.07 -44.64
CA LYS H 169 -36.85 -9.08 -44.44
C LYS H 169 -36.59 -9.90 -43.18
N ASP H 170 -35.32 -10.10 -42.84
CA ASP H 170 -34.96 -10.93 -41.69
C ASP H 170 -33.76 -10.37 -40.95
N SER H 171 -33.20 -9.30 -41.49
CA SER H 171 -32.12 -8.57 -40.82
C SER H 171 -30.87 -9.45 -40.64
N THR H 172 -30.53 -10.20 -41.69
CA THR H 172 -29.33 -11.04 -41.68
C THR H 172 -28.26 -10.53 -42.65
N TYR H 173 -27.01 -10.63 -42.25
CA TYR H 173 -25.88 -10.25 -43.11
C TYR H 173 -25.38 -11.43 -43.93
N SER H 174 -24.77 -11.13 -45.07
CA SER H 174 -24.10 -12.15 -45.87
C SER H 174 -22.67 -11.72 -46.20
N LEU H 175 -21.72 -12.63 -46.02
CA LEU H 175 -20.31 -12.31 -46.18
C LEU H 175 -19.69 -13.06 -47.35
N SER H 176 -18.78 -12.40 -48.05
CA SER H 176 -18.08 -13.03 -49.16
C SER H 176 -16.57 -12.80 -49.04
N SER H 177 -15.82 -13.89 -48.90
CA SER H 177 -14.37 -13.80 -48.86
C SER H 177 -13.75 -14.29 -50.16
N THR H 178 -12.97 -13.44 -50.80
CA THR H 178 -12.30 -13.79 -52.04
C THR H 178 -10.81 -14.02 -51.80
N LEU H 179 -10.36 -15.25 -52.06
CA LEU H 179 -8.95 -15.58 -51.98
C LEU H 179 -8.35 -15.61 -53.38
N THR H 180 -7.47 -14.67 -53.67
CA THR H 180 -6.89 -14.55 -55.00
C THR H 180 -5.45 -15.06 -55.03
N LEU H 181 -5.19 -16.03 -55.91
CA LEU H 181 -3.86 -16.61 -56.08
C LEU H 181 -3.46 -16.63 -57.56
N SER H 182 -2.18 -16.85 -57.81
CA SER H 182 -1.71 -17.11 -59.17
C SER H 182 -2.02 -18.55 -59.58
N LYS H 183 -2.07 -18.79 -60.88
CA LYS H 183 -2.34 -20.12 -61.41
C LYS H 183 -1.30 -21.10 -60.92
N ALA H 184 -0.04 -20.69 -60.99
CA ALA H 184 1.08 -21.53 -60.56
C ALA H 184 0.93 -21.93 -59.09
N ASP H 185 0.65 -20.95 -58.25
CA ASP H 185 0.50 -21.18 -56.82
C ASP H 185 -0.73 -22.03 -56.51
N TYR H 186 -1.76 -21.91 -57.33
CA TYR H 186 -2.96 -22.72 -57.17
C TYR H 186 -2.69 -24.18 -57.52
N GLU H 187 -1.83 -24.40 -58.51
CA GLU H 187 -1.47 -25.75 -58.93
C GLU H 187 -0.61 -26.44 -57.87
N LYS H 188 0.13 -25.64 -57.11
CA LYS H 188 1.17 -26.17 -56.23
C LYS H 188 0.61 -26.68 -54.89
N HIS H 189 -0.72 -26.71 -54.77
CA HIS H 189 -1.35 -27.14 -53.53
C HIS H 189 -2.61 -27.89 -53.77
N LYS H 190 -3.06 -28.62 -52.76
CA LYS H 190 -4.19 -29.53 -52.91
C LYS H 190 -5.40 -29.09 -52.11
N VAL H 191 -5.27 -29.08 -50.78
CA VAL H 191 -6.40 -28.82 -49.90
C VAL H 191 -6.61 -27.32 -49.68
N TYR H 192 -7.75 -26.82 -50.15
CA TYR H 192 -8.15 -25.44 -49.93
C TYR H 192 -9.36 -25.37 -49.00
N ALA H 193 -9.22 -24.65 -47.89
CA ALA H 193 -10.28 -24.59 -46.88
C ALA H 193 -10.44 -23.19 -46.29
N CYS H 194 -11.69 -22.75 -46.15
CA CYS H 194 -12.00 -21.56 -45.37
C CYS H 194 -12.64 -21.91 -44.03
N GLU H 195 -12.16 -21.28 -42.97
CA GLU H 195 -12.58 -21.60 -41.61
C GLU H 195 -13.34 -20.45 -40.96
N VAL H 196 -14.60 -20.72 -40.61
CA VAL H 196 -15.51 -19.67 -40.18
C VAL H 196 -15.71 -19.70 -38.66
N THR H 197 -15.33 -18.60 -38.00
CA THR H 197 -15.59 -18.43 -36.58
C THR H 197 -16.71 -17.41 -36.34
N HIS H 198 -17.80 -17.87 -35.74
CA HIS H 198 -18.95 -17.00 -35.52
C HIS H 198 -19.68 -17.34 -34.25
N GLN H 199 -20.42 -16.38 -33.71
CA GLN H 199 -21.16 -16.56 -32.47
C GLN H 199 -22.25 -17.62 -32.61
N GLY H 200 -22.91 -17.65 -33.76
CA GLY H 200 -23.98 -18.61 -34.01
C GLY H 200 -23.50 -20.04 -34.11
N LEU H 201 -22.19 -20.21 -34.28
CA LEU H 201 -21.58 -21.54 -34.33
C LEU H 201 -20.91 -21.88 -33.00
N SER H 202 -21.26 -23.04 -32.46
CA SER H 202 -20.68 -23.49 -31.20
C SER H 202 -19.22 -23.90 -31.37
N SER H 203 -18.79 -24.03 -32.62
CA SER H 203 -17.42 -24.39 -32.93
C SER H 203 -17.08 -23.96 -34.36
N PRO H 204 -15.80 -23.59 -34.59
CA PRO H 204 -15.36 -23.11 -35.90
C PRO H 204 -15.65 -24.13 -37.02
N VAL H 205 -16.45 -23.71 -38.00
CA VAL H 205 -16.81 -24.57 -39.12
C VAL H 205 -15.90 -24.33 -40.32
N THR H 206 -15.39 -25.41 -40.90
CA THR H 206 -14.45 -25.33 -42.02
C THR H 206 -15.01 -26.06 -43.24
N LYS H 207 -14.98 -25.39 -44.39
CA LYS H 207 -15.31 -26.02 -45.67
C LYS H 207 -14.09 -26.09 -46.57
N SER H 208 -13.90 -27.22 -47.23
CA SER H 208 -12.68 -27.47 -47.98
C SER H 208 -12.95 -28.16 -49.31
N PHE H 209 -11.98 -28.09 -50.21
CA PHE H 209 -11.98 -28.90 -51.44
C PHE H 209 -10.55 -29.23 -51.85
N ASN H 210 -10.40 -29.87 -53.01
CA ASN H 210 -9.10 -30.36 -53.45
C ASN H 210 -8.77 -30.00 -54.90
N ARG H 211 -7.51 -30.24 -55.29
CA ARG H 211 -7.03 -29.98 -56.65
C ARG H 211 -6.66 -28.52 -56.83
N GLU I 1 53.02 -8.35 52.13
CA GLU I 1 54.38 -8.12 51.60
C GLU I 1 54.38 -8.08 50.07
N VAL I 2 53.30 -8.57 49.47
CA VAL I 2 53.18 -8.61 48.01
C VAL I 2 52.34 -7.46 47.49
N GLN I 3 52.94 -6.62 46.65
CA GLN I 3 52.27 -5.43 46.16
C GLN I 3 52.47 -5.26 44.65
N LEU I 4 51.48 -4.69 43.98
CA LEU I 4 51.60 -4.33 42.58
C LEU I 4 51.33 -2.84 42.38
N VAL I 5 52.38 -2.04 42.44
CA VAL I 5 52.26 -0.59 42.30
C VAL I 5 52.40 -0.17 40.84
N GLU I 6 51.36 0.46 40.30
CA GLU I 6 51.33 0.81 38.89
C GLU I 6 51.30 2.32 38.69
N SER I 7 51.70 2.76 37.50
CA SER I 7 51.74 4.18 37.16
C SER I 7 51.83 4.39 35.65
N GLY I 8 51.76 5.63 35.22
CA GLY I 8 51.94 5.97 33.81
C GLY I 8 50.70 6.60 33.19
N GLY I 9 49.58 6.51 33.89
CA GLY I 9 48.30 6.98 33.36
C GLY I 9 48.18 8.50 33.37
N GLY I 10 47.29 9.02 32.52
CA GLY I 10 47.09 10.45 32.39
C GLY I 10 46.34 10.82 31.13
N LEU I 11 46.35 12.10 30.78
CA LEU I 11 45.66 12.59 29.59
C LEU I 11 46.52 12.42 28.34
N VAL I 12 45.87 12.03 27.24
CA VAL I 12 46.58 11.77 25.99
C VAL I 12 45.65 11.95 24.78
N GLN I 13 46.14 12.66 23.77
CA GLN I 13 45.38 12.87 22.54
C GLN I 13 45.09 11.56 21.83
N PRO I 14 43.87 11.41 21.31
CA PRO I 14 43.47 10.23 20.55
C PRO I 14 44.33 10.02 19.31
N GLY I 15 44.76 8.79 19.08
CA GLY I 15 45.76 8.50 18.06
C GLY I 15 47.17 8.43 18.62
N GLY I 16 47.36 9.08 19.77
CA GLY I 16 48.66 9.10 20.44
C GLY I 16 48.89 7.86 21.28
N SER I 17 50.05 7.79 21.91
CA SER I 17 50.46 6.60 22.64
C SER I 17 50.74 6.90 24.11
N LEU I 18 50.81 5.85 24.91
CA LEU I 18 51.09 5.97 26.34
C LEU I 18 51.37 4.60 26.94
N ARG I 19 52.40 4.53 27.80
CA ARG I 19 52.80 3.26 28.40
C ARG I 19 52.50 3.20 29.90
N LEU I 20 52.01 2.04 30.33
CA LEU I 20 51.70 1.84 31.74
C LEU I 20 52.71 0.90 32.39
N SER I 21 53.18 1.28 33.57
CA SER I 21 54.20 0.50 34.28
C SER I 21 53.61 -0.16 35.53
N CYS I 22 53.62 -1.48 35.54
CA CYS I 22 53.16 -2.23 36.72
C CYS I 22 54.34 -2.87 37.46
N ALA I 23 54.80 -2.19 38.51
CA ALA I 23 55.94 -2.67 39.29
C ALA I 23 55.50 -3.71 40.33
N ALA I 24 56.23 -4.81 40.40
CA ALA I 24 55.89 -5.91 41.30
C ALA I 24 56.77 -5.90 42.54
N SER I 25 56.23 -6.45 43.63
CA SER I 25 56.96 -6.48 44.90
C SER I 25 56.58 -7.71 45.71
N GLY I 26 57.58 -8.52 46.05
CA GLY I 26 57.38 -9.66 46.95
C GLY I 26 57.28 -10.99 46.21
N PHE I 27 57.53 -10.97 44.91
CA PHE I 27 57.53 -12.19 44.11
C PHE I 27 58.30 -12.00 42.80
N ASN I 28 58.70 -13.12 42.19
CA ASN I 28 59.37 -13.08 40.90
C ASN I 28 58.39 -13.25 39.74
N VAL I 29 58.24 -12.19 38.95
CA VAL I 29 57.33 -12.20 37.81
C VAL I 29 57.68 -13.31 36.82
N TYR I 30 58.94 -13.73 36.84
CA TYR I 30 59.45 -14.70 35.87
C TYR I 30 58.73 -16.05 35.98
N TYR I 31 58.06 -16.27 37.11
CA TYR I 31 57.40 -17.56 37.37
C TYR I 31 55.88 -17.46 37.25
N SER I 32 55.34 -16.28 37.52
CA SER I 32 53.89 -16.08 37.53
C SER I 32 53.37 -15.49 36.22
N SER I 33 52.22 -14.84 36.29
CA SER I 33 51.57 -14.28 35.12
C SER I 33 50.84 -12.97 35.43
N ILE I 34 51.08 -11.95 34.61
CA ILE I 34 50.53 -10.61 34.85
C ILE I 34 49.51 -10.19 33.79
N HIS I 35 48.34 -9.76 34.24
CA HIS I 35 47.26 -9.35 33.34
C HIS I 35 46.99 -7.88 33.44
N TRP I 36 46.43 -7.31 32.37
CA TRP I 36 45.89 -5.97 32.42
C TRP I 36 44.39 -5.98 32.24
N VAL I 37 43.69 -5.44 33.23
CA VAL I 37 42.23 -5.36 33.18
C VAL I 37 41.77 -3.93 33.44
N ARG I 38 41.13 -3.33 32.43
CA ARG I 38 40.66 -1.95 32.52
C ARG I 38 39.17 -1.88 32.86
N GLN I 39 38.70 -0.67 33.12
CA GLN I 39 37.30 -0.45 33.47
C GLN I 39 36.86 0.95 33.06
N ALA I 40 35.99 1.02 32.06
CA ALA I 40 35.44 2.30 31.60
C ALA I 40 34.55 2.93 32.66
N PRO I 41 34.55 4.26 32.75
CA PRO I 41 33.83 4.95 33.81
C PRO I 41 32.36 4.51 33.83
N GLY I 42 31.93 3.96 34.96
CA GLY I 42 30.56 3.49 35.13
C GLY I 42 30.22 2.29 34.26
N LYS I 43 31.22 1.45 34.00
CA LYS I 43 31.01 0.24 33.21
C LYS I 43 31.53 -0.99 33.95
N GLY I 44 31.45 -2.14 33.29
CA GLY I 44 31.93 -3.39 33.88
C GLY I 44 33.43 -3.56 33.75
N LEU I 45 33.93 -4.72 34.21
CA LEU I 45 35.35 -5.04 34.10
C LEU I 45 35.64 -5.66 32.74
N GLU I 46 36.75 -5.25 32.13
CA GLU I 46 37.17 -5.81 30.84
C GLU I 46 38.63 -6.24 30.86
N TRP I 47 38.86 -7.53 30.70
CA TRP I 47 40.21 -8.06 30.54
C TRP I 47 40.80 -7.61 29.24
N VAL I 48 42.06 -7.18 29.27
CA VAL I 48 42.71 -6.57 28.12
C VAL I 48 43.94 -7.36 27.66
N ALA I 49 44.93 -7.49 28.55
CA ALA I 49 46.24 -8.01 28.16
C ALA I 49 46.71 -9.15 29.08
N TYR I 50 47.64 -9.95 28.58
CA TYR I 50 48.22 -11.04 29.34
C TYR I 50 49.70 -11.17 29.03
N ILE I 51 50.50 -11.56 30.02
CA ILE I 51 51.89 -11.92 29.78
C ILE I 51 52.41 -12.91 30.81
N SER I 52 53.27 -13.81 30.36
CA SER I 52 54.07 -14.64 31.25
C SER I 52 55.50 -14.79 30.74
N PRO I 53 56.45 -14.13 31.40
CA PRO I 53 57.86 -14.18 30.99
C PRO I 53 58.44 -15.58 31.15
N SER I 54 57.72 -16.45 31.84
CA SER I 54 58.06 -17.87 31.89
C SER I 54 58.00 -18.49 30.50
N SER I 55 56.80 -18.60 29.94
CA SER I 55 56.61 -19.16 28.62
C SER I 55 56.97 -18.17 27.53
N GLY I 56 56.64 -16.90 27.75
CA GLY I 56 56.93 -15.85 26.78
C GLY I 56 55.75 -15.55 25.86
N SER I 57 54.63 -16.23 26.10
CA SER I 57 53.42 -16.02 25.31
C SER I 57 52.64 -14.80 25.79
N THR I 58 52.01 -14.10 24.86
CA THR I 58 51.18 -12.95 25.19
C THR I 58 49.86 -12.99 24.41
N TYR I 59 48.77 -12.61 25.08
CA TYR I 59 47.46 -12.56 24.44
C TYR I 59 46.75 -11.24 24.68
N TYR I 60 45.95 -10.83 23.70
CA TYR I 60 45.26 -9.54 23.75
C TYR I 60 43.76 -9.71 23.51
N ALA I 61 42.98 -8.74 23.93
CA ALA I 61 41.58 -8.67 23.58
C ALA I 61 41.39 -8.18 22.15
N ASP I 62 40.19 -8.38 21.60
CA ASP I 62 39.90 -7.99 20.23
C ASP I 62 39.87 -6.48 20.06
N SER I 63 39.41 -5.78 21.09
CA SER I 63 39.24 -4.34 21.02
C SER I 63 40.58 -3.60 21.15
N VAL I 64 41.64 -4.34 21.46
CA VAL I 64 42.96 -3.75 21.64
C VAL I 64 44.01 -4.46 20.79
N LYS I 65 43.59 -5.49 20.07
CA LYS I 65 44.51 -6.29 19.25
C LYS I 65 45.10 -5.47 18.11
N GLY I 66 46.42 -5.47 18.01
CA GLY I 66 47.12 -4.74 16.96
C GLY I 66 47.60 -3.37 17.42
N ARG I 67 47.03 -2.89 18.52
CA ARG I 67 47.33 -1.54 19.01
C ARG I 67 48.10 -1.59 20.32
N PHE I 68 47.84 -2.61 21.12
CA PHE I 68 48.49 -2.75 22.42
C PHE I 68 49.64 -3.76 22.39
N THR I 69 50.69 -3.48 23.15
CA THR I 69 51.85 -4.36 23.23
C THR I 69 52.31 -4.53 24.67
N ILE I 70 51.96 -5.65 25.28
CA ILE I 70 52.33 -5.92 26.67
C ILE I 70 53.70 -6.60 26.77
N SER I 71 54.67 -5.86 27.29
CA SER I 71 56.01 -6.41 27.51
C SER I 71 56.25 -6.68 28.99
N ALA I 72 57.42 -7.23 29.32
CA ALA I 72 57.80 -7.46 30.71
C ALA I 72 59.31 -7.46 30.88
N ASP I 73 59.78 -6.78 31.92
CA ASP I 73 61.20 -6.78 32.27
C ASP I 73 61.43 -7.47 33.61
N THR I 74 61.99 -8.67 33.56
CA THR I 74 62.26 -9.44 34.77
C THR I 74 63.46 -8.88 35.52
N SER I 75 64.21 -8.01 34.86
CA SER I 75 65.37 -7.36 35.46
C SER I 75 64.95 -6.44 36.61
N LYS I 76 63.93 -5.63 36.37
CA LYS I 76 63.39 -4.74 37.38
C LYS I 76 62.10 -5.29 37.98
N ASN I 77 61.72 -6.50 37.55
CA ASN I 77 60.50 -7.16 38.04
C ASN I 77 59.25 -6.31 37.79
N THR I 78 59.07 -5.87 36.55
CA THR I 78 57.99 -4.95 36.21
C THR I 78 57.38 -5.32 34.85
N ALA I 79 56.06 -5.40 34.81
CA ALA I 79 55.35 -5.62 33.54
C ALA I 79 54.89 -4.30 32.92
N TYR I 80 55.08 -4.18 31.61
CA TYR I 80 54.75 -2.94 30.89
C TYR I 80 53.63 -3.15 29.89
N LEU I 81 52.76 -2.15 29.75
CA LEU I 81 51.74 -2.17 28.71
C LEU I 81 51.82 -0.94 27.83
N GLN I 82 52.23 -1.14 26.57
CA GLN I 82 52.30 -0.06 25.61
C GLN I 82 50.99 0.09 24.87
N MET I 83 50.34 1.23 25.08
CA MET I 83 49.07 1.52 24.41
C MET I 83 49.29 2.49 23.25
N ASN I 84 49.19 1.96 22.03
CA ASN I 84 49.39 2.77 20.84
C ASN I 84 48.09 2.99 20.07
N SER I 85 48.04 4.09 19.30
CA SER I 85 46.84 4.45 18.56
C SER I 85 45.62 4.44 19.47
N LEU I 86 45.69 5.20 20.56
CA LEU I 86 44.63 5.22 21.56
C LEU I 86 43.35 5.83 20.99
N ARG I 87 42.25 5.12 21.16
CA ARG I 87 40.93 5.65 20.78
C ARG I 87 40.22 6.24 22.00
N ALA I 88 39.13 6.96 21.75
CA ALA I 88 38.35 7.54 22.84
C ALA I 88 37.74 6.48 23.76
N GLU I 89 37.49 5.29 23.21
CA GLU I 89 36.87 4.20 23.96
C GLU I 89 37.83 3.59 24.99
N ASP I 90 39.12 3.83 24.79
CA ASP I 90 40.14 3.28 25.69
C ASP I 90 40.15 4.01 27.02
N THR I 91 39.50 5.17 27.07
CA THR I 91 39.42 5.95 28.30
C THR I 91 38.84 5.11 29.43
N ALA I 92 39.71 4.61 30.29
CA ALA I 92 39.30 3.70 31.37
C ALA I 92 40.31 3.73 32.52
N VAL I 93 39.94 3.12 33.63
CA VAL I 93 40.90 2.90 34.71
C VAL I 93 41.55 1.52 34.57
N TYR I 94 42.87 1.51 34.47
CA TYR I 94 43.61 0.29 34.20
C TYR I 94 44.19 -0.33 35.47
N TYR I 95 43.87 -1.60 35.69
CA TYR I 95 44.48 -2.36 36.79
C TYR I 95 45.41 -3.44 36.22
N CYS I 96 46.53 -3.68 36.91
CA CYS I 96 47.34 -4.86 36.67
C CYS I 96 47.22 -5.85 37.84
N ALA I 97 47.14 -7.13 37.52
CA ALA I 97 46.92 -8.16 38.53
C ALA I 97 47.74 -9.42 38.27
N ARG I 98 48.11 -10.10 39.34
CA ARG I 98 48.95 -11.29 39.25
C ARG I 98 48.10 -12.55 39.38
N LYS I 99 48.44 -13.57 38.59
CA LYS I 99 47.88 -14.91 38.77
C LYS I 99 48.92 -15.99 38.57
N GLN I 100 49.24 -16.71 39.65
CA GLN I 100 50.26 -17.76 39.60
C GLN I 100 49.75 -19.01 38.89
N TYR I 101 50.67 -19.80 38.36
CA TYR I 101 50.32 -20.94 37.52
C TYR I 101 49.79 -22.11 38.34
N SER I 102 48.78 -22.78 37.81
CA SER I 102 48.28 -24.03 38.40
C SER I 102 48.78 -25.23 37.61
N TYR I 103 49.20 -26.27 38.32
CA TYR I 103 49.83 -27.43 37.68
C TYR I 103 48.96 -28.67 37.80
N TRP I 104 47.69 -28.48 38.15
CA TRP I 104 46.78 -29.59 38.32
C TRP I 104 45.78 -29.67 37.19
N ARG I 105 44.58 -30.13 37.51
CA ARG I 105 43.50 -30.21 36.53
C ARG I 105 42.26 -29.49 37.03
N ASP I 106 42.41 -28.73 38.11
CA ASP I 106 41.32 -27.92 38.66
C ASP I 106 41.52 -26.43 38.37
N SER I 107 42.75 -26.04 38.10
CA SER I 107 43.11 -24.64 37.97
C SER I 107 42.67 -23.82 39.18
N TYR I 108 43.11 -24.25 40.36
CA TYR I 108 42.66 -23.64 41.61
C TYR I 108 43.46 -22.38 41.94
N TRP I 109 43.57 -21.48 40.98
CA TRP I 109 44.22 -20.19 41.20
C TRP I 109 43.51 -19.07 40.50
N ALA I 110 43.36 -17.95 41.21
CA ALA I 110 42.75 -16.76 40.63
C ALA I 110 43.68 -15.56 40.78
N MET I 111 43.18 -14.37 40.42
CA MET I 111 43.98 -13.15 40.46
C MET I 111 43.88 -12.47 41.82
N ASP I 112 44.63 -12.99 42.78
CA ASP I 112 44.46 -12.63 44.18
C ASP I 112 44.87 -11.18 44.44
N TYR I 113 46.05 -10.81 43.97
CA TYR I 113 46.58 -9.47 44.22
C TYR I 113 46.47 -8.58 42.99
N TRP I 114 45.77 -7.46 43.16
CA TRP I 114 45.57 -6.51 42.07
C TRP I 114 46.44 -5.30 42.23
N GLY I 115 46.49 -4.47 41.19
CA GLY I 115 47.20 -3.19 41.27
C GLY I 115 46.38 -2.11 41.95
N GLN I 116 46.92 -0.90 41.96
CA GLN I 116 46.24 0.24 42.60
C GLN I 116 45.20 0.86 41.66
N GLY I 117 45.48 0.80 40.36
CA GLY I 117 44.58 1.37 39.36
C GLY I 117 45.00 2.75 38.94
N THR I 118 45.29 2.93 37.66
CA THR I 118 45.68 4.23 37.12
C THR I 118 44.71 4.70 36.03
N LEU I 119 44.44 6.00 36.02
CA LEU I 119 43.43 6.56 35.12
C LEU I 119 44.04 7.01 33.79
N VAL I 120 43.55 6.41 32.70
CA VAL I 120 43.95 6.81 31.36
C VAL I 120 42.81 7.52 30.64
N THR I 121 43.01 8.80 30.34
CA THR I 121 41.99 9.59 29.68
C THR I 121 42.39 9.89 28.24
N VAL I 122 41.57 9.45 27.29
CA VAL I 122 41.78 9.77 25.87
C VAL I 122 40.84 10.88 25.42
N SER I 123 41.40 11.99 24.95
CA SER I 123 40.62 13.20 24.70
C SER I 123 41.38 14.19 23.81
N SER I 124 40.65 14.78 22.86
CA SER I 124 41.20 15.83 22.01
C SER I 124 40.92 17.21 22.60
N ALA I 125 40.75 17.26 23.92
CA ALA I 125 40.37 18.49 24.60
C ALA I 125 41.48 18.99 25.51
N SER I 126 41.96 20.20 25.27
CA SER I 126 42.97 20.85 26.11
C SER I 126 42.43 21.09 27.53
N THR I 127 43.35 21.20 28.48
CA THR I 127 43.00 21.60 29.84
C THR I 127 42.27 22.94 29.85
N LYS I 128 41.20 23.02 30.63
CA LYS I 128 40.40 24.23 30.72
C LYS I 128 39.82 24.39 32.11
N GLY I 129 39.96 25.58 32.69
CA GLY I 129 39.39 25.88 34.00
C GLY I 129 37.88 26.02 33.95
N PRO I 130 37.20 25.64 35.04
CA PRO I 130 35.74 25.72 35.15
C PRO I 130 35.25 27.15 35.38
N SER I 131 34.02 27.43 34.98
CA SER I 131 33.31 28.61 35.45
C SER I 131 32.16 28.22 36.37
N VAL I 132 31.89 29.05 37.38
CA VAL I 132 30.93 28.71 38.42
C VAL I 132 29.73 29.66 38.45
N PHE I 133 28.54 29.10 38.29
CA PHE I 133 27.31 29.88 38.24
C PHE I 133 26.37 29.48 39.38
N PRO I 134 25.94 30.48 40.17
CA PRO I 134 25.26 30.24 41.44
C PRO I 134 23.82 29.77 41.26
N LEU I 135 23.52 28.55 41.71
CA LEU I 135 22.15 28.04 41.67
C LEU I 135 21.30 28.62 42.80
N ALA I 136 20.72 29.79 42.54
CA ALA I 136 20.10 30.59 43.59
C ALA I 136 18.79 29.98 44.08
N PRO I 137 18.51 30.11 45.39
CA PRO I 137 17.27 29.57 45.96
C PRO I 137 16.12 30.57 45.89
N SER I 138 15.14 30.27 45.04
CA SER I 138 13.98 31.15 44.87
C SER I 138 12.75 30.62 45.63
N SER I 139 11.60 31.21 45.35
CA SER I 139 10.36 30.85 46.04
C SER I 139 9.90 29.45 45.65
N SER I 143 8.72 31.52 57.30
CA SER I 143 8.88 31.96 55.91
C SER I 143 8.49 30.86 54.93
N GLY I 144 8.88 29.63 55.26
CA GLY I 144 8.56 28.48 54.42
C GLY I 144 9.05 27.17 55.02
N GLY I 145 9.36 26.20 54.17
CA GLY I 145 9.92 24.92 54.63
C GLY I 145 11.43 24.91 54.60
N THR I 146 12.00 24.04 53.76
CA THR I 146 13.45 23.89 53.65
C THR I 146 13.95 24.27 52.26
N ALA I 147 14.51 25.47 52.15
CA ALA I 147 15.05 25.95 50.87
C ALA I 147 16.19 25.07 50.39
N ALA I 148 16.43 25.10 49.08
CA ALA I 148 17.60 24.43 48.50
C ALA I 148 18.35 25.40 47.61
N LEU I 149 19.68 25.37 47.71
CA LEU I 149 20.54 26.16 46.83
C LEU I 149 21.71 25.32 46.32
N GLY I 150 22.64 25.98 45.65
CA GLY I 150 23.83 25.31 45.13
C GLY I 150 24.49 26.10 44.03
N CYS I 151 25.58 25.56 43.49
CA CYS I 151 26.30 26.20 42.40
C CYS I 151 26.64 25.20 41.29
N LEU I 152 27.02 25.72 40.13
CA LEU I 152 27.18 24.88 38.95
C LEU I 152 28.58 25.02 38.35
N VAL I 153 29.42 24.03 38.59
CA VAL I 153 30.73 23.95 37.97
C VAL I 153 30.64 23.48 36.53
N LYS I 154 30.89 24.38 35.58
CA LYS I 154 30.61 24.11 34.17
C LYS I 154 31.86 24.19 33.30
N ASP I 155 31.98 23.24 32.38
CA ASP I 155 32.86 23.39 31.21
C ASP I 155 34.34 23.38 31.58
N TYR I 156 34.76 22.32 32.28
CA TYR I 156 36.16 22.15 32.66
C TYR I 156 36.72 20.84 32.13
N PHE I 157 38.06 20.77 32.06
CA PHE I 157 38.75 19.56 31.64
C PHE I 157 40.20 19.59 32.14
N PRO I 158 40.72 18.42 32.53
CA PRO I 158 39.91 17.22 32.75
C PRO I 158 39.43 17.10 34.20
N GLU I 159 38.83 15.97 34.54
CA GLU I 159 38.38 15.71 35.90
C GLU I 159 39.57 15.58 36.86
N PRO I 160 39.31 15.73 38.17
CA PRO I 160 38.02 16.17 38.68
C PRO I 160 38.08 17.55 39.32
N VAL I 161 36.96 17.97 39.89
CA VAL I 161 36.90 19.19 40.69
C VAL I 161 36.49 18.83 42.12
N THR I 162 37.13 19.48 43.09
CA THR I 162 36.75 19.34 44.49
C THR I 162 35.94 20.54 44.97
N VAL I 163 34.69 20.30 45.36
CA VAL I 163 33.81 21.38 45.79
C VAL I 163 33.37 21.19 47.24
N SER I 164 33.68 22.18 48.08
CA SER I 164 33.22 22.20 49.46
C SER I 164 32.30 23.39 49.72
N TRP I 165 31.85 23.54 50.97
CA TRP I 165 30.91 24.59 51.31
C TRP I 165 31.30 25.31 52.57
N ASN I 166 31.32 26.64 52.49
CA ASN I 166 31.80 27.48 53.59
C ASN I 166 33.19 27.07 54.08
N SER I 167 34.06 26.69 53.14
CA SER I 167 35.43 26.28 53.45
C SER I 167 35.48 24.95 54.22
N GLY I 168 34.42 24.16 54.12
CA GLY I 168 34.33 22.89 54.85
C GLY I 168 33.41 22.96 56.06
N ALA I 169 32.95 24.17 56.39
CA ALA I 169 32.09 24.38 57.54
C ALA I 169 30.74 23.69 57.35
N LEU I 170 30.04 24.08 56.30
CA LEU I 170 28.77 23.44 55.94
C LEU I 170 28.99 22.15 55.16
N THR I 171 28.56 21.04 55.75
CA THR I 171 28.67 19.72 55.11
C THR I 171 27.40 18.89 55.34
N SER I 172 26.41 19.49 55.99
CA SER I 172 25.16 18.81 56.29
C SER I 172 24.14 18.97 55.16
N GLY I 173 23.76 17.85 54.56
CA GLY I 173 22.76 17.84 53.48
C GLY I 173 23.31 18.32 52.16
N VAL I 174 24.62 18.17 51.98
CA VAL I 174 25.28 18.63 50.75
C VAL I 174 25.48 17.47 49.77
N HIS I 175 24.94 17.63 48.57
CA HIS I 175 25.12 16.65 47.51
C HIS I 175 25.88 17.25 46.36
N THR I 176 27.09 16.76 46.14
CA THR I 176 27.84 17.09 44.93
C THR I 176 27.72 15.97 43.90
N PHE I 177 26.96 16.23 42.83
CA PHE I 177 26.64 15.19 41.85
C PHE I 177 27.86 14.79 41.03
N PRO I 178 27.89 13.52 40.58
CA PRO I 178 28.95 13.05 39.68
C PRO I 178 28.99 13.85 38.40
N ALA I 179 30.18 14.30 38.00
CA ALA I 179 30.34 15.06 36.76
C ALA I 179 29.83 14.26 35.57
N VAL I 180 29.27 14.96 34.60
CA VAL I 180 28.88 14.36 33.34
C VAL I 180 29.58 15.05 32.16
N LEU I 181 30.10 14.26 31.23
CA LEU I 181 30.80 14.82 30.09
C LEU I 181 29.82 15.32 29.04
N GLN I 182 29.82 16.62 28.80
CA GLN I 182 28.88 17.23 27.87
C GLN I 182 29.16 16.83 26.44
N SER I 183 28.15 16.98 25.59
CA SER I 183 28.30 16.73 24.16
C SER I 183 29.50 17.48 23.60
N SER I 184 29.81 18.62 24.20
CA SER I 184 30.91 19.46 23.76
C SER I 184 32.24 18.72 23.90
N GLY I 185 32.44 18.09 25.05
CA GLY I 185 33.70 17.42 25.33
C GLY I 185 34.21 17.70 26.73
N LEU I 186 33.65 18.73 27.37
CA LEU I 186 34.05 19.10 28.73
C LEU I 186 33.13 18.49 29.78
N TYR I 187 33.67 18.25 30.97
CA TYR I 187 32.87 17.81 32.11
C TYR I 187 32.07 18.97 32.69
N SER I 188 31.07 18.65 33.50
CA SER I 188 30.37 19.65 34.29
C SER I 188 29.53 18.99 35.37
N LEU I 189 29.57 19.55 36.57
CA LEU I 189 28.77 19.04 37.69
C LEU I 189 28.25 20.18 38.55
N SER I 190 27.28 19.87 39.41
CA SER I 190 26.66 20.87 40.26
C SER I 190 26.57 20.40 41.70
N SER I 191 26.96 21.27 42.63
CA SER I 191 26.88 20.96 44.05
C SER I 191 25.70 21.66 44.71
N VAL I 192 24.74 20.87 45.16
CA VAL I 192 23.55 21.42 45.81
C VAL I 192 23.60 21.22 47.32
N VAL I 193 22.84 22.02 48.05
CA VAL I 193 22.72 21.88 49.48
C VAL I 193 21.38 22.40 49.98
N THR I 194 20.76 21.63 50.88
CA THR I 194 19.54 22.08 51.54
C THR I 194 19.85 22.82 52.84
N VAL I 195 19.07 23.86 53.12
CA VAL I 195 19.19 24.62 54.36
C VAL I 195 17.86 25.27 54.72
N PRO I 196 17.53 25.30 56.01
CA PRO I 196 16.28 25.96 56.44
C PRO I 196 16.12 27.33 55.80
N SER I 197 14.89 27.66 55.41
CA SER I 197 14.61 28.97 54.83
C SER I 197 14.88 30.10 55.83
N SER I 198 14.91 29.74 57.11
CA SER I 198 15.15 30.71 58.17
C SER I 198 16.54 31.32 58.05
N SER I 199 17.49 30.51 57.60
CA SER I 199 18.91 30.89 57.62
C SER I 199 19.33 31.54 56.30
N LEU I 200 18.37 31.85 55.44
CA LEU I 200 18.65 32.57 54.22
C LEU I 200 18.89 34.06 54.49
N GLY I 201 19.85 34.64 53.80
CA GLY I 201 20.23 36.03 54.01
C GLY I 201 21.08 36.22 55.25
N THR I 202 20.60 35.66 56.37
CA THR I 202 21.24 35.85 57.66
C THR I 202 22.33 34.81 57.92
N GLN I 203 22.54 33.94 56.94
CA GLN I 203 23.70 33.06 56.92
C GLN I 203 24.23 32.92 55.49
N THR I 204 25.44 33.43 55.26
CA THR I 204 26.00 33.45 53.92
C THR I 204 26.53 32.08 53.49
N TYR I 205 26.15 31.65 52.30
CA TYR I 205 26.59 30.37 51.77
C TYR I 205 27.54 30.53 50.59
N ILE I 206 28.69 29.88 50.67
CA ILE I 206 29.69 29.95 49.62
C ILE I 206 30.17 28.55 49.26
N CYS I 207 30.07 28.20 47.99
CA CYS I 207 30.67 26.96 47.50
C CYS I 207 32.11 27.17 47.03
N ASN I 208 33.01 26.31 47.50
CA ASN I 208 34.42 26.45 47.23
C ASN I 208 34.90 25.45 46.18
N VAL I 209 35.20 25.96 45.00
CA VAL I 209 35.50 25.12 43.86
C VAL I 209 37.00 25.10 43.60
N ASN I 210 37.55 23.90 43.37
CA ASN I 210 38.97 23.75 43.11
C ASN I 210 39.27 22.76 41.99
N HIS I 211 39.70 23.27 40.85
CA HIS I 211 40.10 22.44 39.72
C HIS I 211 41.60 22.47 39.55
N LYS I 212 42.27 21.43 40.05
CA LYS I 212 43.71 21.46 40.20
C LYS I 212 44.45 21.29 38.86
N PRO I 213 43.96 20.39 37.99
CA PRO I 213 44.59 20.16 36.69
C PRO I 213 44.69 21.41 35.80
N SER I 214 43.89 22.44 36.08
CA SER I 214 44.01 23.71 35.39
C SER I 214 44.51 24.82 36.31
N ASN I 215 44.71 24.48 37.58
CA ASN I 215 45.14 25.46 38.58
C ASN I 215 44.11 26.58 38.75
N THR I 216 42.83 26.22 38.75
CA THR I 216 41.77 27.18 39.03
C THR I 216 41.13 26.91 40.40
N LYS I 217 40.94 27.97 41.17
CA LYS I 217 40.21 27.88 42.42
C LYS I 217 39.30 29.09 42.61
N VAL I 218 38.00 28.85 42.68
CA VAL I 218 37.02 29.93 42.83
C VAL I 218 36.04 29.64 43.96
N ASP I 219 35.88 30.59 44.86
CA ASP I 219 34.84 30.52 45.88
C ASP I 219 33.70 31.49 45.56
N LYS I 220 32.51 30.94 45.34
CA LYS I 220 31.39 31.72 44.84
C LYS I 220 30.27 31.82 45.88
N LYS I 221 29.78 33.04 46.08
CA LYS I 221 28.73 33.30 47.06
C LYS I 221 27.35 33.07 46.45
N VAL I 222 26.58 32.20 47.08
CA VAL I 222 25.22 31.92 46.64
C VAL I 222 24.19 32.65 47.49
N GLU I 223 23.42 33.52 46.85
CA GLU I 223 22.45 34.35 47.55
C GLU I 223 21.17 34.51 46.75
N PRO I 224 20.01 34.62 47.45
CA PRO I 224 18.70 34.70 46.82
C PRO I 224 18.55 35.89 45.86
N ASP J 1 34.99 -17.85 22.59
CA ASP J 1 33.88 -16.90 22.92
C ASP J 1 32.87 -17.53 23.86
N ILE J 2 33.07 -17.33 25.16
CA ILE J 2 32.17 -17.86 26.17
C ILE J 2 31.34 -16.75 26.81
N GLN J 3 30.03 -16.83 26.62
CA GLN J 3 29.12 -15.83 27.15
C GLN J 3 28.87 -16.03 28.64
N MET J 4 29.25 -15.04 29.44
CA MET J 4 29.01 -15.08 30.88
C MET J 4 27.85 -14.17 31.26
N THR J 5 26.67 -14.77 31.42
CA THR J 5 25.46 -14.01 31.75
C THR J 5 25.25 -13.96 33.26
N GLN J 6 25.49 -12.80 33.86
CA GLN J 6 25.36 -12.65 35.31
C GLN J 6 24.00 -12.07 35.70
N SER J 7 23.16 -12.90 36.31
CA SER J 7 21.83 -12.49 36.75
C SER J 7 21.69 -12.55 38.27
N PRO J 8 21.00 -11.56 38.86
CA PRO J 8 20.35 -10.46 38.15
C PRO J 8 21.29 -9.28 37.90
N SER J 9 20.84 -8.33 37.10
CA SER J 9 21.60 -7.11 36.84
C SER J 9 21.92 -6.39 38.15
N SER J 10 20.91 -6.22 38.99
CA SER J 10 21.08 -5.65 40.32
C SER J 10 20.03 -6.22 41.27
N LEU J 11 20.30 -6.10 42.57
CA LEU J 11 19.38 -6.58 43.58
C LEU J 11 19.45 -5.73 44.84
N SER J 12 18.31 -5.62 45.52
CA SER J 12 18.24 -4.90 46.79
C SER J 12 17.73 -5.84 47.87
N ALA J 13 18.43 -5.85 49.00
CA ALA J 13 18.07 -6.74 50.10
C ALA J 13 18.46 -6.13 51.45
N SER J 14 17.64 -6.41 52.46
CA SER J 14 17.89 -5.92 53.82
C SER J 14 19.12 -6.59 54.44
N VAL J 15 19.56 -6.09 55.59
CA VAL J 15 20.69 -6.67 56.30
C VAL J 15 20.37 -8.06 56.84
N GLY J 16 21.16 -9.04 56.43
CA GLY J 16 21.05 -10.39 56.99
C GLY J 16 20.27 -11.35 56.10
N ASP J 17 19.83 -10.84 54.95
CA ASP J 17 19.12 -11.67 53.96
C ASP J 17 20.08 -12.63 53.28
N ARG J 18 19.50 -13.65 52.61
CA ARG J 18 20.29 -14.60 51.85
C ARG J 18 20.36 -14.22 50.38
N VAL J 19 21.46 -13.59 49.99
CA VAL J 19 21.66 -13.15 48.61
C VAL J 19 22.27 -14.25 47.76
N THR J 20 21.70 -14.48 46.58
CA THR J 20 22.17 -15.54 45.69
C THR J 20 22.35 -15.04 44.25
N ILE J 21 23.54 -14.57 43.92
CA ILE J 21 23.87 -14.17 42.57
C ILE J 21 24.20 -15.40 41.71
N THR J 22 23.69 -15.41 40.48
CA THR J 22 23.93 -16.53 39.57
C THR J 22 24.71 -16.08 38.34
N CYS J 23 25.66 -16.90 37.92
CA CYS J 23 26.44 -16.64 36.71
C CYS J 23 26.34 -17.83 35.75
N ARG J 24 25.58 -17.66 34.68
CA ARG J 24 25.39 -18.74 33.71
C ARG J 24 26.40 -18.69 32.56
N ALA J 25 26.99 -19.83 32.24
CA ALA J 25 27.92 -19.94 31.12
C ALA J 25 27.21 -20.39 29.85
N SER J 26 27.81 -20.08 28.70
CA SER J 26 27.20 -20.42 27.42
C SER J 26 27.32 -21.91 27.12
N GLN J 27 28.24 -22.58 27.79
CA GLN J 27 28.46 -24.01 27.58
C GLN J 27 29.13 -24.64 28.79
N SER J 28 29.56 -25.90 28.63
CA SER J 28 30.33 -26.58 29.66
C SER J 28 31.76 -26.04 29.74
N VAL J 29 32.09 -25.42 30.86
CA VAL J 29 33.40 -24.78 31.04
C VAL J 29 34.01 -25.15 32.38
N SER J 30 33.90 -26.43 32.74
CA SER J 30 34.51 -26.93 33.97
C SER J 30 33.89 -26.27 35.20
N SER J 31 34.71 -26.08 36.23
CA SER J 31 34.27 -25.40 37.46
C SER J 31 35.32 -24.40 37.95
N ALA J 32 36.08 -23.84 37.00
CA ALA J 32 37.13 -22.89 37.32
C ALA J 32 36.61 -21.46 37.22
N VAL J 33 35.72 -21.09 38.13
CA VAL J 33 35.05 -19.79 38.07
C VAL J 33 35.31 -18.98 39.34
N ALA J 34 35.57 -17.68 39.17
CA ALA J 34 35.91 -16.81 40.29
C ALA J 34 34.77 -15.86 40.63
N TRP J 35 34.79 -15.33 41.85
CA TRP J 35 33.85 -14.29 42.26
C TRP J 35 34.56 -13.14 42.91
N TYR J 36 34.46 -11.97 42.30
CA TYR J 36 35.14 -10.77 42.80
C TYR J 36 34.15 -9.75 43.35
N GLN J 37 34.57 -9.02 44.39
CA GLN J 37 33.80 -7.91 44.90
C GLN J 37 34.56 -6.59 44.70
N GLN J 38 33.87 -5.60 44.14
CA GLN J 38 34.46 -4.28 43.94
C GLN J 38 33.60 -3.19 44.57
N LYS J 39 34.17 -2.49 45.55
CA LYS J 39 33.57 -1.26 46.06
C LYS J 39 33.95 -0.07 45.19
N PRO J 40 33.01 0.88 45.03
CA PRO J 40 33.19 1.99 44.09
C PRO J 40 34.48 2.78 44.38
N GLY J 41 35.32 2.93 43.37
CA GLY J 41 36.54 3.73 43.49
C GLY J 41 37.76 2.90 43.87
N LYS J 42 37.53 1.69 44.35
CA LYS J 42 38.62 0.80 44.78
C LYS J 42 38.93 -0.25 43.70
N ALA J 43 39.92 -1.08 43.97
CA ALA J 43 40.24 -2.21 43.10
C ALA J 43 39.41 -3.44 43.47
N PRO J 44 39.09 -4.28 42.47
CA PRO J 44 38.34 -5.51 42.69
C PRO J 44 39.10 -6.48 43.58
N LYS J 45 38.42 -7.06 44.56
CA LYS J 45 39.05 -8.02 45.45
C LYS J 45 38.42 -9.40 45.32
N LEU J 46 39.25 -10.45 45.41
CA LEU J 46 38.78 -11.82 45.21
C LEU J 46 38.00 -12.32 46.42
N LEU J 47 36.88 -12.99 46.14
CA LEU J 47 36.10 -13.65 47.18
C LEU J 47 36.19 -15.16 47.05
N ILE J 48 35.84 -15.66 45.86
CA ILE J 48 35.80 -17.10 45.61
C ILE J 48 36.66 -17.45 44.39
N TYR J 49 37.38 -18.57 44.48
CA TYR J 49 38.03 -19.13 43.31
C TYR J 49 37.65 -20.59 43.08
N SER J 50 37.78 -21.05 41.84
CA SER J 50 37.31 -22.37 41.44
C SER J 50 35.85 -22.64 41.86
N ALA J 51 35.08 -21.56 41.97
CA ALA J 51 33.62 -21.67 41.96
C ALA J 51 33.05 -22.07 43.32
N SER J 52 33.91 -22.52 44.22
CA SER J 52 33.47 -23.01 45.52
C SER J 52 34.53 -22.87 46.61
N SER J 53 35.77 -22.65 46.21
CA SER J 53 36.87 -22.55 47.16
C SER J 53 37.01 -21.13 47.72
N LEU J 54 36.90 -21.00 49.04
CA LEU J 54 36.99 -19.70 49.70
C LEU J 54 38.43 -19.18 49.71
N TYR J 55 38.58 -17.86 49.61
CA TYR J 55 39.88 -17.22 49.74
C TYR J 55 40.13 -16.80 51.19
N SER J 56 41.40 -16.55 51.52
CA SER J 56 41.78 -16.19 52.89
C SER J 56 41.33 -14.79 53.25
N GLY J 57 40.81 -14.64 54.46
CA GLY J 57 40.33 -13.34 54.93
C GLY J 57 38.84 -13.14 54.66
N VAL J 58 38.34 -13.77 53.60
CA VAL J 58 36.94 -13.64 53.21
C VAL J 58 36.02 -14.30 54.24
N PRO J 59 35.03 -13.54 54.72
CA PRO J 59 34.15 -13.99 55.80
C PRO J 59 33.46 -15.32 55.51
N SER J 60 32.82 -15.89 56.53
CA SER J 60 32.21 -17.21 56.41
C SER J 60 30.95 -17.17 55.55
N ARG J 61 30.30 -16.00 55.50
CA ARG J 61 29.01 -15.87 54.85
C ARG J 61 29.10 -16.04 53.34
N PHE J 62 30.30 -15.83 52.79
CA PHE J 62 30.54 -15.98 51.36
C PHE J 62 30.81 -17.44 50.99
N SER J 63 29.92 -18.02 50.19
CA SER J 63 30.07 -19.39 49.75
C SER J 63 29.86 -19.52 48.24
N GLY J 64 30.51 -20.49 47.63
CA GLY J 64 30.36 -20.74 46.20
C GLY J 64 29.75 -22.11 45.92
N SER J 65 28.78 -22.14 45.02
CA SER J 65 28.12 -23.38 44.64
C SER J 65 27.98 -23.49 43.13
N GLY J 66 28.52 -24.56 42.55
CA GLY J 66 28.42 -24.80 41.12
C GLY J 66 27.43 -25.89 40.79
N SER J 67 26.50 -25.59 39.88
CA SER J 67 25.51 -26.57 39.46
C SER J 67 25.22 -26.45 37.96
N GLY J 68 25.52 -27.51 37.22
CA GLY J 68 25.39 -27.50 35.76
C GLY J 68 26.32 -26.48 35.13
N THR J 69 25.75 -25.57 34.34
CA THR J 69 26.51 -24.45 33.80
C THR J 69 26.33 -23.20 34.67
N ASP J 70 25.43 -23.28 35.64
CA ASP J 70 25.13 -22.14 36.50
C ASP J 70 25.96 -22.16 37.77
N PHE J 71 26.75 -21.10 37.99
CA PHE J 71 27.50 -20.94 39.22
C PHE J 71 26.85 -19.89 40.12
N THR J 72 27.05 -20.03 41.43
CA THR J 72 26.28 -19.27 42.40
C THR J 72 27.16 -18.76 43.54
N LEU J 73 27.27 -17.44 43.63
CA LEU J 73 27.80 -16.81 44.83
C LEU J 73 26.68 -16.58 45.83
N THR J 74 26.86 -17.07 47.05
CA THR J 74 25.82 -16.97 48.07
C THR J 74 26.34 -16.28 49.34
N ILE J 75 25.69 -15.19 49.72
CA ILE J 75 25.92 -14.57 51.01
C ILE J 75 24.81 -14.94 51.99
N SER J 76 25.16 -15.70 53.01
CA SER J 76 24.18 -16.21 53.98
C SER J 76 23.57 -15.07 54.80
N SER J 77 24.43 -14.28 55.43
CA SER J 77 23.97 -13.12 56.21
C SER J 77 24.51 -11.82 55.62
N LEU J 78 23.65 -11.11 54.90
CA LEU J 78 24.05 -9.88 54.23
C LEU J 78 24.43 -8.79 55.24
N GLN J 79 25.50 -8.06 54.94
CA GLN J 79 25.97 -7.00 55.81
C GLN J 79 25.89 -5.65 55.09
N PRO J 80 25.76 -4.57 55.87
CA PRO J 80 25.69 -3.22 55.31
C PRO J 80 26.98 -2.82 54.59
N GLU J 81 28.08 -3.51 54.90
CA GLU J 81 29.35 -3.27 54.24
C GLU J 81 29.57 -4.22 53.07
N ASP J 82 28.48 -4.85 52.62
CA ASP J 82 28.52 -5.67 51.41
C ASP J 82 27.96 -4.92 50.21
N PHE J 83 27.68 -3.63 50.39
CA PHE J 83 27.35 -2.76 49.27
C PHE J 83 28.51 -2.66 48.29
N ALA J 84 28.41 -3.42 47.20
CA ALA J 84 29.42 -3.38 46.14
C ALA J 84 28.89 -4.02 44.88
N THR J 85 29.73 -4.06 43.85
CA THR J 85 29.41 -4.81 42.64
C THR J 85 30.17 -6.13 42.60
N TYR J 86 29.49 -7.18 42.13
CA TYR J 86 30.06 -8.52 42.11
C TYR J 86 30.21 -9.06 40.69
N TYR J 87 31.36 -9.65 40.40
CA TYR J 87 31.65 -10.16 39.07
C TYR J 87 31.98 -11.66 39.12
N CYS J 88 31.65 -12.39 38.06
CA CYS J 88 32.13 -13.75 37.89
C CYS J 88 33.19 -13.85 36.79
N GLN J 89 34.19 -14.70 37.02
CA GLN J 89 35.34 -14.80 36.13
C GLN J 89 35.68 -16.26 35.82
N GLN J 90 36.68 -16.47 34.97
CA GLN J 90 37.14 -17.81 34.61
C GLN J 90 38.64 -17.96 34.82
N HIS J 91 39.09 -19.22 34.91
CA HIS J 91 40.52 -19.52 35.08
C HIS J 91 41.11 -20.15 33.86
N GLN J 92 42.40 -20.46 33.93
CA GLN J 92 43.19 -20.82 32.74
C GLN J 92 43.34 -19.65 31.78
N TYR J 93 44.57 -19.12 31.69
CA TYR J 93 44.83 -17.84 31.03
C TYR J 93 44.34 -17.81 29.58
N ASN J 94 44.31 -16.61 29.01
CA ASN J 94 43.98 -16.44 27.59
C ASN J 94 42.60 -16.99 27.24
N SER J 95 41.75 -17.10 28.26
CA SER J 95 40.40 -17.60 28.08
C SER J 95 39.53 -17.11 29.24
N LEU J 96 40.10 -16.23 30.06
CA LEU J 96 39.40 -15.68 31.21
C LEU J 96 38.44 -14.57 30.79
N ILE J 97 37.17 -14.75 31.15
CA ILE J 97 36.12 -13.81 30.75
C ILE J 97 35.31 -13.36 31.97
N PHE J 98 35.09 -12.05 32.07
CA PHE J 98 34.32 -11.49 33.17
C PHE J 98 32.82 -11.55 32.91
N GLY J 99 32.03 -11.46 33.97
CA GLY J 99 30.58 -11.41 33.85
C GLY J 99 30.05 -9.99 33.77
N GLN J 100 28.75 -9.87 33.53
CA GLN J 100 28.12 -8.56 33.36
C GLN J 100 28.27 -7.70 34.61
N GLY J 101 28.09 -8.32 35.77
CA GLY J 101 28.23 -7.62 37.05
C GLY J 101 26.90 -7.41 37.75
N THR J 102 26.89 -7.62 39.06
CA THR J 102 25.67 -7.47 39.85
C THR J 102 25.81 -6.40 40.93
N LYS J 103 24.98 -5.37 40.85
CA LYS J 103 24.99 -4.28 41.83
C LYS J 103 24.13 -4.64 43.03
N VAL J 104 24.77 -4.75 44.19
CA VAL J 104 24.08 -5.14 45.41
C VAL J 104 23.79 -3.92 46.30
N GLU J 105 22.51 -3.71 46.59
CA GLU J 105 22.09 -2.56 47.38
C GLU J 105 21.46 -3.00 48.69
N ILE J 106 21.81 -2.31 49.77
CA ILE J 106 21.19 -2.55 51.07
C ILE J 106 19.85 -1.84 51.17
N LYS J 107 18.78 -2.61 51.31
CA LYS J 107 17.43 -2.16 50.98
C LYS J 107 16.89 -1.18 52.01
N ARG J 108 16.14 -0.18 51.53
CA ARG J 108 15.31 0.64 52.41
C ARG J 108 13.87 0.77 51.88
N THR J 109 13.06 1.59 52.54
CA THR J 109 11.66 1.75 52.17
C THR J 109 11.48 2.87 51.14
N VAL J 110 10.27 3.00 50.60
CA VAL J 110 10.01 3.94 49.50
C VAL J 110 9.99 5.40 49.96
N ALA J 111 10.63 6.27 49.18
CA ALA J 111 10.78 7.68 49.55
C ALA J 111 10.44 8.60 48.37
N ALA J 112 9.51 9.51 48.59
CA ALA J 112 9.11 10.46 47.55
C ALA J 112 9.98 11.72 47.55
N PRO J 113 10.53 12.08 46.38
CA PRO J 113 11.60 13.07 46.26
C PRO J 113 11.20 14.42 46.84
N SER J 114 12.19 15.28 47.10
CA SER J 114 11.94 16.71 47.21
C SER J 114 12.37 17.42 45.93
N VAL J 115 11.40 17.93 45.18
CA VAL J 115 11.67 18.52 43.88
C VAL J 115 11.94 20.01 43.99
N PHE J 116 13.08 20.45 43.48
CA PHE J 116 13.43 21.87 43.44
C PHE J 116 13.74 22.32 42.02
N ILE J 117 13.35 23.54 41.69
CA ILE J 117 13.66 24.12 40.39
C ILE J 117 14.63 25.31 40.49
N PHE J 118 15.62 25.33 39.62
CA PHE J 118 16.62 26.40 39.62
C PHE J 118 16.67 27.08 38.26
N PRO J 119 16.28 28.35 38.21
CA PRO J 119 16.45 29.19 37.01
C PRO J 119 17.90 29.60 36.80
N PRO J 120 18.32 29.74 35.54
CA PRO J 120 19.73 30.01 35.25
C PRO J 120 20.17 31.34 35.83
N SER J 121 21.37 31.38 36.38
CA SER J 121 21.91 32.61 36.97
C SER J 121 22.17 33.67 35.91
N ASP J 122 22.07 34.93 36.31
CA ASP J 122 22.41 36.06 35.43
C ASP J 122 23.86 35.96 34.98
N GLU J 123 24.73 35.52 35.87
CA GLU J 123 26.15 35.37 35.58
C GLU J 123 26.38 34.42 34.40
N GLN J 124 25.61 33.33 34.36
CA GLN J 124 25.66 32.42 33.23
C GLN J 124 25.00 33.02 31.98
N LEU J 125 23.87 33.70 32.19
CA LEU J 125 23.14 34.33 31.10
C LEU J 125 24.02 35.34 30.37
N LYS J 126 24.97 35.93 31.08
CA LYS J 126 25.96 36.80 30.47
C LYS J 126 26.81 36.04 29.46
N SER J 127 27.10 34.78 29.76
CA SER J 127 28.03 33.99 28.95
C SER J 127 27.50 33.73 27.55
N GLY J 128 26.24 33.30 27.46
CA GLY J 128 25.61 33.04 26.17
C GLY J 128 24.73 31.80 26.21
N THR J 129 24.75 31.10 27.34
CA THR J 129 23.90 29.93 27.54
C THR J 129 23.17 29.97 28.87
N ALA J 130 22.07 29.24 28.97
CA ALA J 130 21.31 29.13 30.21
C ALA J 130 21.12 27.66 30.59
N SER J 131 21.11 27.39 31.89
CA SER J 131 20.98 26.02 32.37
C SER J 131 19.94 25.94 33.49
N VAL J 132 18.82 25.28 33.20
CA VAL J 132 17.80 25.05 34.22
C VAL J 132 18.03 23.71 34.94
N VAL J 133 18.06 23.77 36.27
CA VAL J 133 18.37 22.59 37.07
C VAL J 133 17.15 22.10 37.83
N CYS J 134 16.85 20.81 37.69
CA CYS J 134 15.79 20.18 38.45
C CYS J 134 16.40 19.19 39.44
N LEU J 135 16.26 19.49 40.73
CA LEU J 135 16.84 18.65 41.78
C LEU J 135 15.79 17.75 42.42
N LEU J 136 16.04 16.44 42.40
CA LEU J 136 15.27 15.49 43.19
C LEU J 136 16.07 15.06 44.41
N ASN J 137 15.60 15.44 45.59
CA ASN J 137 16.38 15.26 46.81
C ASN J 137 15.88 14.08 47.65
N ASN J 138 16.75 13.09 47.83
CA ASN J 138 16.53 12.03 48.82
C ASN J 138 15.25 11.24 48.60
N PHE J 139 15.31 10.27 47.68
CA PHE J 139 14.15 9.46 47.37
C PHE J 139 14.50 7.98 47.31
N TYR J 140 13.49 7.14 47.14
CA TYR J 140 13.69 5.71 46.89
C TYR J 140 12.44 5.09 46.26
N PRO J 141 12.63 4.27 45.22
CA PRO J 141 13.92 3.76 44.78
C PRO J 141 14.58 4.65 43.72
N ARG J 142 15.62 4.13 43.07
CA ARG J 142 16.36 4.88 42.07
C ARG J 142 15.52 5.12 40.81
N GLU J 143 14.45 4.35 40.67
CA GLU J 143 13.59 4.44 39.49
C GLU J 143 12.75 5.70 39.49
N ALA J 144 13.36 6.80 39.07
CA ALA J 144 12.68 8.09 38.99
C ALA J 144 12.78 8.67 37.58
N LYS J 145 11.71 9.33 37.14
CA LYS J 145 11.67 9.90 35.80
C LYS J 145 11.48 11.42 35.85
N VAL J 146 12.26 12.13 35.05
CA VAL J 146 12.18 13.59 35.00
C VAL J 146 11.99 14.09 33.57
N GLN J 147 10.86 14.74 33.33
CA GLN J 147 10.56 15.29 32.00
C GLN J 147 10.61 16.81 32.01
N TRP J 148 11.15 17.38 30.93
CA TRP J 148 11.31 18.83 30.82
C TRP J 148 10.27 19.42 29.91
N LYS J 149 9.67 20.51 30.35
CA LYS J 149 8.60 21.15 29.60
C LYS J 149 8.72 22.67 29.59
N VAL J 150 9.16 23.21 28.45
CA VAL J 150 9.27 24.66 28.25
C VAL J 150 8.07 25.21 27.49
N ASP J 151 7.21 25.94 28.19
CA ASP J 151 5.93 26.36 27.62
C ASP J 151 5.17 25.15 27.09
N ASN J 152 4.98 24.16 27.96
CA ASN J 152 4.19 22.97 27.63
C ASN J 152 4.84 22.09 26.55
N ALA J 153 5.96 22.53 26.02
CA ALA J 153 6.71 21.76 25.04
C ALA J 153 7.68 20.81 25.74
N LEU J 154 7.48 19.51 25.53
CA LEU J 154 8.36 18.50 26.11
C LEU J 154 9.72 18.47 25.43
N GLN J 155 10.74 18.94 26.15
CA GLN J 155 12.10 18.97 25.65
C GLN J 155 12.74 17.58 25.72
N ALA J 156 13.31 17.13 24.60
CA ALA J 156 13.96 15.83 24.54
C ALA J 156 15.27 15.92 23.76
N GLY J 157 16.35 15.47 24.37
CA GLY J 157 17.66 15.40 23.71
C GLY J 157 18.59 16.52 24.14
N ASN J 158 18.11 17.39 25.03
CA ASN J 158 18.86 18.56 25.44
C ASN J 158 19.04 18.66 26.94
N SER J 159 18.81 17.55 27.64
CA SER J 159 19.02 17.51 29.08
C SER J 159 19.87 16.31 29.50
N GLN J 160 20.55 16.44 30.65
CA GLN J 160 21.36 15.35 31.18
C GLN J 160 21.08 15.12 32.67
N GLU J 161 20.83 13.87 33.03
CA GLU J 161 20.56 13.52 34.42
C GLU J 161 21.83 12.98 35.09
N SER J 162 21.83 13.00 36.41
CA SER J 162 22.94 12.46 37.19
C SER J 162 22.48 12.08 38.59
N VAL J 163 22.76 10.85 39.00
CA VAL J 163 22.31 10.35 40.30
C VAL J 163 23.49 10.05 41.22
N THR J 164 23.40 10.54 42.46
CA THR J 164 24.39 10.24 43.48
C THR J 164 24.37 8.77 43.84
N GLU J 165 25.48 8.28 44.38
CA GLU J 165 25.53 6.96 44.99
C GLU J 165 24.64 6.90 46.22
N GLN J 166 24.04 5.73 46.46
CA GLN J 166 23.12 5.57 47.58
C GLN J 166 23.74 6.05 48.89
N ASP J 167 22.96 6.80 49.67
CA ASP J 167 23.45 7.38 50.91
C ASP J 167 23.75 6.30 51.94
N SER J 168 24.74 6.57 52.79
CA SER J 168 25.17 5.58 53.79
C SER J 168 24.56 5.87 55.15
N LYS J 169 23.53 6.70 55.18
CA LYS J 169 22.84 7.03 56.42
C LYS J 169 21.35 6.71 56.37
N ASP J 170 20.77 6.77 55.17
CA ASP J 170 19.35 6.51 55.00
C ASP J 170 19.05 5.80 53.68
N SER J 171 20.10 5.58 52.89
CA SER J 171 19.99 4.78 51.67
C SER J 171 19.03 5.41 50.67
N THR J 172 19.10 6.73 50.52
CA THR J 172 18.28 7.44 49.55
C THR J 172 19.12 8.01 48.42
N TYR J 173 18.55 8.01 47.21
CA TYR J 173 19.23 8.59 46.06
C TYR J 173 18.84 10.05 45.85
N SER J 174 19.71 10.80 45.18
CA SER J 174 19.41 12.16 44.78
C SER J 174 19.75 12.38 43.32
N LEU J 175 18.83 13.00 42.59
CA LEU J 175 18.94 13.13 41.14
C LEU J 175 19.09 14.59 40.72
N SER J 176 19.87 14.82 39.66
CA SER J 176 20.03 16.17 39.12
C SER J 176 19.88 16.16 37.61
N SER J 177 18.88 16.89 37.12
CA SER J 177 18.67 17.06 35.69
C SER J 177 19.08 18.45 35.26
N THR J 178 19.99 18.53 34.29
CA THR J 178 20.43 19.81 33.75
C THR J 178 19.84 20.04 32.36
N LEU J 179 19.05 21.09 32.24
CA LEU J 179 18.51 21.50 30.94
C LEU J 179 19.32 22.65 30.36
N THR J 180 20.06 22.38 29.30
CA THR J 180 20.95 23.38 28.72
C THR J 180 20.36 24.00 27.46
N LEU J 181 20.19 25.32 27.48
CA LEU J 181 19.66 26.05 26.35
C LEU J 181 20.58 27.21 25.97
N SER J 182 20.39 27.76 24.77
CA SER J 182 21.05 29.01 24.39
C SER J 182 20.33 30.21 24.99
N LYS J 183 21.06 31.31 25.15
CA LYS J 183 20.49 32.51 25.74
C LYS J 183 19.27 32.95 24.95
N ALA J 184 19.42 32.99 23.63
CA ALA J 184 18.34 33.39 22.75
C ALA J 184 17.10 32.54 22.98
N ASP J 185 17.29 31.22 23.01
CA ASP J 185 16.18 30.30 23.16
C ASP J 185 15.56 30.39 24.55
N TYR J 186 16.38 30.77 25.54
CA TYR J 186 15.89 30.97 26.89
C TYR J 186 15.03 32.22 27.00
N GLU J 187 15.38 33.25 26.24
CA GLU J 187 14.60 34.48 26.22
C GLU J 187 13.26 34.27 25.53
N LYS J 188 13.23 33.34 24.57
CA LYS J 188 12.10 33.18 23.68
C LYS J 188 10.93 32.46 24.35
N HIS J 189 11.07 32.18 25.63
CA HIS J 189 10.04 31.41 26.35
C HIS J 189 9.84 31.89 27.75
N LYS J 190 8.69 31.55 28.33
CA LYS J 190 8.29 32.05 29.63
C LYS J 190 8.34 30.95 30.67
N VAL J 191 7.39 30.02 30.58
CA VAL J 191 7.19 29.01 31.61
C VAL J 191 8.14 27.82 31.45
N TYR J 192 9.02 27.64 32.43
CA TYR J 192 9.93 26.49 32.47
C TYR J 192 9.55 25.58 33.63
N ALA J 193 9.28 24.31 33.33
CA ALA J 193 8.83 23.35 34.34
C ALA J 193 9.49 21.99 34.18
N CYS J 194 9.89 21.38 35.30
CA CYS J 194 10.29 19.98 35.29
C CYS J 194 9.26 19.09 36.00
N GLU J 195 8.90 17.99 35.33
CA GLU J 195 7.83 17.12 35.80
C GLU J 195 8.38 15.79 36.24
N VAL J 196 8.14 15.46 37.51
CA VAL J 196 8.75 14.30 38.14
C VAL J 196 7.73 13.19 38.33
N THR J 197 8.01 12.04 37.73
CA THR J 197 7.19 10.85 37.96
C THR J 197 7.97 9.83 38.78
N HIS J 198 7.42 9.47 39.94
CA HIS J 198 8.08 8.53 40.84
C HIS J 198 7.10 7.69 41.59
N GLN J 199 7.58 6.55 42.11
CA GLN J 199 6.74 5.62 42.84
C GLN J 199 6.26 6.24 44.16
N GLY J 200 7.15 7.00 44.81
CA GLY J 200 6.83 7.65 46.07
C GLY J 200 5.77 8.73 45.94
N LEU J 201 5.53 9.19 44.72
CA LEU J 201 4.50 10.18 44.47
C LEU J 201 3.24 9.52 43.89
N SER J 202 2.10 9.82 44.48
CA SER J 202 0.82 9.29 44.00
C SER J 202 0.42 9.90 42.66
N SER J 203 1.05 11.01 42.31
CA SER J 203 0.79 11.69 41.06
C SER J 203 2.00 12.53 40.65
N PRO J 204 2.25 12.61 39.34
CA PRO J 204 3.39 13.37 38.82
C PRO J 204 3.44 14.80 39.35
N VAL J 205 4.54 15.16 40.01
CA VAL J 205 4.70 16.50 40.55
C VAL J 205 5.54 17.38 39.64
N THR J 206 5.09 18.61 39.42
CA THR J 206 5.77 19.53 38.53
C THR J 206 6.16 20.81 39.25
N LYS J 207 7.38 21.26 39.02
CA LYS J 207 7.84 22.54 39.55
C LYS J 207 8.23 23.47 38.42
N SER J 208 7.80 24.73 38.52
CA SER J 208 7.90 25.67 37.40
C SER J 208 8.35 27.06 37.85
N PHE J 209 8.85 27.83 36.90
CA PHE J 209 9.09 29.26 37.11
C PHE J 209 8.87 30.02 35.80
N ASN J 210 9.21 31.31 35.80
CA ASN J 210 8.93 32.16 34.64
C ASN J 210 10.11 33.05 34.22
N ARG J 211 9.95 33.74 33.10
CA ARG J 211 10.98 34.64 32.58
C ARG J 211 12.12 33.87 31.90
N GLN K 17 77.42 -49.67 44.15
CA GLN K 17 77.58 -50.55 42.96
C GLN K 17 76.30 -51.36 42.72
N PHE K 18 76.37 -52.66 42.97
CA PHE K 18 75.24 -53.55 42.72
C PHE K 18 74.66 -54.06 44.05
N ARG K 19 74.77 -53.25 45.09
CA ARG K 19 74.25 -53.62 46.42
C ARG K 19 72.73 -53.51 46.46
N VAL K 20 72.19 -52.47 45.81
CA VAL K 20 70.76 -52.28 45.71
C VAL K 20 70.13 -53.26 44.72
N ARG K 21 70.95 -53.80 43.83
CA ARG K 21 70.49 -54.79 42.84
C ARG K 21 70.01 -56.08 43.52
N ALA K 22 70.60 -56.40 44.66
CA ALA K 22 70.21 -57.57 45.43
C ALA K 22 68.80 -57.43 46.01
N VAL K 23 68.32 -56.20 46.07
CA VAL K 23 67.00 -55.91 46.64
C VAL K 23 65.94 -55.69 45.56
N ILE K 24 66.33 -55.05 44.46
CA ILE K 24 65.37 -54.58 43.46
C ILE K 24 64.89 -55.70 42.53
N ASP K 25 65.80 -56.56 42.10
CA ASP K 25 65.47 -57.63 41.16
C ASP K 25 64.89 -58.85 41.87
N HIS K 26 64.67 -58.71 43.18
CA HIS K 26 63.91 -59.70 43.94
C HIS K 26 62.57 -59.96 43.31
N LEU K 27 62.16 -61.24 43.29
CA LEU K 27 60.99 -61.65 42.52
C LEU K 27 59.68 -61.22 43.18
N GLY K 28 59.79 -60.64 44.38
CA GLY K 28 58.63 -60.03 45.04
C GLY K 28 58.43 -58.59 44.63
N MET K 29 59.41 -58.02 43.94
CA MET K 29 59.35 -56.65 43.48
C MET K 29 58.88 -56.56 42.03
N ARG K 30 59.24 -57.57 41.24
CA ARG K 30 58.93 -57.58 39.81
C ARG K 30 57.47 -57.93 39.55
N VAL K 31 56.92 -58.83 40.38
CA VAL K 31 55.49 -59.12 40.37
C VAL K 31 54.68 -57.87 40.74
N PHE K 32 55.24 -57.06 41.63
CA PHE K 32 54.63 -55.78 42.00
C PHE K 32 54.75 -54.75 40.88
N GLY K 33 55.88 -54.77 40.17
CA GLY K 33 56.10 -53.86 39.05
C GLY K 33 55.17 -54.11 37.87
N VAL K 34 55.03 -55.37 37.50
CA VAL K 34 54.08 -55.77 36.45
C VAL K 34 52.64 -55.61 36.90
N PHE K 35 52.39 -55.81 38.20
CA PHE K 35 51.09 -55.51 38.81
C PHE K 35 50.72 -54.04 38.62
N LEU K 36 51.73 -53.17 38.68
CA LEU K 36 51.54 -51.75 38.44
C LEU K 36 51.31 -51.45 36.97
N ILE K 37 51.96 -52.22 36.09
CA ILE K 37 51.71 -52.12 34.65
C ILE K 37 50.25 -52.44 34.33
N PHE K 38 49.68 -53.38 35.07
CA PHE K 38 48.27 -53.73 34.90
C PHE K 38 47.36 -52.74 35.61
N LEU K 39 47.75 -52.33 36.82
CA LEU K 39 46.97 -51.37 37.59
C LEU K 39 46.81 -50.03 36.87
N ASP K 40 47.89 -49.56 36.25
CA ASP K 40 47.87 -48.33 35.47
C ASP K 40 46.82 -48.38 34.37
N ILE K 41 46.76 -49.50 33.67
CA ILE K 41 45.81 -49.68 32.57
C ILE K 41 44.39 -49.87 33.08
N ILE K 42 44.25 -50.48 34.26
CA ILE K 42 42.96 -50.55 34.95
C ILE K 42 42.40 -49.15 35.21
N LEU K 43 43.17 -48.34 35.95
CA LEU K 43 42.72 -47.01 36.36
C LEU K 43 42.48 -46.10 35.15
N MET K 44 43.38 -46.18 34.18
CA MET K 44 43.25 -45.40 32.96
C MET K 44 42.04 -45.82 32.12
N ILE K 45 41.61 -47.06 32.29
CA ILE K 45 40.43 -47.56 31.59
C ILE K 45 39.12 -47.16 32.28
N ILE K 46 39.11 -47.18 33.61
CA ILE K 46 37.98 -46.66 34.38
C ILE K 46 37.86 -45.14 34.21
N ASP K 47 38.99 -44.50 33.93
CA ASP K 47 39.01 -43.08 33.60
C ASP K 47 38.20 -42.77 32.34
N LEU K 48 38.50 -43.49 31.27
CA LEU K 48 37.86 -43.24 29.97
C LEU K 48 36.54 -43.98 29.83
N SER K 49 36.16 -44.73 30.86
CA SER K 49 34.86 -45.38 30.92
C SER K 49 33.85 -44.54 31.72
N LEU K 50 34.33 -43.43 32.27
CA LEU K 50 33.47 -42.50 33.00
C LEU K 50 33.63 -41.07 32.49
N PRO K 51 33.21 -40.82 31.24
CA PRO K 51 33.31 -39.47 30.69
C PRO K 51 32.37 -38.49 31.42
N GLY K 52 32.93 -37.42 31.94
CA GLY K 52 32.18 -36.47 32.75
C GLY K 52 31.99 -36.94 34.18
N LYS K 53 33.08 -36.91 34.94
CA LYS K 53 33.02 -37.20 36.37
C LYS K 53 33.38 -35.98 37.18
N SER K 54 33.42 -36.13 38.50
CA SER K 54 33.76 -35.03 39.40
C SER K 54 35.12 -34.42 39.07
N GLU K 55 35.33 -33.17 39.50
CA GLU K 55 36.59 -32.47 39.28
C GLU K 55 37.71 -33.02 40.16
N SER K 56 37.36 -33.41 41.38
CA SER K 56 38.32 -34.04 42.28
C SER K 56 38.53 -35.51 41.95
N SER K 57 37.58 -36.09 41.19
CA SER K 57 37.69 -37.48 40.75
C SER K 57 38.62 -37.62 39.55
N GLN K 58 38.63 -36.60 38.69
CA GLN K 58 39.60 -36.53 37.59
C GLN K 58 40.91 -35.91 38.06
N SER K 59 41.18 -36.03 39.35
CA SER K 59 42.41 -35.50 39.93
C SER K 59 43.31 -36.62 40.45
N PHE K 60 42.71 -37.66 41.02
CA PHE K 60 43.46 -38.79 41.56
C PHE K 60 43.61 -39.92 40.54
N TYR K 61 42.75 -39.93 39.53
CA TYR K 61 42.98 -40.74 38.34
C TYR K 61 44.22 -40.29 37.59
N ASP K 62 44.36 -38.98 37.44
CA ASP K 62 45.56 -38.38 36.86
C ASP K 62 46.70 -38.35 37.88
N GLY K 63 46.35 -38.40 39.16
CA GLY K 63 47.35 -38.51 40.23
C GLY K 63 48.14 -39.80 40.16
N MET K 64 47.44 -40.92 39.94
CA MET K 64 48.08 -42.21 39.74
C MET K 64 48.68 -42.32 38.34
N ALA K 65 48.01 -41.74 37.35
CA ALA K 65 48.50 -41.73 35.99
C ALA K 65 49.86 -41.05 35.88
N LEU K 66 50.16 -40.17 36.84
CA LEU K 66 51.48 -39.57 36.94
C LEU K 66 52.36 -40.32 37.94
N ALA K 67 51.76 -40.77 39.03
CA ALA K 67 52.49 -41.50 40.07
C ALA K 67 53.05 -42.82 39.55
N LEU K 68 52.28 -43.50 38.71
CA LEU K 68 52.69 -44.77 38.13
C LEU K 68 53.52 -44.57 36.87
N SER K 69 53.67 -43.32 36.43
CA SER K 69 54.56 -42.98 35.33
C SER K 69 55.91 -42.47 35.83
N CYS K 70 55.96 -42.13 37.11
CA CYS K 70 57.22 -41.73 37.75
C CYS K 70 57.91 -42.93 38.40
N TYR K 71 57.11 -43.92 38.78
CA TYR K 71 57.64 -45.17 39.31
C TYR K 71 58.40 -45.96 38.25
N PHE K 72 57.88 -45.96 37.02
CA PHE K 72 58.51 -46.66 35.91
C PHE K 72 59.65 -45.85 35.31
N MET K 73 59.84 -44.64 35.81
CA MET K 73 61.01 -43.83 35.47
C MET K 73 62.11 -43.98 36.51
N LEU K 74 61.70 -44.17 37.77
CA LEU K 74 62.64 -44.50 38.84
C LEU K 74 63.11 -45.95 38.75
N ASP K 75 62.19 -46.85 38.36
CA ASP K 75 62.53 -48.25 38.16
C ASP K 75 63.49 -48.42 36.97
N LEU K 76 63.24 -47.66 35.90
CA LEU K 76 64.13 -47.65 34.75
C LEU K 76 65.41 -46.85 35.04
N GLY K 77 65.37 -46.04 36.09
CA GLY K 77 66.57 -45.35 36.57
C GLY K 77 67.44 -46.26 37.43
N LEU K 78 66.83 -47.29 38.01
CA LEU K 78 67.56 -48.24 38.84
C LEU K 78 68.04 -49.46 38.05
N ARG K 79 67.41 -49.68 36.90
CA ARG K 79 67.83 -50.75 35.99
C ARG K 79 68.84 -50.24 34.96
N ILE K 80 69.61 -49.23 35.36
CA ILE K 80 70.73 -48.74 34.55
C ILE K 80 71.98 -48.57 35.42
N PHE K 81 71.78 -48.09 36.64
CA PHE K 81 72.88 -47.88 37.58
C PHE K 81 73.35 -49.19 38.21
N ALA K 82 72.40 -50.11 38.41
CA ALA K 82 72.69 -51.37 39.09
C ALA K 82 72.48 -52.57 38.15
N TYR K 83 72.65 -52.36 36.86
CA TYR K 83 72.45 -53.41 35.87
C TYR K 83 73.48 -53.32 34.73
N GLY K 84 74.01 -52.11 34.52
CA GLY K 84 74.99 -51.89 33.46
C GLY K 84 74.38 -51.19 32.26
N PRO K 85 74.91 -50.00 31.92
CA PRO K 85 74.37 -49.17 30.84
C PRO K 85 74.68 -49.74 29.46
N LYS K 86 75.57 -50.72 29.39
CA LYS K 86 76.00 -51.29 28.13
C LYS K 86 75.19 -52.54 27.77
N ASN K 87 74.34 -52.98 28.69
CA ASN K 87 73.47 -54.12 28.46
C ASN K 87 72.23 -53.74 27.66
N PHE K 88 72.03 -52.44 27.47
CA PHE K 88 70.85 -51.94 26.78
C PHE K 88 71.13 -51.68 25.31
N PHE K 89 72.37 -51.29 25.00
CA PHE K 89 72.73 -50.87 23.64
C PHE K 89 72.42 -51.95 22.60
N THR K 90 72.93 -53.15 22.82
CA THR K 90 72.70 -54.26 21.90
C THR K 90 71.46 -55.06 22.28
N ASN K 91 70.54 -54.41 22.99
CA ASN K 91 69.30 -55.05 23.41
C ASN K 91 68.08 -54.29 22.90
N PRO K 92 67.52 -54.74 21.76
CA PRO K 92 66.40 -54.05 21.11
C PRO K 92 65.10 -54.14 21.91
N TRP K 93 65.06 -55.08 22.86
CA TRP K 93 63.89 -55.25 23.72
C TRP K 93 64.01 -54.45 24.99
N GLU K 94 64.94 -53.51 25.00
CA GLU K 94 65.16 -52.65 26.16
C GLU K 94 65.39 -51.20 25.75
N VAL K 95 65.76 -51.00 24.49
CA VAL K 95 65.87 -49.67 23.91
C VAL K 95 64.50 -49.10 23.61
N ALA K 96 63.67 -49.88 22.92
CA ALA K 96 62.32 -49.44 22.55
C ALA K 96 61.42 -49.32 23.77
N ASP K 97 61.69 -50.13 24.79
CA ASP K 97 60.91 -50.12 26.02
C ASP K 97 61.22 -48.89 26.87
N GLY K 98 62.49 -48.58 27.04
CA GLY K 98 62.92 -47.36 27.73
C GLY K 98 62.51 -46.10 26.99
N LEU K 99 62.55 -46.17 25.65
CA LEU K 99 62.05 -45.09 24.80
C LEU K 99 60.55 -44.87 25.01
N ILE K 100 59.81 -45.96 25.17
CA ILE K 100 58.38 -45.90 25.45
C ILE K 100 58.10 -45.27 26.82
N ILE K 101 58.91 -45.64 27.81
CA ILE K 101 58.76 -45.09 29.17
C ILE K 101 59.08 -43.59 29.21
N VAL K 102 60.10 -43.18 28.45
CA VAL K 102 60.46 -41.77 28.34
C VAL K 102 59.35 -40.97 27.65
N VAL K 103 58.91 -41.45 26.49
CA VAL K 103 57.84 -40.80 25.74
C VAL K 103 56.57 -40.67 26.58
N THR K 104 56.17 -41.77 27.22
CA THR K 104 54.99 -41.77 28.07
C THR K 104 55.11 -40.78 29.23
N PHE K 105 56.31 -40.69 29.81
CA PHE K 105 56.54 -39.80 30.95
C PHE K 105 56.48 -38.33 30.54
N VAL K 106 57.02 -38.02 29.36
CA VAL K 106 57.01 -36.66 28.85
C VAL K 106 55.60 -36.19 28.48
N VAL K 107 54.88 -37.04 27.76
CA VAL K 107 53.50 -36.74 27.35
C VAL K 107 52.56 -36.62 28.56
N THR K 108 52.79 -37.45 29.57
CA THR K 108 51.98 -37.41 30.78
C THR K 108 52.29 -36.20 31.66
N ILE K 109 53.57 -35.83 31.74
CA ILE K 109 53.98 -34.65 32.50
C ILE K 109 53.54 -33.35 31.83
N PHE K 110 53.42 -33.38 30.50
CA PHE K 110 52.77 -32.30 29.76
C PHE K 110 51.27 -32.25 30.07
N TYR K 111 50.58 -33.33 29.72
CA TYR K 111 49.12 -33.37 29.80
C TYR K 111 48.60 -33.08 31.21
N THR K 112 49.38 -33.42 32.22
CA THR K 112 48.94 -33.27 33.61
C THR K 112 49.47 -31.97 34.24
N VAL K 113 50.78 -31.78 34.20
CA VAL K 113 51.40 -30.66 34.90
C VAL K 113 51.53 -29.43 34.02
N LEU K 114 52.18 -29.59 32.87
CA LEU K 114 52.54 -28.45 32.02
C LEU K 114 51.40 -28.08 31.07
N ASP K 115 50.47 -27.25 31.55
CA ASP K 115 49.37 -26.77 30.73
C ASP K 115 49.68 -25.40 30.14
N GLU K 116 50.94 -24.97 30.30
CA GLU K 116 51.42 -23.76 29.64
C GLU K 116 51.35 -23.90 28.12
N TYR K 117 51.30 -25.14 27.65
CA TYR K 117 51.13 -25.42 26.23
C TYR K 117 49.73 -25.05 25.76
N VAL K 118 49.62 -23.93 25.05
CA VAL K 118 48.35 -23.49 24.49
C VAL K 118 48.48 -23.17 23.00
N GLN K 119 49.46 -23.79 22.35
CA GLN K 119 49.69 -23.61 20.91
C GLN K 119 48.92 -24.66 20.10
N GLU K 120 48.67 -24.34 18.83
CA GLU K 120 47.81 -25.16 18.00
C GLU K 120 48.44 -26.51 17.66
N THR K 121 47.63 -27.55 17.65
CA THR K 121 48.08 -28.89 17.28
C THR K 121 46.93 -29.72 16.72
N GLY K 122 45.73 -29.15 16.75
CA GLY K 122 44.52 -29.86 16.34
C GLY K 122 44.22 -31.05 17.21
N ALA K 123 44.41 -30.89 18.52
CA ALA K 123 44.31 -31.99 19.47
C ALA K 123 45.26 -33.13 19.09
N ASP K 124 46.49 -33.06 19.59
CA ASP K 124 47.53 -34.02 19.21
C ASP K 124 47.18 -35.45 19.62
N GLY K 125 47.56 -36.41 18.78
CA GLY K 125 47.27 -37.83 19.04
C GLY K 125 48.27 -38.44 20.01
N LEU K 126 49.12 -37.61 20.59
CA LEU K 126 50.13 -38.07 21.54
C LEU K 126 49.50 -38.55 22.84
N GLY K 127 48.40 -37.91 23.24
CA GLY K 127 47.58 -38.39 24.34
C GLY K 127 46.90 -39.72 24.03
N ARG K 128 46.87 -40.07 22.75
CA ARG K 128 46.33 -41.36 22.31
C ARG K 128 47.45 -42.37 22.08
N LEU K 129 48.52 -41.93 21.41
CA LEU K 129 49.64 -42.81 21.11
C LEU K 129 50.31 -43.33 22.38
N VAL K 130 50.26 -42.54 23.44
CA VAL K 130 50.81 -42.93 24.73
C VAL K 130 49.91 -43.93 25.44
N VAL K 131 48.60 -43.77 25.26
CA VAL K 131 47.63 -44.73 25.77
C VAL K 131 47.72 -46.06 25.02
N LEU K 132 48.10 -46.00 23.75
CA LEU K 132 48.34 -47.20 22.94
C LEU K 132 49.68 -47.85 23.30
N ALA K 133 50.70 -47.04 23.53
CA ALA K 133 52.05 -47.53 23.82
C ALA K 133 52.15 -48.17 25.20
N ARG K 134 51.13 -47.93 26.03
CA ARG K 134 51.05 -48.57 27.35
C ARG K 134 50.48 -49.98 27.25
N LEU K 135 50.03 -50.35 26.06
CA LEU K 135 49.65 -51.74 25.77
C LEU K 135 50.84 -52.56 25.30
N LEU K 136 51.80 -51.90 24.66
CA LEU K 136 52.97 -52.57 24.11
C LEU K 136 53.90 -53.09 25.20
N ARG K 137 53.89 -52.41 26.36
CA ARG K 137 54.62 -52.89 27.54
C ARG K 137 54.11 -54.26 27.97
N VAL K 138 52.80 -54.39 28.12
CA VAL K 138 52.15 -55.65 28.44
C VAL K 138 52.36 -56.68 27.35
N VAL K 139 52.41 -56.21 26.10
CA VAL K 139 52.66 -57.08 24.95
C VAL K 139 54.03 -57.74 25.03
N ARG K 140 55.03 -56.97 25.46
CA ARG K 140 56.42 -57.44 25.49
C ARG K 140 56.71 -58.27 26.74
N LEU K 141 55.90 -58.08 27.78
CA LEU K 141 56.03 -58.87 29.00
C LEU K 141 55.31 -60.21 28.88
N ALA K 142 54.59 -60.41 27.78
CA ALA K 142 54.05 -61.72 27.44
C ALA K 142 54.89 -62.40 26.36
N ARG K 143 56.06 -61.82 26.08
CA ARG K 143 56.97 -62.36 25.08
C ARG K 143 58.26 -62.79 25.70
N ILE K 144 58.64 -62.12 26.79
CA ILE K 144 59.84 -62.44 27.52
C ILE K 144 59.88 -63.92 27.86
N PHE K 145 61.07 -64.51 27.81
CA PHE K 145 61.24 -65.94 28.00
C PHE K 145 60.54 -66.75 26.90
N TYR K 146 60.36 -66.13 25.75
CA TYR K 146 59.72 -66.78 24.60
C TYR K 146 60.23 -66.22 23.27
N SER K 147 60.46 -64.91 23.24
CA SER K 147 60.76 -64.22 21.99
C SER K 147 62.20 -63.69 21.96
N HIS K 148 63.13 -64.48 22.49
CA HIS K 148 64.55 -64.15 22.43
C HIS K 148 65.09 -64.31 21.04
N GLN K 149 64.52 -65.25 20.29
CA GLN K 149 64.87 -65.45 18.90
C GLN K 149 64.30 -64.34 18.02
N GLN K 150 63.11 -63.86 18.39
CA GLN K 150 62.46 -62.76 17.69
C GLN K 150 63.21 -61.45 17.88
N MET K 151 63.76 -61.26 19.07
CA MET K 151 64.56 -60.08 19.38
C MET K 151 65.91 -60.10 18.68
N LYS K 152 66.44 -61.30 18.47
CA LYS K 152 67.67 -61.48 17.71
C LYS K 152 67.46 -61.24 16.22
N ALA K 153 66.28 -61.62 15.73
CA ALA K 153 65.89 -61.36 14.34
C ALA K 153 65.68 -59.87 14.09
N SER K 154 65.14 -59.18 15.09
CA SER K 154 64.95 -57.74 15.02
C SER K 154 66.28 -56.98 15.04
N SER K 155 67.24 -57.52 15.78
CA SER K 155 68.58 -56.92 15.86
C SER K 155 69.37 -57.13 14.58
N GLN L 17 35.18 -86.18 15.56
CA GLN L 17 35.88 -86.38 16.86
C GLN L 17 36.93 -85.30 17.09
N PHE L 18 38.20 -85.68 17.01
CA PHE L 18 39.29 -84.76 17.27
C PHE L 18 40.07 -84.46 16.00
N ARG L 19 39.40 -84.58 14.86
CA ARG L 19 40.05 -84.35 13.57
C ARG L 19 40.31 -82.86 13.34
N VAL L 20 39.38 -82.03 13.79
CA VAL L 20 39.53 -80.58 13.70
C VAL L 20 40.51 -80.07 14.74
N ARG L 21 40.72 -80.85 15.80
CA ARG L 21 41.67 -80.50 16.85
C ARG L 21 43.09 -80.43 16.29
N ALA L 22 43.37 -81.22 15.27
CA ALA L 22 44.67 -81.23 14.62
C ALA L 22 44.95 -79.91 13.91
N VAL L 23 43.89 -79.15 13.62
CA VAL L 23 44.02 -77.91 12.88
C VAL L 23 43.94 -76.68 13.80
N ILE L 24 43.13 -76.78 14.85
CA ILE L 24 42.81 -75.61 15.68
C ILE L 24 43.89 -75.27 16.70
N ASP L 25 44.45 -76.30 17.34
CA ASP L 25 45.46 -76.09 18.37
C ASP L 25 46.86 -75.91 17.77
N HIS L 26 46.91 -75.83 16.44
CA HIS L 26 48.13 -75.43 15.74
C HIS L 26 48.66 -74.12 16.26
N LEU L 27 49.97 -74.03 16.42
CA LEU L 27 50.58 -72.89 17.11
C LEU L 27 50.57 -71.62 16.26
N GLY L 28 50.12 -71.74 15.02
CA GLY L 28 49.88 -70.58 14.17
C GLY L 28 48.50 -69.97 14.38
N MET L 29 47.63 -70.72 15.06
CA MET L 29 46.27 -70.27 15.32
C MET L 29 46.15 -69.62 16.68
N ARG L 30 46.95 -70.09 17.63
CA ARG L 30 46.88 -69.60 19.01
C ARG L 30 47.56 -68.24 19.16
N VAL L 31 48.64 -68.03 18.41
CA VAL L 31 49.26 -66.71 18.31
C VAL L 31 48.29 -65.70 17.72
N PHE L 32 47.46 -66.17 16.78
CA PHE L 32 46.43 -65.33 16.17
C PHE L 32 45.28 -65.06 17.15
N GLY L 33 44.96 -66.05 17.98
CA GLY L 33 43.92 -65.92 18.97
C GLY L 33 44.26 -64.92 20.06
N VAL L 34 45.47 -65.02 20.58
CA VAL L 34 45.97 -64.07 21.58
C VAL L 34 46.23 -62.69 20.95
N PHE L 35 46.60 -62.69 19.68
CA PHE L 35 46.71 -61.44 18.92
C PHE L 35 45.36 -60.73 18.85
N LEU L 36 44.28 -61.51 18.81
CA LEU L 36 42.93 -60.97 18.82
C LEU L 36 42.52 -60.47 20.21
N ILE L 37 43.00 -61.15 21.25
CA ILE L 37 42.82 -60.69 22.62
C ILE L 37 43.45 -59.32 22.83
N PHE L 38 44.58 -59.08 22.17
CA PHE L 38 45.25 -57.78 22.23
C PHE L 38 44.60 -56.75 21.31
N LEU L 39 44.23 -57.20 20.11
CA LEU L 39 43.59 -56.33 19.13
C LEU L 39 42.26 -55.77 19.64
N ASP L 40 41.48 -56.63 20.31
CA ASP L 40 40.21 -56.22 20.89
C ASP L 40 40.39 -55.08 21.89
N ILE L 41 41.41 -55.19 22.73
CA ILE L 41 41.71 -54.16 23.73
C ILE L 41 42.31 -52.90 23.10
N ILE L 42 43.03 -53.07 22.00
CA ILE L 42 43.49 -51.92 21.20
C ILE L 42 42.31 -51.10 20.68
N LEU L 43 41.44 -51.74 19.91
CA LEU L 43 40.30 -51.07 19.30
C LEU L 43 39.37 -50.46 20.35
N MET L 44 39.10 -51.22 21.40
CA MET L 44 38.23 -50.77 22.48
C MET L 44 38.85 -49.60 23.26
N ILE L 45 40.18 -49.49 23.21
CA ILE L 45 40.88 -48.38 23.85
C ILE L 45 40.87 -47.12 22.99
N ILE L 46 41.04 -47.29 21.68
CA ILE L 46 40.91 -46.17 20.74
C ILE L 46 39.47 -45.68 20.68
N ASP L 47 38.54 -46.58 21.00
CA ASP L 47 37.13 -46.23 21.12
C ASP L 47 36.89 -45.21 22.24
N LEU L 48 37.40 -45.51 23.43
CA LEU L 48 37.17 -44.67 24.60
C LEU L 48 38.20 -43.54 24.70
N SER L 49 39.12 -43.50 23.75
CA SER L 49 40.07 -42.38 23.64
C SER L 49 39.59 -41.33 22.65
N LEU L 50 38.46 -41.62 21.99
CA LEU L 50 37.86 -40.66 21.05
C LEU L 50 36.39 -40.43 21.38
N PRO L 51 36.10 -39.83 22.56
CA PRO L 51 34.72 -39.54 22.92
C PRO L 51 34.11 -38.51 21.98
N GLY L 52 32.98 -38.86 21.36
CA GLY L 52 32.36 -38.00 20.37
C GLY L 52 33.00 -38.11 19.00
N LYS L 53 32.78 -39.25 18.35
CA LYS L 53 33.23 -39.45 16.98
C LYS L 53 32.04 -39.61 16.04
N SER L 54 32.33 -39.87 14.77
CA SER L 54 31.30 -40.08 13.76
C SER L 54 30.35 -41.22 14.13
N GLU L 55 29.13 -41.18 13.59
CA GLU L 55 28.12 -42.19 13.85
C GLU L 55 28.49 -43.52 13.18
N SER L 56 29.06 -43.43 11.98
CA SER L 56 29.52 -44.60 11.27
C SER L 56 30.84 -45.11 11.83
N SER L 57 31.55 -44.24 12.54
CA SER L 57 32.82 -44.59 13.17
C SER L 57 32.59 -45.37 14.47
N GLN L 58 31.52 -45.04 15.17
CA GLN L 58 31.10 -45.81 16.34
C GLN L 58 30.24 -47.00 15.94
N SER L 59 30.42 -47.47 14.72
CA SER L 59 29.67 -48.61 14.21
C SER L 59 30.57 -49.81 13.94
N PHE L 60 31.79 -49.55 13.46
CA PHE L 60 32.76 -50.61 13.17
C PHE L 60 33.69 -50.90 14.34
N TYR L 61 33.83 -49.92 15.23
CA TYR L 61 34.43 -50.16 16.55
C TYR L 61 33.61 -51.16 17.33
N ASP L 62 32.29 -50.95 17.33
CA ASP L 62 31.36 -51.90 17.92
C ASP L 62 31.18 -53.12 17.03
N GLY L 63 31.38 -52.94 15.74
CA GLY L 63 31.41 -54.05 14.79
C GLY L 63 32.42 -55.11 15.17
N MET L 64 33.64 -54.67 15.45
CA MET L 64 34.71 -55.57 15.88
C MET L 64 34.53 -55.99 17.34
N ALA L 65 34.00 -55.08 18.15
CA ALA L 65 33.73 -55.37 19.55
C ALA L 65 32.72 -56.51 19.71
N LEU L 66 31.91 -56.72 18.66
CA LEU L 66 31.02 -57.88 18.62
C LEU L 66 31.66 -59.03 17.84
N ALA L 67 32.34 -58.71 16.74
CA ALA L 67 32.97 -59.72 15.90
C ALA L 67 34.06 -60.48 16.67
N LEU L 68 34.81 -59.76 17.50
CA LEU L 68 35.87 -60.36 18.30
C LEU L 68 35.34 -60.97 19.59
N SER L 69 34.06 -60.76 19.88
CA SER L 69 33.40 -61.42 21.01
C SER L 69 32.63 -62.65 20.58
N CYS L 70 32.41 -62.81 19.27
CA CYS L 70 31.80 -64.01 18.73
C CYS L 70 32.85 -65.04 18.33
N TYR L 71 34.04 -64.56 17.97
CA TYR L 71 35.17 -65.43 17.67
C TYR L 71 35.60 -66.21 18.92
N PHE L 72 35.63 -65.52 20.05
CA PHE L 72 36.03 -66.13 21.32
C PHE L 72 34.91 -66.98 21.91
N MET L 73 33.75 -66.95 21.26
CA MET L 73 32.66 -67.84 21.63
C MET L 73 32.64 -69.07 20.73
N LEU L 74 33.07 -68.90 19.49
CA LEU L 74 33.27 -70.02 18.57
C LEU L 74 34.53 -70.80 18.91
N ASP L 75 35.57 -70.07 19.32
CA ASP L 75 36.83 -70.69 19.76
C ASP L 75 36.63 -71.50 21.05
N LEU L 76 35.87 -70.94 21.98
CA LEU L 76 35.49 -71.64 23.20
C LEU L 76 34.44 -72.72 22.94
N GLY L 77 33.80 -72.65 21.76
CA GLY L 77 32.89 -73.70 21.32
C GLY L 77 33.62 -74.87 20.69
N LEU L 78 34.83 -74.61 20.21
CA LEU L 78 35.66 -75.65 19.59
C LEU L 78 36.61 -76.31 20.59
N ARG L 79 36.89 -75.59 21.68
CA ARG L 79 37.71 -76.13 22.76
C ARG L 79 36.86 -76.86 23.80
N ILE L 80 35.74 -77.41 23.36
CA ILE L 80 34.91 -78.27 24.21
C ILE L 80 34.53 -79.53 23.46
N PHE L 81 34.26 -79.39 22.17
CA PHE L 81 33.87 -80.52 21.32
C PHE L 81 35.09 -81.34 20.91
N ALA L 82 36.23 -80.68 20.75
CA ALA L 82 37.45 -81.34 20.29
C ALA L 82 38.55 -81.29 21.35
N TYR L 83 38.15 -81.23 22.62
CA TYR L 83 39.12 -81.14 23.72
C TYR L 83 38.65 -81.95 24.92
N GLY L 84 37.34 -82.17 25.02
CA GLY L 84 36.77 -82.91 26.14
C GLY L 84 36.11 -82.00 27.16
N PRO L 85 34.80 -82.21 27.40
CA PRO L 85 34.02 -81.36 28.29
C PRO L 85 34.34 -81.60 29.77
N LYS L 86 35.07 -82.67 30.04
CA LYS L 86 35.37 -83.06 31.41
C LYS L 86 36.73 -82.52 31.87
N ASN L 87 37.46 -81.92 30.93
CA ASN L 87 38.76 -81.32 31.23
C ASN L 87 38.61 -79.92 31.83
N PHE L 88 37.39 -79.41 31.82
CA PHE L 88 37.12 -78.07 32.31
C PHE L 88 36.64 -78.09 33.76
N PHE L 89 35.94 -79.15 34.13
CA PHE L 89 35.29 -79.23 35.44
C PHE L 89 36.29 -79.03 36.58
N THR L 90 37.36 -79.83 36.57
CA THR L 90 38.38 -79.75 37.60
C THR L 90 39.50 -78.79 37.21
N ASN L 91 39.17 -77.83 36.33
CA ASN L 91 40.13 -76.83 35.88
C ASN L 91 39.64 -75.41 36.15
N PRO L 92 40.06 -74.83 37.29
CA PRO L 92 39.59 -73.51 37.71
C PRO L 92 40.11 -72.39 36.81
N TRP L 93 41.14 -72.69 36.01
CA TRP L 93 41.68 -71.71 35.07
C TRP L 93 41.03 -71.82 33.72
N GLU L 94 39.89 -72.51 33.67
CA GLU L 94 39.14 -72.67 32.43
C GLU L 94 37.64 -72.51 32.67
N VAL L 95 37.23 -72.64 33.93
CA VAL L 95 35.86 -72.36 34.34
C VAL L 95 35.60 -70.86 34.39
N ALA L 96 36.47 -70.15 35.10
CA ALA L 96 36.34 -68.71 35.27
C ALA L 96 36.59 -67.97 33.96
N ASP L 97 37.41 -68.54 33.09
CA ASP L 97 37.70 -67.94 31.79
C ASP L 97 36.53 -68.08 30.82
N GLY L 98 35.96 -69.28 30.74
CA GLY L 98 34.76 -69.53 29.96
C GLY L 98 33.56 -68.74 30.48
N LEU L 99 33.47 -68.61 31.80
CA LEU L 99 32.47 -67.75 32.44
C LEU L 99 32.66 -66.28 32.03
N ILE L 100 33.92 -65.85 31.94
CA ILE L 100 34.24 -64.49 31.52
C ILE L 100 33.85 -64.25 30.06
N ILE L 101 34.10 -65.23 29.21
CA ILE L 101 33.75 -65.14 27.79
C ILE L 101 32.23 -65.09 27.59
N VAL L 102 31.50 -65.87 28.37
CA VAL L 102 30.04 -65.89 28.31
C VAL L 102 29.44 -64.56 28.79
N VAL L 103 29.90 -64.10 29.95
CA VAL L 103 29.48 -62.82 30.50
C VAL L 103 29.75 -61.66 29.54
N THR L 104 30.96 -61.63 28.98
CA THR L 104 31.34 -60.60 28.02
C THR L 104 30.51 -60.64 26.74
N PHE L 105 30.21 -61.85 26.28
CA PHE L 105 29.39 -62.03 25.07
C PHE L 105 27.96 -61.57 25.28
N VAL L 106 27.40 -61.87 26.45
CA VAL L 106 26.03 -61.48 26.79
C VAL L 106 25.89 -59.96 26.92
N VAL L 107 26.80 -59.37 27.70
CA VAL L 107 26.81 -57.92 27.91
C VAL L 107 27.04 -57.14 26.62
N THR L 108 27.90 -57.66 25.74
CA THR L 108 28.17 -57.02 24.46
C THR L 108 27.02 -57.18 23.47
N ILE L 109 26.38 -58.35 23.47
CA ILE L 109 25.21 -58.58 22.62
C ILE L 109 24.00 -57.75 23.05
N PHE L 110 23.90 -57.46 24.35
CA PHE L 110 22.94 -56.49 24.86
C PHE L 110 23.30 -55.08 24.38
N TYR L 111 24.48 -54.61 24.79
CA TYR L 111 24.89 -53.23 24.57
C TYR L 111 24.90 -52.84 23.09
N THR L 112 25.14 -53.82 22.21
CA THR L 112 25.23 -53.54 20.78
C THR L 112 23.92 -53.83 20.05
N VAL L 113 23.41 -55.05 20.20
CA VAL L 113 22.25 -55.48 19.41
C VAL L 113 20.93 -55.21 20.13
N LEU L 114 20.79 -55.74 21.34
CA LEU L 114 19.52 -55.69 22.06
C LEU L 114 19.35 -54.39 22.84
N ASP L 115 18.83 -53.36 22.18
CA ASP L 115 18.57 -52.09 22.82
C ASP L 115 17.11 -51.99 23.27
N GLU L 116 16.38 -53.09 23.15
CA GLU L 116 15.03 -53.19 23.69
C GLU L 116 15.02 -52.97 25.20
N TYR L 117 16.19 -53.15 25.81
CA TYR L 117 16.34 -52.87 27.24
C TYR L 117 16.29 -51.36 27.49
N VAL L 118 15.15 -50.89 28.02
CA VAL L 118 14.99 -49.50 28.39
C VAL L 118 14.49 -49.36 29.83
N GLN L 119 14.77 -50.37 30.66
CA GLN L 119 14.39 -50.36 32.07
C GLN L 119 15.49 -49.74 32.93
N GLU L 120 15.11 -49.26 34.11
CA GLU L 120 16.03 -48.51 34.97
C GLU L 120 17.13 -49.39 35.54
N THR L 121 18.34 -48.84 35.62
CA THR L 121 19.48 -49.54 36.20
C THR L 121 20.49 -48.54 36.77
N GLY L 122 20.25 -47.26 36.52
CA GLY L 122 21.18 -46.20 36.91
C GLY L 122 22.51 -46.31 36.17
N ALA L 123 22.44 -46.63 34.88
CA ALA L 123 23.64 -46.91 34.08
C ALA L 123 24.47 -48.03 34.70
N ASP L 124 24.15 -49.27 34.34
CA ASP L 124 24.77 -50.44 34.96
C ASP L 124 26.29 -50.47 34.71
N GLY L 125 27.02 -50.97 35.70
CA GLY L 125 28.47 -51.07 35.61
C GLY L 125 28.94 -52.30 34.85
N LEU L 126 27.99 -53.00 34.24
CA LEU L 126 28.29 -54.20 33.46
C LEU L 126 29.04 -53.87 32.17
N GLY L 127 28.74 -52.72 31.59
CA GLY L 127 29.52 -52.18 30.49
C GLY L 127 30.93 -51.79 30.91
N ARG L 128 31.13 -51.66 32.23
CA ARG L 128 32.45 -51.39 32.77
C ARG L 128 33.13 -52.66 33.27
N LEU L 129 32.38 -53.52 33.93
CA LEU L 129 32.91 -54.78 34.49
C LEU L 129 33.39 -55.71 33.38
N VAL L 130 32.76 -55.61 32.21
CA VAL L 130 33.16 -56.43 31.05
C VAL L 130 34.43 -55.87 30.39
N VAL L 131 34.55 -54.55 30.39
CA VAL L 131 35.78 -53.90 29.93
C VAL L 131 36.95 -54.21 30.85
N LEU L 132 36.66 -54.35 32.14
CA LEU L 132 37.67 -54.76 33.11
C LEU L 132 38.01 -56.24 32.99
N ALA L 133 36.98 -57.06 32.77
CA ALA L 133 37.16 -58.52 32.71
C ALA L 133 37.90 -58.95 31.44
N ARG L 134 38.01 -58.03 30.49
CA ARG L 134 38.79 -58.27 29.27
C ARG L 134 40.28 -58.05 29.51
N LEU L 135 40.63 -57.52 30.67
CA LEU L 135 42.03 -57.44 31.09
C LEU L 135 42.48 -58.71 31.80
N LEU L 136 41.54 -59.39 32.45
CA LEU L 136 41.83 -60.60 33.20
C LEU L 136 42.23 -61.76 32.28
N ARG L 137 41.70 -61.73 31.06
CA ARG L 137 42.08 -62.72 30.04
C ARG L 137 43.57 -62.66 29.74
N VAL L 138 44.08 -61.45 29.49
CA VAL L 138 45.49 -61.27 29.22
C VAL L 138 46.35 -61.27 30.48
N VAL L 139 45.70 -61.17 31.64
CA VAL L 139 46.35 -61.47 32.93
C VAL L 139 46.65 -62.95 33.08
N ARG L 140 45.70 -63.80 32.67
CA ARG L 140 45.82 -65.25 32.85
C ARG L 140 46.68 -65.90 31.77
N LEU L 141 46.80 -65.23 30.62
CA LEU L 141 47.68 -65.71 29.55
C LEU L 141 49.13 -65.31 29.78
N ALA L 142 49.37 -64.49 30.81
CA ALA L 142 50.73 -64.22 31.27
C ALA L 142 51.05 -65.04 32.52
N ARG L 143 50.19 -66.01 32.81
CA ARG L 143 50.40 -66.87 33.97
C ARG L 143 50.54 -68.31 33.56
N ILE L 144 49.93 -68.64 32.42
CA ILE L 144 50.01 -69.99 31.90
C ILE L 144 51.47 -70.45 31.82
N PHE L 145 51.72 -71.66 32.31
CA PHE L 145 53.07 -72.18 32.48
C PHE L 145 53.78 -71.57 33.70
N TYR L 146 52.98 -71.10 34.67
CA TYR L 146 53.53 -70.50 35.88
C TYR L 146 52.61 -70.69 37.08
N SER L 147 51.30 -70.66 36.84
CA SER L 147 50.32 -70.81 37.90
C SER L 147 49.42 -72.02 37.68
N HIS L 148 50.00 -73.10 37.15
CA HIS L 148 49.27 -74.34 36.92
C HIS L 148 49.13 -75.16 38.17
N GLN L 149 50.26 -75.43 38.82
CA GLN L 149 50.27 -76.17 40.07
C GLN L 149 49.69 -75.35 41.21
N GLN L 150 49.96 -74.05 41.18
CA GLN L 150 49.42 -73.13 42.18
C GLN L 150 47.91 -72.97 42.03
N MET L 151 47.43 -72.98 40.80
CA MET L 151 45.99 -72.98 40.51
C MET L 151 45.32 -74.24 41.07
N LYS L 152 45.96 -75.37 40.84
CA LYS L 152 45.46 -76.66 41.33
C LYS L 152 45.41 -76.67 42.86
N ALA L 153 46.42 -76.08 43.48
CA ALA L 153 46.45 -75.94 44.94
C ALA L 153 45.32 -75.03 45.43
N SER L 154 45.02 -73.99 44.67
CA SER L 154 43.93 -73.07 44.98
C SER L 154 42.56 -73.75 44.85
N SER L 155 42.46 -74.66 43.88
CA SER L 155 41.21 -75.39 43.63
C SER L 155 40.84 -76.28 44.81
#